data_5VVH
#
_entry.id   5VVH
#
_cell.length_a   71.392
_cell.length_b   106.330
_cell.length_c   215.790
_cell.angle_alpha   90.00
_cell.angle_beta   90.00
_cell.angle_gamma   90.00
#
_symmetry.space_group_name_H-M   'P 21 21 21'
#
loop_
_entity.id
_entity.type
_entity.pdbx_description
1 polymer 'Octopine catabolism/uptake operon regulatory protein OccR'
2 non-polymer 'SULFATE ION'
3 non-polymer 'FORMIC ACID'
4 water water
#
_entity_poly.entity_id   1
_entity_poly.type   'polypeptide(L)'
_entity_poly.pdbx_seq_one_letter_code
;SNATLRIAA(MSE)PALANGLLPRFLAQFIRDRPNLQVSL(MSE)GLPSS(MSE)V(MSE)EAVASGRADIGYADGPQER
QGFLIETRSLPAVVAVP(MSE)GHRLAGLDRVTPQDLAGERIIKQETGTLFA(MSE)RVEVAIGGIQRRPSIEVSLSHTA
LSLVREGAGIAIIDPAAAIEFTDRIVLRPFSIFIDAEFLEVRSAIGAPSTIVDRFTTEFWRFHDDL(MSE)KQNGL
(MSE)E
;
_entity_poly.pdbx_strand_id   A,B,C,D,E,F,G,H
#
# COMPACT_ATOMS: atom_id res chain seq x y z
N ASN A 2 -13.39 12.37 -4.77
CA ASN A 2 -13.11 13.71 -4.25
C ASN A 2 -11.83 13.72 -3.42
N ALA A 3 -11.31 12.53 -3.13
CA ALA A 3 -10.00 12.41 -2.49
C ALA A 3 -8.97 12.03 -3.54
N THR A 4 -9.27 12.34 -4.79
CA THR A 4 -8.36 12.03 -5.89
C THR A 4 -8.00 13.29 -6.68
N LEU A 5 -6.72 13.44 -6.96
CA LEU A 5 -6.24 14.59 -7.71
C LEU A 5 -5.11 14.17 -8.63
N ARG A 6 -5.45 13.92 -9.90
CA ARG A 6 -4.46 13.51 -10.89
C ARG A 6 -4.11 14.67 -11.82
N ILE A 7 -2.85 15.09 -11.78
CA ILE A 7 -2.42 16.27 -12.52
C ILE A 7 -1.37 15.93 -13.58
N ALA A 8 -1.63 16.35 -14.81
CA ALA A 8 -0.65 16.25 -15.89
C ALA A 8 -0.19 17.66 -16.27
N ALA A 9 1.12 17.85 -16.37
CA ALA A 9 1.66 19.18 -16.64
C ALA A 9 2.99 19.14 -17.37
N PRO A 11 6.80 19.95 -17.95
CA PRO A 11 7.88 19.90 -16.96
C PRO A 11 8.27 21.25 -16.36
N ALA A 12 7.90 22.34 -17.02
CA ALA A 12 8.18 23.68 -16.51
C ALA A 12 7.48 23.93 -15.17
N LEU A 13 6.15 23.96 -15.21
CA LEU A 13 5.35 24.14 -14.00
C LEU A 13 5.44 22.92 -13.10
N ALA A 14 5.57 21.75 -13.72
CA ALA A 14 5.53 20.48 -12.98
C ALA A 14 6.70 20.30 -12.03
N ASN A 15 7.76 21.06 -12.24
CA ASN A 15 8.97 20.93 -11.43
C ASN A 15 9.26 22.15 -10.57
N GLY A 16 8.44 23.18 -10.71
CA GLY A 16 8.66 24.42 -9.98
C GLY A 16 7.47 24.87 -9.15
N LEU A 17 6.56 25.61 -9.77
CA LEU A 17 5.44 26.22 -9.05
C LEU A 17 4.43 25.22 -8.53
N LEU A 18 4.24 24.12 -9.26
CA LEU A 18 3.25 23.12 -8.88
C LEU A 18 3.63 22.28 -7.64
N PRO A 19 4.88 21.78 -7.58
CA PRO A 19 5.23 21.08 -6.34
C PRO A 19 5.19 22.01 -5.13
N ARG A 20 5.57 23.26 -5.36
CA ARG A 20 5.60 24.26 -4.30
C ARG A 20 4.21 24.52 -3.73
N PHE A 21 3.24 24.70 -4.62
CA PHE A 21 1.87 24.94 -4.20
C PHE A 21 1.21 23.68 -3.65
N LEU A 22 1.57 22.53 -4.22
CA LEU A 22 1.00 21.26 -3.79
C LEU A 22 1.38 20.95 -2.35
N ALA A 23 2.58 21.34 -1.97
CA ALA A 23 3.07 21.13 -0.61
C ALA A 23 2.21 21.85 0.41
N GLN A 24 1.67 23.00 0.03
CA GLN A 24 0.81 23.79 0.90
C GLN A 24 -0.62 23.26 0.86
N PHE A 25 -1.04 22.79 -0.31
CA PHE A 25 -2.42 22.34 -0.53
C PHE A 25 -2.73 21.04 0.21
N ILE A 26 -1.72 20.21 0.44
CA ILE A 26 -1.93 18.90 1.06
C ILE A 26 -1.84 18.94 2.58
N ARG A 27 -1.45 20.08 3.13
CA ARG A 27 -1.38 20.24 4.59
C ARG A 27 -2.75 20.03 5.23
N ASP A 28 -3.77 20.56 4.57
CA ASP A 28 -5.15 20.38 5.01
C ASP A 28 -5.61 18.94 4.84
N ARG A 29 -5.10 18.28 3.80
CA ARG A 29 -5.66 17.01 3.35
C ARG A 29 -4.62 15.89 3.36
N PRO A 30 -4.48 15.20 4.49
CA PRO A 30 -3.48 14.13 4.68
C PRO A 30 -3.81 12.84 3.92
N ASN A 31 -5.10 12.60 3.69
N ASN A 31 -5.10 12.61 3.68
CA ASN A 31 -5.54 11.38 3.01
CA ASN A 31 -5.55 11.38 3.01
C ASN A 31 -5.80 11.61 1.52
C ASN A 31 -5.67 11.56 1.49
N LEU A 32 -5.34 12.75 1.01
CA LEU A 32 -5.47 13.06 -0.40
C LEU A 32 -4.41 12.33 -1.23
N GLN A 33 -4.87 11.56 -2.22
CA GLN A 33 -3.96 10.84 -3.11
C GLN A 33 -3.73 11.64 -4.39
N VAL A 34 -2.49 12.08 -4.59
CA VAL A 34 -2.16 12.98 -5.67
C VAL A 34 -1.18 12.35 -6.67
N SER A 35 -1.41 12.60 -7.95
CA SER A 35 -0.46 12.19 -8.99
C SER A 35 -0.06 13.39 -9.85
N LEU A 36 1.22 13.74 -9.80
CA LEU A 36 1.74 14.86 -10.57
C LEU A 36 2.68 14.37 -11.67
N GLY A 38 4.76 14.61 -15.20
CA GLY A 38 5.44 15.55 -16.07
C GLY A 38 5.44 15.06 -17.51
N LEU A 39 4.68 15.73 -18.36
CA LEU A 39 4.52 15.31 -19.75
C LEU A 39 4.71 16.47 -20.71
N PRO A 40 5.05 16.17 -21.98
CA PRO A 40 5.03 17.22 -22.99
C PRO A 40 3.61 17.79 -23.14
N SER A 41 3.51 19.05 -23.59
CA SER A 41 2.23 19.74 -23.67
C SER A 41 1.20 18.98 -24.50
N SER A 42 1.66 18.33 -25.56
CA SER A 42 0.78 17.57 -26.44
C SER A 42 0.16 16.38 -25.71
N VAL A 44 -0.19 16.23 -22.53
CA VAL A 44 -0.97 16.77 -21.44
C VAL A 44 -2.43 16.88 -21.88
N GLU A 46 -3.80 15.09 -24.26
N GLU A 46 -3.79 15.10 -24.28
CA GLU A 46 -4.32 13.73 -24.45
CA GLU A 46 -4.26 13.72 -24.45
C GLU A 46 -4.69 13.09 -23.12
C GLU A 46 -4.71 13.13 -23.12
N ALA A 47 -3.94 13.41 -22.07
CA ALA A 47 -4.21 12.87 -20.74
C ALA A 47 -5.54 13.37 -20.19
N VAL A 48 -5.86 14.63 -20.48
CA VAL A 48 -7.11 15.22 -20.03
C VAL A 48 -8.28 14.70 -20.85
N ALA A 49 -8.08 14.61 -22.16
CA ALA A 49 -9.13 14.17 -23.07
C ALA A 49 -9.52 12.71 -22.84
N SER A 50 -8.52 11.86 -22.57
CA SER A 50 -8.76 10.43 -22.39
C SER A 50 -9.22 10.11 -20.98
N GLY A 51 -9.14 11.08 -20.07
CA GLY A 51 -9.63 10.91 -18.72
C GLY A 51 -8.59 10.38 -17.74
N ARG A 52 -7.35 10.27 -18.21
CA ARG A 52 -6.27 9.79 -17.35
C ARG A 52 -5.80 10.87 -16.38
N ALA A 53 -6.19 12.11 -16.67
CA ALA A 53 -5.84 13.24 -15.80
C ALA A 53 -7.06 14.12 -15.54
N ASP A 54 -7.16 14.64 -14.32
CA ASP A 54 -8.26 15.52 -13.96
C ASP A 54 -7.96 16.95 -14.41
N ILE A 55 -6.74 17.40 -14.16
CA ILE A 55 -6.31 18.73 -14.58
C ILE A 55 -5.09 18.65 -15.48
N GLY A 56 -5.03 19.52 -16.48
CA GLY A 56 -3.89 19.59 -17.36
C GLY A 56 -3.30 20.98 -17.41
N TYR A 57 -1.97 21.05 -17.35
CA TYR A 57 -1.27 22.33 -17.52
C TYR A 57 -0.32 22.22 -18.70
N ALA A 58 -0.43 23.16 -19.64
CA ALA A 58 0.35 23.09 -20.87
C ALA A 58 0.70 24.46 -21.42
N ASP A 59 1.68 24.49 -22.33
CA ASP A 59 2.04 25.71 -23.02
C ASP A 59 1.08 25.98 -24.17
N GLY A 60 0.60 27.22 -24.26
CA GLY A 60 -0.21 27.62 -25.40
C GLY A 60 0.67 27.76 -26.62
N PRO A 61 0.08 27.70 -27.82
CA PRO A 61 -1.36 27.51 -28.02
C PRO A 61 -1.76 26.04 -28.13
N GLN A 62 -3.01 25.75 -27.76
CA GLN A 62 -3.59 24.42 -27.97
C GLN A 62 -4.99 24.60 -28.53
N GLU A 63 -5.50 23.58 -29.21
CA GLU A 63 -6.86 23.62 -29.72
C GLU A 63 -7.83 23.44 -28.56
N ARG A 64 -8.84 24.30 -28.49
CA ARG A 64 -9.72 24.38 -27.33
C ARG A 64 -10.91 23.44 -27.36
N GLN A 65 -11.18 22.84 -28.53
CA GLN A 65 -12.38 22.03 -28.71
C GLN A 65 -12.43 20.84 -27.75
N GLY A 66 -13.44 20.85 -26.88
CA GLY A 66 -13.66 19.76 -25.95
C GLY A 66 -13.10 20.04 -24.56
N PHE A 67 -12.46 21.19 -24.40
CA PHE A 67 -11.83 21.52 -23.13
C PHE A 67 -12.39 22.79 -22.49
N LEU A 68 -12.35 22.83 -21.17
CA LEU A 68 -12.51 24.07 -20.42
C LEU A 68 -11.11 24.61 -20.14
N ILE A 69 -10.86 25.87 -20.48
CA ILE A 69 -9.50 26.38 -20.44
C ILE A 69 -9.36 27.74 -19.75
N GLU A 70 -8.42 27.80 -18.81
CA GLU A 70 -8.02 29.06 -18.18
C GLU A 70 -6.60 29.42 -18.61
N THR A 71 -6.37 30.69 -18.93
CA THR A 71 -5.10 31.10 -19.52
C THR A 71 -4.40 32.25 -18.78
N ARG A 72 -3.07 32.27 -18.85
CA ARG A 72 -2.28 33.38 -18.35
C ARG A 72 -1.19 33.72 -19.35
N SER A 73 -0.89 35.00 -19.50
CA SER A 73 0.16 35.43 -20.40
C SER A 73 1.22 36.23 -19.65
N LEU A 74 2.44 35.72 -19.62
CA LEU A 74 3.54 36.38 -18.93
C LEU A 74 4.63 36.82 -19.90
N PRO A 75 4.97 38.12 -19.86
CA PRO A 75 6.01 38.70 -20.72
C PRO A 75 7.37 38.04 -20.52
N ALA A 76 8.18 38.02 -21.57
CA ALA A 76 9.50 37.42 -21.51
C ALA A 76 10.44 38.26 -20.64
N VAL A 77 11.36 37.59 -19.97
CA VAL A 77 12.36 38.27 -19.15
C VAL A 77 13.76 37.72 -19.45
N VAL A 78 14.76 38.56 -19.23
CA VAL A 78 16.15 38.18 -19.44
C VAL A 78 16.82 37.83 -18.12
N ALA A 79 17.38 36.64 -18.03
CA ALA A 79 18.06 36.20 -16.82
C ALA A 79 19.58 36.30 -16.98
N VAL A 80 20.19 37.08 -16.08
CA VAL A 80 21.64 37.27 -16.10
C VAL A 80 22.26 36.93 -14.74
N PRO A 81 23.56 36.56 -14.74
CA PRO A 81 24.24 36.28 -13.47
C PRO A 81 24.29 37.50 -12.55
N GLY A 83 25.55 40.61 -10.67
CA GLY A 83 26.53 41.64 -10.96
C GLY A 83 26.80 41.87 -12.43
N HIS A 84 26.08 41.14 -13.28
CA HIS A 84 26.21 41.31 -14.73
C HIS A 84 25.76 42.71 -15.13
N ARG A 85 26.39 43.27 -16.16
CA ARG A 85 26.15 44.66 -16.54
C ARG A 85 24.70 44.93 -16.98
N LEU A 86 24.00 43.87 -17.39
CA LEU A 86 22.63 44.01 -17.88
C LEU A 86 21.66 44.26 -16.73
N ALA A 87 22.15 44.14 -15.50
CA ALA A 87 21.35 44.44 -14.32
C ALA A 87 21.25 45.95 -14.12
N GLY A 88 22.09 46.69 -14.83
CA GLY A 88 22.10 48.14 -14.74
C GLY A 88 21.00 48.78 -15.58
N LEU A 89 20.34 47.96 -16.41
CA LEU A 89 19.26 48.43 -17.24
C LEU A 89 17.91 48.14 -16.60
N ASP A 90 16.89 48.89 -17.02
CA ASP A 90 15.52 48.62 -16.60
C ASP A 90 14.86 47.67 -17.57
N ARG A 91 15.15 47.86 -18.86
CA ARG A 91 14.58 47.04 -19.91
C ARG A 91 15.67 46.62 -20.91
N VAL A 92 15.79 45.32 -21.13
CA VAL A 92 16.86 44.80 -21.98
C VAL A 92 16.41 44.58 -23.42
N THR A 93 17.14 45.19 -24.36
CA THR A 93 16.83 45.09 -25.77
C THR A 93 17.66 43.98 -26.43
N PRO A 94 17.26 43.55 -27.65
CA PRO A 94 18.10 42.60 -28.39
C PRO A 94 19.51 43.12 -28.63
N GLN A 95 19.64 44.42 -28.87
CA GLN A 95 20.94 45.02 -29.13
C GLN A 95 21.84 44.99 -27.89
N ASP A 96 21.22 44.97 -26.72
CA ASP A 96 21.96 44.92 -25.47
C ASP A 96 22.61 43.54 -25.25
N LEU A 97 22.21 42.57 -26.07
CA LEU A 97 22.71 41.21 -25.93
C LEU A 97 23.88 40.95 -26.86
N ALA A 98 24.29 41.97 -27.61
CA ALA A 98 25.39 41.84 -28.56
C ALA A 98 26.69 41.50 -27.86
N GLY A 99 27.31 40.39 -28.27
CA GLY A 99 28.58 39.98 -27.71
C GLY A 99 28.44 39.15 -26.44
N GLU A 100 27.20 38.78 -26.11
CA GLU A 100 26.93 37.94 -24.95
C GLU A 100 26.88 36.47 -25.36
N ARG A 101 27.01 35.59 -24.38
CA ARG A 101 26.81 34.17 -24.63
C ARG A 101 25.40 33.77 -24.25
N ILE A 102 24.48 33.85 -25.22
CA ILE A 102 23.08 33.55 -24.98
C ILE A 102 22.81 32.05 -25.08
N ILE A 103 22.29 31.48 -24.00
CA ILE A 103 21.95 30.05 -23.99
C ILE A 103 20.72 29.80 -24.86
N LYS A 104 20.89 29.00 -25.91
CA LYS A 104 19.80 28.68 -26.81
C LYS A 104 18.95 27.55 -26.24
N GLN A 105 17.63 27.72 -26.30
CA GLN A 105 16.71 26.76 -25.71
C GLN A 105 15.79 26.11 -26.74
N GLU A 106 16.14 24.89 -27.16
CA GLU A 106 15.27 24.10 -28.01
C GLU A 106 14.28 23.32 -27.14
N THR A 107 13.27 24.03 -26.64
CA THR A 107 12.29 23.43 -25.74
C THR A 107 11.04 22.96 -26.47
N GLY A 108 10.87 23.46 -27.69
CA GLY A 108 9.74 23.06 -28.53
C GLY A 108 8.51 23.92 -28.34
N THR A 109 8.61 24.94 -27.48
CA THR A 109 7.49 25.85 -27.25
C THR A 109 7.48 26.97 -28.29
N LEU A 110 6.29 27.49 -28.56
CA LEU A 110 6.15 28.64 -29.45
C LEU A 110 6.89 29.83 -28.88
N PHE A 111 6.87 29.96 -27.56
CA PHE A 111 7.56 31.05 -26.87
C PHE A 111 9.06 31.06 -27.15
N ALA A 112 9.68 29.89 -27.02
CA ALA A 112 11.12 29.76 -27.22
C ALA A 112 11.51 30.10 -28.66
N ARG A 114 9.76 32.07 -30.87
CA ARG A 114 9.57 33.51 -31.07
C ARG A 114 10.72 34.31 -30.46
N VAL A 115 11.24 33.82 -29.34
CA VAL A 115 12.34 34.46 -28.64
C VAL A 115 13.63 34.39 -29.46
N GLU A 116 13.88 33.26 -30.08
CA GLU A 116 15.10 33.04 -30.85
C GLU A 116 15.16 33.89 -32.13
N VAL A 117 14.01 34.08 -32.76
CA VAL A 117 13.95 34.92 -33.96
C VAL A 117 14.03 36.40 -33.57
N ALA A 118 13.50 36.72 -32.39
CA ALA A 118 13.56 38.08 -31.88
C ALA A 118 15.00 38.58 -31.76
N ILE A 119 15.92 37.66 -31.48
CA ILE A 119 17.34 37.98 -31.38
C ILE A 119 18.13 37.34 -32.52
N GLY A 120 17.46 37.13 -33.65
CA GLY A 120 18.04 36.42 -34.77
C GLY A 120 19.25 37.07 -35.42
N GLY A 121 19.35 38.39 -35.35
CA GLY A 121 20.42 39.10 -36.00
C GLY A 121 21.45 39.68 -35.04
N ILE A 122 21.42 39.21 -33.80
CA ILE A 122 22.31 39.75 -32.77
C ILE A 122 23.59 38.93 -32.63
N GLN A 123 24.72 39.62 -32.75
CA GLN A 123 26.04 38.98 -32.63
C GLN A 123 26.22 38.33 -31.26
N ARG A 124 26.70 37.10 -31.25
CA ARG A 124 26.90 36.38 -29.99
C ARG A 124 28.01 35.35 -30.08
N ARG A 125 28.62 35.06 -28.92
CA ARG A 125 29.63 34.03 -28.80
C ARG A 125 28.99 32.65 -28.95
N PRO A 126 29.79 31.62 -29.30
CA PRO A 126 29.27 30.26 -29.44
C PRO A 126 28.45 29.82 -28.22
N SER A 127 27.25 29.33 -28.50
CA SER A 127 26.24 29.11 -27.47
C SER A 127 26.38 27.78 -26.74
N ILE A 128 25.61 27.63 -25.67
CA ILE A 128 25.31 26.33 -25.10
C ILE A 128 23.83 26.08 -25.36
N GLU A 129 23.53 25.09 -26.20
CA GLU A 129 22.15 24.79 -26.55
C GLU A 129 21.58 23.72 -25.64
N VAL A 130 20.50 24.06 -24.93
CA VAL A 130 19.87 23.13 -24.01
C VAL A 130 18.47 22.76 -24.48
N SER A 131 17.84 21.84 -23.77
CA SER A 131 16.50 21.37 -24.15
C SER A 131 15.48 21.62 -23.05
N LEU A 132 15.93 22.21 -21.94
CA LEU A 132 15.03 22.54 -20.83
C LEU A 132 15.26 23.96 -20.32
N SER A 133 14.18 24.61 -19.92
CA SER A 133 14.25 25.97 -19.38
C SER A 133 15.01 25.98 -18.06
N HIS A 134 14.84 24.92 -17.28
CA HIS A 134 15.52 24.78 -16.00
C HIS A 134 17.03 24.65 -16.18
N THR A 135 17.43 23.94 -17.23
CA THR A 135 18.84 23.72 -17.52
C THR A 135 19.53 25.02 -17.92
N ALA A 136 18.83 25.85 -18.68
CA ALA A 136 19.35 27.14 -19.11
C ALA A 136 19.64 28.02 -17.90
N LEU A 137 18.69 28.06 -16.97
CA LEU A 137 18.82 28.86 -15.76
C LEU A 137 19.92 28.36 -14.84
N SER A 138 20.20 27.07 -14.90
CA SER A 138 21.27 26.50 -14.11
C SER A 138 22.62 27.00 -14.62
N LEU A 139 22.73 27.15 -15.94
CA LEU A 139 23.95 27.63 -16.58
C LEU A 139 24.17 29.12 -16.32
N VAL A 140 23.09 29.88 -16.32
CA VAL A 140 23.14 31.31 -16.00
C VAL A 140 23.60 31.49 -14.55
N ARG A 141 23.08 30.65 -13.67
CA ARG A 141 23.44 30.69 -12.26
C ARG A 141 24.92 30.39 -12.05
N GLU A 142 25.45 29.47 -12.85
CA GLU A 142 26.86 29.11 -12.77
C GLU A 142 27.72 30.09 -13.57
N GLY A 143 27.07 31.06 -14.20
CA GLY A 143 27.77 32.13 -14.88
C GLY A 143 28.24 31.81 -16.29
N ALA A 144 27.65 30.79 -16.90
CA ALA A 144 28.06 30.34 -18.23
C ALA A 144 27.43 31.17 -19.34
N GLY A 145 26.49 32.04 -18.97
CA GLY A 145 25.84 32.90 -19.95
C GLY A 145 24.52 33.48 -19.48
N ILE A 146 23.72 33.95 -20.44
CA ILE A 146 22.43 34.54 -20.14
C ILE A 146 21.32 33.82 -20.89
N ALA A 147 20.08 34.01 -20.46
CA ALA A 147 18.95 33.31 -21.07
C ALA A 147 17.69 34.17 -21.11
N ILE A 148 16.86 33.95 -22.12
CA ILE A 148 15.56 34.59 -22.22
C ILE A 148 14.47 33.57 -21.92
N ILE A 149 13.60 33.87 -20.97
CA ILE A 149 12.70 32.87 -20.40
C ILE A 149 11.32 33.43 -20.05
N ASP A 150 10.43 32.52 -19.63
CA ASP A 150 9.19 32.91 -18.97
C ASP A 150 9.49 33.06 -17.48
N PRO A 151 8.84 34.02 -16.81
CA PRO A 151 9.17 34.32 -15.41
C PRO A 151 8.84 33.19 -14.44
N ALA A 152 7.88 32.33 -14.79
CA ALA A 152 7.48 31.23 -13.93
C ALA A 152 8.62 30.23 -13.75
N ALA A 153 9.40 30.02 -14.80
CA ALA A 153 10.56 29.15 -14.74
C ALA A 153 11.67 29.80 -13.94
N ALA A 154 11.66 31.13 -13.91
CA ALA A 154 12.73 31.90 -13.30
C ALA A 154 12.61 32.03 -11.79
N ILE A 155 11.38 31.95 -11.28
CA ILE A 155 11.08 32.34 -9.91
C ILE A 155 11.83 31.52 -8.84
N GLU A 156 12.26 30.32 -9.19
CA GLU A 156 12.99 29.50 -8.22
C GLU A 156 14.49 29.73 -8.31
N PHE A 157 14.89 30.73 -9.09
CA PHE A 157 16.29 31.11 -9.21
C PHE A 157 16.49 32.57 -8.80
N THR A 158 15.48 33.15 -8.18
CA THR A 158 15.42 34.60 -7.94
C THR A 158 16.50 35.15 -7.00
N ASP A 159 17.19 34.26 -6.29
CA ASP A 159 18.18 34.70 -5.31
C ASP A 159 19.58 34.89 -5.90
N ARG A 160 19.96 33.99 -6.80
CA ARG A 160 21.29 34.03 -7.41
C ARG A 160 21.26 34.60 -8.82
N ILE A 161 20.10 35.07 -9.25
CA ILE A 161 19.94 35.52 -10.64
C ILE A 161 19.07 36.78 -10.72
N VAL A 162 19.48 37.71 -11.57
CA VAL A 162 18.75 38.96 -11.78
C VAL A 162 17.84 38.85 -13.00
N LEU A 163 16.61 39.38 -12.87
CA LEU A 163 15.67 39.40 -13.98
C LEU A 163 15.37 40.81 -14.45
N ARG A 164 15.21 40.96 -15.76
CA ARG A 164 14.82 42.24 -16.36
C ARG A 164 13.82 41.99 -17.50
N PRO A 165 12.82 42.87 -17.63
CA PRO A 165 11.86 42.74 -18.73
C PRO A 165 12.53 42.85 -20.10
N PHE A 166 12.04 42.05 -21.05
CA PHE A 166 12.61 42.03 -22.40
C PHE A 166 11.89 43.06 -23.27
N SER A 167 12.66 43.88 -23.97
CA SER A 167 12.12 45.02 -24.73
C SER A 167 11.14 44.58 -25.81
N ILE A 168 11.32 43.37 -26.33
CA ILE A 168 10.40 42.83 -27.32
C ILE A 168 9.19 42.21 -26.65
N PHE A 169 8.00 42.64 -27.06
CA PHE A 169 6.75 42.19 -26.47
C PHE A 169 6.45 40.76 -26.92
N ILE A 170 6.89 39.80 -26.11
CA ILE A 170 6.62 38.38 -26.36
C ILE A 170 6.08 37.73 -25.09
N ASP A 171 4.86 37.21 -25.17
CA ASP A 171 4.22 36.62 -24.00
C ASP A 171 4.28 35.10 -24.00
N ALA A 172 4.47 34.53 -22.82
CA ALA A 172 4.38 33.08 -22.64
C ALA A 172 3.00 32.72 -22.12
N GLU A 173 2.31 31.83 -22.82
CA GLU A 173 0.94 31.49 -22.47
C GLU A 173 0.85 30.15 -21.73
N PHE A 174 0.24 30.17 -20.56
CA PHE A 174 0.02 28.94 -19.78
C PHE A 174 -1.45 28.56 -19.81
N LEU A 175 -1.71 27.26 -19.96
CA LEU A 175 -3.09 26.78 -20.05
C LEU A 175 -3.45 25.85 -18.90
N GLU A 176 -4.57 26.14 -18.25
CA GLU A 176 -5.18 25.19 -17.34
C GLU A 176 -6.27 24.44 -18.10
N VAL A 177 -6.13 23.13 -18.20
CA VAL A 177 -7.00 22.34 -19.08
C VAL A 177 -7.84 21.31 -18.34
N ARG A 178 -9.15 21.37 -18.55
CA ARG A 178 -10.09 20.38 -18.03
C ARG A 178 -11.05 19.94 -19.13
N SER A 179 -11.55 18.72 -19.02
CA SER A 179 -12.48 18.19 -20.00
C SER A 179 -13.85 18.84 -19.84
N ALA A 180 -14.47 19.21 -20.97
CA ALA A 180 -15.77 19.89 -20.96
C ALA A 180 -16.88 18.94 -20.51
N ILE A 181 -16.63 17.65 -20.66
CA ILE A 181 -17.58 16.63 -20.23
C ILE A 181 -17.05 15.88 -19.02
N GLY A 182 -16.14 16.51 -18.28
CA GLY A 182 -15.51 15.90 -17.13
C GLY A 182 -16.45 15.75 -15.94
N ALA A 183 -16.03 14.95 -14.97
CA ALA A 183 -16.85 14.71 -13.78
C ALA A 183 -16.73 15.86 -12.79
N PRO A 184 -17.86 16.28 -12.20
CA PRO A 184 -17.90 17.33 -11.19
C PRO A 184 -17.04 16.99 -9.98
N SER A 185 -16.04 17.82 -9.70
CA SER A 185 -15.13 17.57 -8.59
C SER A 185 -14.85 18.85 -7.80
N THR A 186 -15.06 18.78 -6.50
CA THR A 186 -14.86 19.92 -5.62
C THR A 186 -13.37 20.14 -5.35
N ILE A 187 -12.63 19.04 -5.22
CA ILE A 187 -11.20 19.11 -4.94
C ILE A 187 -10.45 19.69 -6.14
N VAL A 188 -10.95 19.42 -7.34
CA VAL A 188 -10.35 19.97 -8.55
C VAL A 188 -10.68 21.46 -8.67
N ASP A 189 -11.91 21.82 -8.29
CA ASP A 189 -12.33 23.21 -8.26
C ASP A 189 -11.46 24.02 -7.30
N ARG A 190 -11.26 23.47 -6.11
CA ARG A 190 -10.50 24.14 -5.06
C ARG A 190 -9.03 24.28 -5.42
N PHE A 191 -8.47 23.24 -6.03
CA PHE A 191 -7.05 23.25 -6.40
C PHE A 191 -6.77 24.27 -7.50
N THR A 192 -7.51 24.17 -8.60
CA THR A 192 -7.32 25.06 -9.74
C THR A 192 -7.53 26.52 -9.37
N THR A 193 -8.49 26.76 -8.47
CA THR A 193 -8.77 28.12 -8.03
C THR A 193 -7.64 28.67 -7.16
N GLU A 194 -7.23 27.90 -6.17
CA GLU A 194 -6.19 28.33 -5.25
C GLU A 194 -4.81 28.42 -5.89
N PHE A 195 -4.57 27.59 -6.90
CA PHE A 195 -3.28 27.60 -7.59
C PHE A 195 -3.05 28.90 -8.36
N TRP A 196 -4.08 29.33 -9.10
CA TRP A 196 -3.96 30.56 -9.87
C TRP A 196 -3.79 31.76 -8.95
N ARG A 197 -4.54 31.78 -7.85
CA ARG A 197 -4.37 32.81 -6.83
C ARG A 197 -2.94 32.81 -6.32
N PHE A 198 -2.42 31.62 -6.03
CA PHE A 198 -1.04 31.46 -5.61
C PHE A 198 -0.07 31.94 -6.68
N HIS A 199 -0.31 31.53 -7.92
CA HIS A 199 0.52 31.92 -9.05
C HIS A 199 0.51 33.44 -9.26
N ASP A 200 -0.69 34.01 -9.34
CA ASP A 200 -0.84 35.43 -9.61
C ASP A 200 -0.22 36.30 -8.51
N ASP A 201 -0.47 35.93 -7.26
CA ASP A 201 0.10 36.66 -6.12
C ASP A 201 1.62 36.61 -6.18
N LEU A 202 2.17 35.43 -6.44
CA LEU A 202 3.62 35.26 -6.49
C LEU A 202 4.26 36.09 -7.61
N LYS A 204 2.93 38.82 -9.16
CA LYS A 204 2.74 40.24 -8.93
C LYS A 204 3.65 40.77 -7.83
N GLN A 205 3.93 39.93 -6.83
CA GLN A 205 4.81 40.32 -5.73
C GLN A 205 6.23 40.58 -6.23
N ASN A 206 6.65 39.85 -7.26
CA ASN A 206 7.99 39.95 -7.79
C ASN A 206 8.10 40.88 -8.99
N GLY A 207 7.02 41.61 -9.27
CA GLY A 207 6.99 42.54 -10.38
C GLY A 207 7.11 41.85 -11.73
N LEU A 208 6.46 40.70 -11.86
CA LEU A 208 6.50 39.93 -13.09
C LEU A 208 5.13 39.83 -13.74
N ASN B 2 35.90 25.62 -35.07
CA ASN B 2 34.46 25.38 -35.18
C ASN B 2 34.05 24.07 -34.53
N ALA B 3 34.71 23.73 -33.43
CA ALA B 3 34.45 22.48 -32.72
C ALA B 3 33.08 22.50 -32.03
N THR B 4 32.31 21.44 -32.23
CA THR B 4 31.00 21.31 -31.62
C THR B 4 30.90 20.02 -30.81
N LEU B 5 30.36 20.13 -29.60
CA LEU B 5 30.22 18.98 -28.71
C LEU B 5 28.75 18.69 -28.45
N ARG B 6 28.30 17.50 -28.85
CA ARG B 6 26.90 17.13 -28.71
C ARG B 6 26.72 16.03 -27.68
N ILE B 7 25.98 16.35 -26.62
CA ILE B 7 25.80 15.44 -25.50
C ILE B 7 24.33 15.19 -25.18
N ALA B 8 23.91 13.94 -25.28
CA ALA B 8 22.56 13.54 -24.90
C ALA B 8 22.62 12.81 -23.56
N ALA B 9 21.68 13.11 -22.67
CA ALA B 9 21.73 12.54 -21.33
C ALA B 9 20.35 12.35 -20.70
N PRO B 11 17.59 12.29 -17.56
CA PRO B 11 17.25 13.31 -16.56
C PRO B 11 18.15 13.34 -15.33
N ALA B 12 18.65 12.19 -14.89
CA ALA B 12 19.44 12.10 -13.67
C ALA B 12 20.68 13.00 -13.70
N LEU B 13 21.41 12.96 -14.81
CA LEU B 13 22.64 13.73 -14.95
C LEU B 13 22.42 15.02 -15.74
N ALA B 14 21.46 14.99 -16.66
CA ALA B 14 21.20 16.14 -17.52
C ALA B 14 20.64 17.33 -16.76
N ASN B 15 19.94 17.08 -15.66
CA ASN B 15 19.29 18.13 -14.91
C ASN B 15 20.19 18.82 -13.88
N GLY B 16 21.22 18.12 -13.43
CA GLY B 16 22.04 18.61 -12.33
C GLY B 16 23.53 18.65 -12.56
N LEU B 17 24.17 17.48 -12.56
CA LEU B 17 25.63 17.39 -12.56
C LEU B 17 26.27 17.86 -13.86
N LEU B 18 25.69 17.49 -15.00
CA LEU B 18 26.25 17.85 -16.29
C LEU B 18 26.28 19.37 -16.56
N PRO B 19 25.16 20.09 -16.31
CA PRO B 19 25.24 21.54 -16.51
C PRO B 19 26.27 22.23 -15.62
N ARG B 20 26.39 21.75 -14.38
CA ARG B 20 27.33 22.33 -13.43
C ARG B 20 28.78 22.09 -13.86
N PHE B 21 29.06 20.89 -14.38
CA PHE B 21 30.39 20.59 -14.88
C PHE B 21 30.65 21.30 -16.20
N LEU B 22 29.62 21.38 -17.04
CA LEU B 22 29.74 22.00 -18.36
C LEU B 22 30.18 23.44 -18.27
N ALA B 23 29.65 24.16 -17.29
CA ALA B 23 29.98 25.56 -17.07
C ALA B 23 31.46 25.74 -16.78
N GLN B 24 32.03 24.78 -16.06
CA GLN B 24 33.46 24.79 -15.75
C GLN B 24 34.29 24.39 -16.95
N PHE B 25 33.80 23.41 -17.71
CA PHE B 25 34.54 22.85 -18.84
C PHE B 25 34.68 23.84 -20.00
N ILE B 26 33.75 24.78 -20.11
CA ILE B 26 33.66 25.64 -21.28
C ILE B 26 34.28 27.03 -21.07
N ARG B 27 34.58 27.38 -19.82
CA ARG B 27 35.00 28.74 -19.50
C ARG B 27 36.34 29.13 -20.12
N ASP B 28 37.26 28.18 -20.25
CA ASP B 28 38.55 28.44 -20.89
C ASP B 28 38.58 27.81 -22.28
N ARG B 29 37.40 27.53 -22.80
CA ARG B 29 37.22 27.15 -24.20
C ARG B 29 36.18 28.07 -24.81
N PRO B 30 36.58 29.33 -25.05
CA PRO B 30 35.65 30.41 -25.40
C PRO B 30 34.95 30.21 -26.74
N ASN B 31 35.63 29.60 -27.71
CA ASN B 31 35.01 29.36 -29.01
C ASN B 31 34.53 27.92 -29.18
N LEU B 32 34.24 27.26 -28.07
CA LEU B 32 33.69 25.91 -28.09
C LEU B 32 32.17 25.96 -28.05
N GLN B 33 31.53 25.27 -29.00
CA GLN B 33 30.07 25.24 -29.07
C GLN B 33 29.55 23.92 -28.50
N VAL B 34 28.58 24.01 -27.60
CA VAL B 34 28.11 22.83 -26.87
C VAL B 34 26.59 22.65 -26.98
N SER B 35 26.17 21.41 -27.18
CA SER B 35 24.76 21.05 -27.14
C SER B 35 24.50 20.00 -26.07
N LEU B 36 23.54 20.26 -25.20
CA LEU B 36 23.17 19.33 -24.14
C LEU B 36 21.69 19.00 -24.22
N GLY B 38 18.46 16.74 -23.24
CA GLY B 38 17.86 15.82 -22.30
C GLY B 38 16.92 14.85 -22.99
N LEU B 39 17.20 13.56 -22.87
CA LEU B 39 16.41 12.53 -23.55
C LEU B 39 16.23 11.30 -22.67
N PRO B 40 15.20 10.49 -22.95
CA PRO B 40 15.08 9.19 -22.29
C PRO B 40 16.28 8.30 -22.59
N SER B 41 16.56 7.34 -21.72
CA SER B 41 17.74 6.48 -21.88
C SER B 41 17.72 5.74 -23.22
N SER B 42 16.54 5.35 -23.67
CA SER B 42 16.40 4.65 -24.95
C SER B 42 16.75 5.57 -26.14
N VAL B 44 18.72 8.15 -25.96
CA VAL B 44 20.13 8.50 -25.83
C VAL B 44 20.99 7.51 -26.61
N GLU B 46 20.05 5.79 -29.19
CA GLU B 46 19.83 6.05 -30.61
C GLU B 46 20.56 7.28 -31.09
N ALA B 47 20.66 8.28 -30.21
CA ALA B 47 21.37 9.52 -30.52
C ALA B 47 22.84 9.27 -30.76
N VAL B 48 23.42 8.38 -29.96
CA VAL B 48 24.83 8.02 -30.09
C VAL B 48 25.06 7.10 -31.28
N ALA B 49 24.15 6.15 -31.46
CA ALA B 49 24.26 5.16 -32.53
C ALA B 49 24.13 5.80 -33.91
N SER B 50 23.41 6.90 -34.00
CA SER B 50 23.16 7.55 -35.28
C SER B 50 24.11 8.73 -35.53
N GLY B 51 24.82 9.15 -34.49
CA GLY B 51 25.78 10.23 -34.63
C GLY B 51 25.21 11.61 -34.35
N ARG B 52 23.95 11.65 -33.92
CA ARG B 52 23.31 12.90 -33.55
C ARG B 52 23.85 13.40 -32.21
N ALA B 53 24.62 12.55 -31.54
CA ALA B 53 25.24 12.91 -30.27
C ALA B 53 26.59 12.22 -30.13
N ASP B 54 27.59 12.97 -29.68
CA ASP B 54 28.93 12.43 -29.49
C ASP B 54 29.01 11.56 -28.24
N ILE B 55 28.45 12.07 -27.15
CA ILE B 55 28.48 11.36 -25.88
C ILE B 55 27.06 11.10 -25.38
N GLY B 56 26.86 9.94 -24.75
CA GLY B 56 25.58 9.60 -24.19
C GLY B 56 25.67 9.21 -22.72
N TYR B 57 24.68 9.64 -21.94
CA TYR B 57 24.57 9.23 -20.55
C TYR B 57 23.18 8.67 -20.28
N ALA B 58 23.11 7.39 -19.95
CA ALA B 58 21.82 6.72 -19.78
C ALA B 58 21.77 5.89 -18.51
N ASP B 59 20.56 5.52 -18.11
CA ASP B 59 20.37 4.60 -16.99
C ASP B 59 20.65 3.18 -17.46
N GLY B 60 20.97 2.30 -16.53
CA GLY B 60 21.25 0.91 -16.85
C GLY B 60 20.10 0.01 -16.45
N PRO B 61 20.08 -1.22 -16.97
CA PRO B 61 21.06 -1.73 -17.94
C PRO B 61 20.66 -1.38 -19.36
N GLN B 62 21.59 -1.50 -20.31
CA GLN B 62 21.30 -1.17 -21.69
C GLN B 62 21.97 -2.14 -22.66
N GLU B 63 21.44 -2.20 -23.88
CA GLU B 63 22.03 -3.01 -24.93
C GLU B 63 23.43 -2.49 -25.25
N ARG B 64 24.44 -3.31 -24.96
CA ARG B 64 25.83 -2.90 -25.04
C ARG B 64 26.42 -3.02 -26.44
N GLN B 65 25.91 -3.97 -27.22
CA GLN B 65 26.42 -4.29 -28.56
C GLN B 65 26.60 -3.07 -29.46
N GLY B 66 27.84 -2.78 -29.83
CA GLY B 66 28.13 -1.72 -30.77
C GLY B 66 28.52 -0.41 -30.11
N PHE B 67 28.65 -0.44 -28.79
CA PHE B 67 28.99 0.77 -28.03
C PHE B 67 30.28 0.62 -27.24
N LEU B 68 30.82 1.76 -26.81
CA LEU B 68 31.92 1.80 -25.86
C LEU B 68 31.41 2.44 -24.58
N ILE B 69 31.41 1.69 -23.48
CA ILE B 69 30.71 2.12 -22.29
C ILE B 69 31.54 2.05 -21.00
N GLU B 70 31.55 3.17 -20.27
CA GLU B 70 32.14 3.23 -18.94
C GLU B 70 31.01 3.26 -17.92
N THR B 71 31.20 2.60 -16.78
CA THR B 71 30.11 2.36 -15.84
C THR B 71 30.35 2.97 -14.45
N ARG B 72 29.32 3.61 -13.91
CA ARG B 72 29.29 4.00 -12.51
C ARG B 72 28.09 3.38 -11.81
N SER B 73 28.28 2.96 -10.56
CA SER B 73 27.20 2.34 -9.80
C SER B 73 27.19 2.82 -8.35
N LEU B 74 26.17 3.59 -8.00
CA LEU B 74 26.07 4.19 -6.66
C LEU B 74 24.83 3.73 -5.91
N PRO B 75 24.96 3.55 -4.58
CA PRO B 75 23.85 3.08 -3.74
C PRO B 75 22.71 4.09 -3.64
N ALA B 76 21.49 3.58 -3.48
CA ALA B 76 20.32 4.44 -3.32
C ALA B 76 20.36 5.13 -1.96
N VAL B 77 19.91 6.38 -1.91
CA VAL B 77 19.85 7.13 -0.67
C VAL B 77 18.42 7.59 -0.39
N VAL B 78 18.13 7.86 0.88
CA VAL B 78 16.84 8.38 1.27
C VAL B 78 16.89 9.89 1.43
N ALA B 79 16.07 10.58 0.65
CA ALA B 79 16.05 12.05 0.68
C ALA B 79 14.91 12.56 1.55
N VAL B 80 15.26 13.23 2.64
CA VAL B 80 14.28 13.77 3.57
C VAL B 80 14.41 15.29 3.66
N PRO B 81 13.31 15.98 4.03
CA PRO B 81 13.38 17.43 4.25
C PRO B 81 14.33 17.77 5.39
N GLY B 83 15.67 18.79 8.78
CA GLY B 83 15.12 18.71 10.11
C GLY B 83 14.07 17.64 10.29
N HIS B 84 13.94 16.75 9.31
CA HIS B 84 13.04 15.62 9.42
C HIS B 84 13.60 14.63 10.43
N ARG B 85 12.72 13.81 11.01
CA ARG B 85 13.11 12.85 12.05
C ARG B 85 14.21 11.90 11.59
N LEU B 86 14.15 11.50 10.32
CA LEU B 86 15.06 10.51 9.77
C LEU B 86 16.47 11.06 9.55
N ALA B 87 16.61 12.38 9.63
CA ALA B 87 17.90 13.02 9.42
C ALA B 87 18.87 12.74 10.55
N GLY B 88 18.35 12.20 11.65
CA GLY B 88 19.17 11.90 12.81
C GLY B 88 19.60 10.45 12.88
N LEU B 89 19.29 9.69 11.82
CA LEU B 89 19.64 8.28 11.77
C LEU B 89 20.87 8.05 10.88
N ASP B 90 21.65 7.02 11.22
CA ASP B 90 22.83 6.68 10.44
C ASP B 90 22.42 5.99 9.14
N ARG B 91 21.50 5.04 9.26
CA ARG B 91 20.93 4.38 8.09
C ARG B 91 19.40 4.34 8.20
N VAL B 92 18.73 4.42 7.06
CA VAL B 92 17.26 4.35 7.04
C VAL B 92 16.79 2.99 6.55
N THR B 93 16.16 2.23 7.44
CA THR B 93 15.61 0.93 7.09
C THR B 93 14.21 1.11 6.51
N PRO B 94 13.71 0.10 5.77
CA PRO B 94 12.33 0.15 5.26
C PRO B 94 11.31 0.34 6.39
N GLN B 95 11.56 -0.26 7.55
CA GLN B 95 10.66 -0.14 8.69
C GLN B 95 10.70 1.27 9.27
N ASP B 96 11.81 1.97 9.05
CA ASP B 96 11.93 3.34 9.51
C ASP B 96 11.01 4.27 8.73
N LEU B 97 10.64 3.83 7.53
CA LEU B 97 9.78 4.62 6.65
C LEU B 97 8.30 4.37 6.92
N ALA B 98 8.01 3.66 8.01
CA ALA B 98 6.63 3.32 8.36
C ALA B 98 5.82 4.57 8.69
N GLY B 99 4.71 4.75 7.97
CA GLY B 99 3.82 5.88 8.21
C GLY B 99 4.28 7.17 7.57
N GLU B 100 5.39 7.11 6.83
CA GLU B 100 5.92 8.29 6.17
C GLU B 100 5.30 8.47 4.79
N ARG B 101 5.25 9.72 4.33
CA ARG B 101 4.73 10.02 3.00
C ARG B 101 5.85 9.84 1.97
N ILE B 102 5.89 8.67 1.33
CA ILE B 102 6.97 8.34 0.41
C ILE B 102 6.57 8.54 -1.04
N ILE B 103 7.05 9.63 -1.64
CA ILE B 103 6.76 9.96 -3.04
C ILE B 103 7.10 8.80 -3.98
N LYS B 104 6.08 8.26 -4.64
CA LYS B 104 6.28 7.18 -5.60
C LYS B 104 6.81 7.74 -6.91
N GLN B 105 7.93 7.18 -7.37
CA GLN B 105 8.54 7.61 -8.62
C GLN B 105 8.34 6.58 -9.73
N GLU B 106 7.51 6.93 -10.71
CA GLU B 106 7.26 6.05 -11.85
C GLU B 106 7.98 6.59 -13.08
N THR B 107 9.26 6.27 -13.20
CA THR B 107 10.10 6.85 -14.24
C THR B 107 10.50 5.83 -15.31
N GLY B 108 10.17 4.56 -15.07
CA GLY B 108 10.45 3.52 -16.04
C GLY B 108 11.82 2.89 -15.91
N THR B 109 12.64 3.46 -15.04
CA THR B 109 13.98 2.93 -14.81
C THR B 109 13.92 1.67 -13.95
N LEU B 110 14.89 0.77 -14.14
CA LEU B 110 14.97 -0.44 -13.34
C LEU B 110 15.26 -0.08 -11.88
N PHE B 111 16.03 0.98 -11.69
CA PHE B 111 16.36 1.48 -10.36
C PHE B 111 15.11 1.83 -9.57
N ALA B 112 14.25 2.66 -10.18
CA ALA B 112 13.01 3.10 -9.53
C ALA B 112 12.06 1.93 -9.30
N ARG B 114 12.97 -1.31 -8.93
CA ARG B 114 13.56 -2.11 -7.85
C ARG B 114 13.33 -1.44 -6.50
N VAL B 115 13.41 -0.12 -6.49
CA VAL B 115 13.17 0.66 -5.26
C VAL B 115 11.75 0.48 -4.76
N GLU B 116 10.79 0.57 -5.67
CA GLU B 116 9.37 0.45 -5.30
C GLU B 116 9.02 -0.96 -4.83
N VAL B 117 9.81 -1.94 -5.25
CA VAL B 117 9.63 -3.31 -4.80
C VAL B 117 10.13 -3.45 -3.36
N ALA B 118 11.23 -2.77 -3.06
CA ALA B 118 11.87 -2.89 -1.75
C ALA B 118 11.03 -2.32 -0.61
N ILE B 119 10.15 -1.36 -0.93
CA ILE B 119 9.33 -0.72 0.08
C ILE B 119 7.84 -1.00 -0.14
N GLY B 120 7.53 -2.06 -0.86
CA GLY B 120 6.16 -2.43 -1.14
C GLY B 120 5.48 -3.14 0.02
N GLY B 121 6.29 -3.56 1.00
CA GLY B 121 5.77 -4.27 2.15
C GLY B 121 5.61 -3.36 3.36
N ILE B 122 5.87 -2.08 3.16
CA ILE B 122 5.74 -1.10 4.23
C ILE B 122 4.49 -0.25 4.05
N GLN B 123 3.75 -0.05 5.13
CA GLN B 123 2.53 0.75 5.08
C GLN B 123 2.84 2.24 5.05
N ARG B 124 2.64 2.84 3.88
CA ARG B 124 2.91 4.26 3.69
C ARG B 124 1.61 5.05 3.73
N ARG B 125 1.70 6.33 4.06
CA ARG B 125 0.58 7.24 3.88
C ARG B 125 0.27 7.33 2.39
N PRO B 126 -0.97 7.71 2.04
CA PRO B 126 -1.29 7.97 0.64
C PRO B 126 -0.37 9.06 0.09
N SER B 127 0.56 8.66 -0.76
CA SER B 127 1.65 9.54 -1.17
C SER B 127 1.33 10.31 -2.44
N ILE B 128 2.37 10.92 -3.00
CA ILE B 128 2.24 11.65 -4.25
C ILE B 128 2.96 10.90 -5.37
N GLU B 129 2.25 10.58 -6.44
CA GLU B 129 2.85 9.90 -7.58
C GLU B 129 3.44 10.90 -8.57
N VAL B 130 4.68 10.66 -8.99
CA VAL B 130 5.33 11.49 -9.99
C VAL B 130 6.00 10.64 -11.06
N SER B 131 6.23 11.23 -12.23
CA SER B 131 6.88 10.52 -13.33
C SER B 131 8.28 11.04 -13.56
N LEU B 132 8.64 12.09 -12.84
CA LEU B 132 9.97 12.69 -12.94
C LEU B 132 10.67 12.71 -11.58
N SER B 133 11.92 12.26 -11.57
CA SER B 133 12.71 12.24 -10.33
C SER B 133 12.92 13.64 -9.78
N HIS B 134 12.99 14.63 -10.67
CA HIS B 134 13.17 16.02 -10.26
C HIS B 134 11.94 16.55 -9.53
N THR B 135 10.77 16.10 -9.96
CA THR B 135 9.53 16.51 -9.32
C THR B 135 9.48 15.98 -7.89
N ALA B 136 9.94 14.75 -7.71
CA ALA B 136 10.00 14.13 -6.39
C ALA B 136 10.93 14.92 -5.47
N LEU B 137 12.07 15.32 -6.01
CA LEU B 137 13.07 16.07 -5.24
C LEU B 137 12.54 17.46 -4.87
N SER B 138 11.74 18.05 -5.74
CA SER B 138 11.13 19.33 -5.46
C SER B 138 10.15 19.20 -4.30
N LEU B 139 9.39 18.11 -4.30
CA LEU B 139 8.41 17.86 -3.25
C LEU B 139 9.08 17.61 -1.91
N VAL B 140 10.22 16.93 -1.92
CA VAL B 140 10.99 16.69 -0.71
C VAL B 140 11.48 18.02 -0.14
N ARG B 141 11.99 18.88 -1.00
CA ARG B 141 12.48 20.20 -0.62
C ARG B 141 11.37 21.04 0.01
N GLU B 142 10.18 20.97 -0.58
CA GLU B 142 9.04 21.73 -0.10
C GLU B 142 8.40 21.06 1.12
N GLY B 143 8.99 19.96 1.56
CA GLY B 143 8.54 19.28 2.76
C GLY B 143 7.27 18.47 2.58
N ALA B 144 7.01 18.04 1.34
CA ALA B 144 5.80 17.30 1.04
C ALA B 144 5.94 15.80 1.29
N GLY B 145 7.16 15.31 1.43
CA GLY B 145 7.35 13.89 1.65
C GLY B 145 8.78 13.43 1.57
N ILE B 146 8.95 12.11 1.49
CA ILE B 146 10.24 11.45 1.42
C ILE B 146 10.39 10.76 0.06
N ALA B 147 11.63 10.50 -0.36
CA ALA B 147 11.88 9.81 -1.62
C ALA B 147 13.20 9.05 -1.61
N ILE B 148 13.15 7.80 -2.08
CA ILE B 148 14.36 7.01 -2.30
C ILE B 148 14.84 7.25 -3.73
N ILE B 149 16.09 7.67 -3.87
CA ILE B 149 16.59 8.13 -5.16
C ILE B 149 18.09 7.90 -5.30
N ASP B 150 18.58 8.00 -6.54
CA ASP B 150 20.02 7.93 -6.79
C ASP B 150 20.68 9.24 -6.36
N PRO B 151 21.85 9.16 -5.74
CA PRO B 151 22.51 10.31 -5.11
C PRO B 151 22.95 11.40 -6.09
N ALA B 152 23.27 11.02 -7.32
CA ALA B 152 23.81 11.98 -8.29
C ALA B 152 22.73 12.92 -8.82
N ALA B 153 21.48 12.51 -8.72
CA ALA B 153 20.36 13.35 -9.16
C ALA B 153 19.91 14.27 -8.02
N ALA B 154 20.16 13.84 -6.79
CA ALA B 154 19.72 14.58 -5.62
C ALA B 154 20.80 15.52 -5.06
N ILE B 155 22.01 15.43 -5.61
CA ILE B 155 23.14 16.17 -5.08
C ILE B 155 22.98 17.69 -5.25
N GLU B 156 22.18 18.11 -6.21
CA GLU B 156 21.96 19.53 -6.47
C GLU B 156 20.94 20.14 -5.52
N PHE B 157 20.25 19.29 -4.77
CA PHE B 157 19.19 19.74 -3.87
C PHE B 157 19.65 19.77 -2.41
N THR B 158 20.89 19.37 -2.16
CA THR B 158 21.38 19.18 -0.80
C THR B 158 21.51 20.47 0.01
N ASP B 159 21.16 21.61 -0.60
CA ASP B 159 21.14 22.88 0.12
C ASP B 159 19.96 22.93 1.08
N ARG B 160 18.90 22.19 0.77
CA ARG B 160 17.69 22.24 1.58
C ARG B 160 17.13 20.86 1.94
N ILE B 161 17.81 19.80 1.51
CA ILE B 161 17.39 18.45 1.89
C ILE B 161 18.55 17.62 2.44
N VAL B 162 18.22 16.49 3.07
CA VAL B 162 19.20 15.63 3.72
C VAL B 162 19.22 14.24 3.10
N LEU B 163 20.42 13.72 2.84
CA LEU B 163 20.57 12.38 2.28
C LEU B 163 21.06 11.38 3.32
N ARG B 164 20.38 10.25 3.43
CA ARG B 164 20.77 9.19 4.34
C ARG B 164 20.86 7.85 3.62
N PRO B 165 21.85 7.03 3.99
CA PRO B 165 22.04 5.71 3.39
C PRO B 165 20.83 4.81 3.55
N PHE B 166 20.50 4.05 2.50
CA PHE B 166 19.38 3.12 2.54
C PHE B 166 19.90 1.72 2.86
N SER B 167 19.31 1.08 3.87
CA SER B 167 19.82 -0.19 4.38
C SER B 167 19.72 -1.32 3.36
N ILE B 168 18.85 -1.16 2.37
CA ILE B 168 18.79 -2.09 1.24
C ILE B 168 19.71 -1.60 0.14
N PHE B 169 20.62 -2.46 -0.31
CA PHE B 169 21.63 -2.03 -1.27
C PHE B 169 21.15 -2.14 -2.72
N ILE B 170 20.40 -1.14 -3.15
CA ILE B 170 19.98 -1.02 -4.54
C ILE B 170 20.88 -0.03 -5.27
N ASP B 171 21.60 -0.52 -6.27
CA ASP B 171 22.56 0.33 -6.98
C ASP B 171 21.99 0.88 -8.28
N ALA B 172 22.12 2.20 -8.46
CA ALA B 172 21.77 2.84 -9.71
C ALA B 172 22.97 2.79 -10.65
N GLU B 173 22.73 2.37 -11.89
CA GLU B 173 23.82 2.23 -12.84
C GLU B 173 23.82 3.34 -13.87
N PHE B 174 24.92 4.09 -13.93
CA PHE B 174 25.08 5.15 -14.92
C PHE B 174 26.05 4.72 -16.01
N LEU B 175 25.69 4.99 -17.26
CA LEU B 175 26.52 4.58 -18.39
C LEU B 175 27.01 5.78 -19.20
N GLU B 176 28.31 5.79 -19.48
CA GLU B 176 28.87 6.73 -20.45
C GLU B 176 28.92 6.05 -21.80
N VAL B 177 28.18 6.57 -22.77
CA VAL B 177 27.97 5.87 -24.02
C VAL B 177 28.63 6.57 -25.22
N ARG B 178 29.41 5.81 -25.96
CA ARG B 178 30.07 6.32 -27.17
C ARG B 178 29.95 5.33 -28.32
N SER B 179 30.00 5.86 -29.54
CA SER B 179 29.95 5.02 -30.74
C SER B 179 31.28 4.29 -30.93
N ALA B 180 31.21 2.96 -31.07
CA ALA B 180 32.40 2.16 -31.33
C ALA B 180 32.94 2.44 -32.73
N ILE B 181 32.06 2.92 -33.60
CA ILE B 181 32.42 3.23 -34.96
C ILE B 181 32.94 4.66 -35.06
N GLY B 182 32.45 5.53 -34.17
CA GLY B 182 32.81 6.94 -34.15
C GLY B 182 34.30 7.24 -34.20
N ALA B 183 34.64 8.28 -34.97
CA ALA B 183 36.03 8.71 -35.13
C ALA B 183 36.58 9.24 -33.80
N PRO B 184 37.90 9.07 -33.59
CA PRO B 184 38.54 9.52 -32.34
C PRO B 184 38.40 11.02 -32.12
N SER B 185 38.35 11.43 -30.85
CA SER B 185 38.17 12.83 -30.51
C SER B 185 38.86 13.17 -29.19
N THR B 186 39.70 14.21 -29.20
CA THR B 186 40.45 14.61 -28.01
C THR B 186 39.59 15.43 -27.06
N ILE B 187 38.67 16.21 -27.61
CA ILE B 187 37.78 17.04 -26.80
C ILE B 187 36.76 16.15 -26.07
N VAL B 188 36.45 15.01 -26.66
CA VAL B 188 35.53 14.05 -26.06
C VAL B 188 36.25 13.24 -24.98
N ASP B 189 37.47 12.82 -25.29
CA ASP B 189 38.30 12.11 -24.32
C ASP B 189 38.52 12.97 -23.09
N ARG B 190 38.71 14.27 -23.30
CA ARG B 190 38.88 15.21 -22.21
C ARG B 190 37.60 15.31 -21.37
N PHE B 191 36.47 15.57 -22.04
CA PHE B 191 35.20 15.76 -21.35
C PHE B 191 34.80 14.55 -20.52
N THR B 192 34.84 13.36 -21.13
CA THR B 192 34.38 12.13 -20.49
C THR B 192 35.16 11.81 -19.21
N THR B 193 36.49 11.84 -19.29
CA THR B 193 37.32 11.51 -18.13
C THR B 193 37.31 12.61 -17.07
N GLU B 194 37.27 13.86 -17.52
CA GLU B 194 37.24 14.98 -16.59
C GLU B 194 35.89 15.07 -15.88
N PHE B 195 34.83 14.63 -16.55
CA PHE B 195 33.51 14.63 -15.94
C PHE B 195 33.42 13.56 -14.85
N TRP B 196 34.00 12.40 -15.12
CA TRP B 196 33.95 11.32 -14.14
C TRP B 196 34.75 11.66 -12.90
N ARG B 197 35.87 12.37 -13.06
CA ARG B 197 36.64 12.81 -11.91
C ARG B 197 35.84 13.84 -11.13
N PHE B 198 35.15 14.71 -11.86
CA PHE B 198 34.25 15.69 -11.24
C PHE B 198 33.14 14.97 -10.49
N HIS B 199 32.55 13.96 -11.13
CA HIS B 199 31.49 13.17 -10.52
C HIS B 199 31.98 12.41 -9.30
N ASP B 200 33.08 11.67 -9.47
CA ASP B 200 33.61 10.84 -8.39
C ASP B 200 34.04 11.67 -7.18
N ASP B 201 34.72 12.78 -7.42
CA ASP B 201 35.19 13.65 -6.34
C ASP B 201 34.02 14.20 -5.53
N LEU B 202 32.97 14.61 -6.23
CA LEU B 202 31.81 15.21 -5.58
C LEU B 202 31.04 14.18 -4.76
N LYS B 204 32.33 11.50 -3.43
CA LYS B 204 33.18 11.13 -2.30
C LYS B 204 33.15 12.20 -1.22
N GLN B 205 32.98 13.45 -1.64
CA GLN B 205 32.96 14.59 -0.72
C GLN B 205 31.75 14.54 0.20
N ASN B 206 30.73 13.78 -0.20
CA ASN B 206 29.50 13.68 0.58
C ASN B 206 29.25 12.27 1.10
N GLY B 207 30.26 11.41 0.98
CA GLY B 207 30.15 10.04 1.47
C GLY B 207 29.14 9.20 0.71
N LEU B 208 28.75 9.69 -0.46
CA LEU B 208 27.82 8.96 -1.32
C LEU B 208 28.59 7.99 -2.21
N GLU B 210 32.35 5.47 -1.85
CA GLU B 210 33.50 5.04 -1.06
C GLU B 210 34.43 4.16 -1.88
N ALA C 3 6.62 -34.83 11.63
CA ALA C 3 5.91 -34.95 10.36
C ALA C 3 5.13 -33.69 10.03
N THR C 4 5.81 -32.56 10.02
CA THR C 4 5.18 -31.28 9.74
C THR C 4 5.93 -30.51 8.66
N LEU C 5 5.20 -29.91 7.73
CA LEU C 5 5.80 -29.16 6.64
C LEU C 5 5.19 -27.77 6.54
N ARG C 6 6.00 -26.75 6.75
CA ARG C 6 5.55 -25.36 6.71
C ARG C 6 6.00 -24.65 5.43
N ILE C 7 5.03 -24.16 4.66
CA ILE C 7 5.33 -23.49 3.39
C ILE C 7 4.77 -22.08 3.35
N ALA C 8 5.64 -21.11 3.05
CA ALA C 8 5.21 -19.73 2.86
C ALA C 8 5.40 -19.33 1.40
N ALA C 9 4.40 -18.70 0.81
CA ALA C 9 4.48 -18.39 -0.62
C ALA C 9 3.69 -17.15 -1.03
N PRO C 11 1.21 -14.90 -3.48
CA PRO C 11 -0.11 -15.21 -4.06
C PRO C 11 -0.07 -15.95 -5.40
N ALA C 12 0.95 -15.69 -6.22
CA ALA C 12 1.05 -16.30 -7.55
C ALA C 12 1.06 -17.82 -7.46
N LEU C 13 1.90 -18.35 -6.56
CA LEU C 13 2.01 -19.79 -6.38
C LEU C 13 1.09 -20.30 -5.29
N ALA C 14 0.78 -19.44 -4.33
CA ALA C 14 0.00 -19.83 -3.17
C ALA C 14 -1.47 -20.10 -3.52
N ASN C 15 -1.98 -19.40 -4.53
CA ASN C 15 -3.39 -19.48 -4.87
C ASN C 15 -3.75 -20.65 -5.79
N GLY C 16 -2.84 -21.01 -6.70
CA GLY C 16 -3.16 -22.00 -7.71
C GLY C 16 -2.31 -23.24 -7.75
N LEU C 17 -1.05 -23.10 -8.12
CA LEU C 17 -0.17 -24.24 -8.40
C LEU C 17 0.17 -25.06 -7.16
N LEU C 18 0.48 -24.37 -6.06
CA LEU C 18 0.90 -25.07 -4.83
C LEU C 18 -0.20 -25.90 -4.17
N PRO C 19 -1.43 -25.36 -4.00
CA PRO C 19 -2.45 -26.24 -3.43
C PRO C 19 -2.75 -27.43 -4.34
N ARG C 20 -2.60 -27.22 -5.64
CA ARG C 20 -2.84 -28.26 -6.64
C ARG C 20 -1.83 -29.40 -6.49
N PHE C 21 -0.57 -29.05 -6.23
CA PHE C 21 0.47 -30.04 -6.02
C PHE C 21 0.43 -30.61 -4.61
N LEU C 22 0.09 -29.76 -3.64
CA LEU C 22 0.03 -30.18 -2.24
C LEU C 22 -1.00 -31.31 -2.06
N ALA C 23 -2.08 -31.24 -2.83
CA ALA C 23 -3.10 -32.27 -2.80
C ALA C 23 -2.54 -33.62 -3.25
N GLN C 24 -1.73 -33.58 -4.31
CA GLN C 24 -1.06 -34.77 -4.82
C GLN C 24 -0.06 -35.29 -3.78
N PHE C 25 0.56 -34.37 -3.07
CA PHE C 25 1.60 -34.70 -2.10
C PHE C 25 0.99 -35.29 -0.83
N ILE C 26 -0.20 -34.82 -0.47
CA ILE C 26 -0.91 -35.30 0.71
C ILE C 26 -1.46 -36.71 0.48
N ARG C 27 -1.84 -36.97 -0.77
CA ARG C 27 -2.37 -38.27 -1.18
C ARG C 27 -1.48 -39.43 -0.75
N ASP C 28 -0.17 -39.26 -0.91
CA ASP C 28 0.78 -40.31 -0.60
C ASP C 28 1.23 -40.29 0.86
N ARG C 29 0.87 -39.21 1.57
CA ARG C 29 1.26 -39.06 2.96
C ARG C 29 0.08 -38.62 3.83
N PRO C 30 -0.76 -39.59 4.22
CA PRO C 30 -1.99 -39.31 4.99
C PRO C 30 -1.72 -38.72 6.37
N ASN C 31 -0.55 -39.00 6.94
CA ASN C 31 -0.24 -38.54 8.29
C ASN C 31 0.47 -37.19 8.33
N LEU C 32 0.84 -36.69 7.16
CA LEU C 32 1.59 -35.42 7.09
C LEU C 32 0.72 -34.23 7.45
N GLN C 33 1.27 -33.34 8.27
CA GLN C 33 0.58 -32.11 8.67
C GLN C 33 1.23 -30.91 7.98
N VAL C 34 0.45 -30.20 7.18
CA VAL C 34 1.00 -29.14 6.33
C VAL C 34 0.37 -27.77 6.62
N SER C 35 1.19 -26.74 6.64
CA SER C 35 0.71 -25.36 6.71
C SER C 35 1.17 -24.60 5.47
N LEU C 36 0.22 -24.04 4.73
CA LEU C 36 0.53 -23.26 3.54
C LEU C 36 0.05 -21.83 3.73
N GLY C 38 -0.10 -17.80 2.98
CA GLY C 38 0.05 -16.80 1.94
C GLY C 38 0.65 -15.52 2.46
N LEU C 39 1.85 -15.19 1.98
CA LEU C 39 2.56 -14.00 2.42
C LEU C 39 3.15 -13.25 1.24
N PRO C 40 3.30 -11.92 1.37
CA PRO C 40 4.09 -11.15 0.40
C PRO C 40 5.52 -11.67 0.33
N SER C 41 6.18 -11.50 -0.82
CA SER C 41 7.52 -12.04 -1.05
C SER C 41 8.52 -11.65 0.04
N SER C 42 8.39 -10.41 0.53
CA SER C 42 9.27 -9.92 1.57
C SER C 42 9.10 -10.67 2.89
N VAL C 44 7.92 -13.67 3.10
CA VAL C 44 8.28 -15.06 2.82
C VAL C 44 9.74 -15.32 3.14
N GLU C 46 11.47 -13.55 5.19
CA GLU C 46 11.53 -13.41 6.65
C GLU C 46 11.14 -14.71 7.35
N ALA C 47 10.11 -15.37 6.81
CA ALA C 47 9.60 -16.60 7.40
C ALA C 47 10.61 -17.74 7.28
N VAL C 48 11.35 -17.76 6.18
CA VAL C 48 12.35 -18.80 5.94
C VAL C 48 13.59 -18.58 6.79
N ALA C 49 14.05 -17.34 6.85
CA ALA C 49 15.26 -16.99 7.57
C ALA C 49 15.09 -17.13 9.09
N SER C 50 13.86 -17.04 9.55
CA SER C 50 13.57 -17.11 10.98
C SER C 50 13.10 -18.49 11.42
N GLY C 51 12.88 -19.37 10.46
CA GLY C 51 12.47 -20.73 10.77
C GLY C 51 10.99 -20.89 10.97
N ARG C 52 10.22 -19.88 10.59
CA ARG C 52 8.76 -19.94 10.65
C ARG C 52 8.21 -20.74 9.48
N ALA C 53 9.05 -20.90 8.46
CA ALA C 53 8.68 -21.68 7.28
C ALA C 53 9.87 -22.52 6.82
N ASP C 54 9.59 -23.75 6.40
CA ASP C 54 10.64 -24.64 5.91
C ASP C 54 10.96 -24.36 4.45
N ILE C 55 9.93 -24.04 3.68
CA ILE C 55 10.09 -23.75 2.25
C ILE C 55 9.44 -22.43 1.90
N GLY C 56 10.12 -21.62 1.10
CA GLY C 56 9.59 -20.34 0.69
C GLY C 56 9.52 -20.18 -0.82
N TYR C 57 8.40 -19.64 -1.29
CA TYR C 57 8.25 -19.32 -2.72
C TYR C 57 7.90 -17.85 -2.88
N ALA C 58 8.77 -17.12 -3.59
CA ALA C 58 8.60 -15.68 -3.72
C ALA C 58 9.05 -15.18 -5.08
N ASP C 59 8.63 -13.96 -5.43
CA ASP C 59 9.03 -13.34 -6.68
C ASP C 59 10.51 -13.01 -6.67
N GLY C 60 11.14 -13.09 -7.84
CA GLY C 60 12.53 -12.73 -7.98
C GLY C 60 12.68 -11.32 -8.52
N PRO C 61 13.87 -10.73 -8.33
CA PRO C 61 15.00 -11.33 -7.62
C PRO C 61 14.97 -11.08 -6.12
N GLN C 62 15.88 -11.74 -5.40
CA GLN C 62 16.04 -11.53 -3.97
C GLN C 62 17.51 -11.74 -3.59
N GLU C 63 17.91 -11.25 -2.44
CA GLU C 63 19.29 -11.41 -1.99
C GLU C 63 19.54 -12.85 -1.54
N ARG C 64 20.46 -13.52 -2.21
CA ARG C 64 20.70 -14.94 -1.97
C ARG C 64 21.51 -15.19 -0.69
N GLN C 65 22.03 -14.12 -0.10
CA GLN C 65 22.86 -14.26 1.10
C GLN C 65 22.08 -14.84 2.26
N GLY C 66 22.44 -16.07 2.64
CA GLY C 66 21.80 -16.74 3.75
C GLY C 66 20.76 -17.76 3.32
N PHE C 67 20.47 -17.79 2.02
CA PHE C 67 19.45 -18.69 1.50
C PHE C 67 19.97 -19.64 0.43
N LEU C 68 19.34 -20.80 0.32
CA LEU C 68 19.52 -21.68 -0.83
C LEU C 68 18.38 -21.41 -1.81
N ILE C 69 18.72 -20.96 -3.01
CA ILE C 69 17.71 -20.48 -3.96
C ILE C 69 17.64 -21.32 -5.23
N GLU C 70 16.42 -21.62 -5.67
CA GLU C 70 16.19 -22.29 -6.94
C GLU C 70 15.18 -21.48 -7.74
N THR C 71 15.53 -21.14 -8.98
CA THR C 71 14.75 -20.17 -9.75
C THR C 71 14.12 -20.71 -11.03
N ARG C 72 13.03 -20.07 -11.44
CA ARG C 72 12.40 -20.30 -12.74
C ARG C 72 11.99 -18.97 -13.33
N SER C 73 12.31 -18.75 -14.61
CA SER C 73 11.94 -17.50 -15.28
C SER C 73 11.06 -17.79 -16.49
N LEU C 74 9.78 -17.43 -16.37
CA LEU C 74 8.82 -17.68 -17.44
C LEU C 74 8.28 -16.39 -18.03
N PRO C 75 8.11 -16.35 -19.36
CA PRO C 75 7.66 -15.14 -20.06
C PRO C 75 6.20 -14.78 -19.79
N ALA C 76 5.86 -13.51 -20.00
CA ALA C 76 4.49 -13.04 -19.81
C ALA C 76 3.56 -13.63 -20.87
N VAL C 77 2.29 -13.71 -20.54
CA VAL C 77 1.27 -14.16 -21.49
C VAL C 77 0.05 -13.25 -21.44
N VAL C 78 -0.60 -13.11 -22.59
CA VAL C 78 -1.82 -12.32 -22.68
C VAL C 78 -3.04 -13.17 -22.36
N ALA C 79 -3.85 -12.72 -21.41
CA ALA C 79 -5.07 -13.41 -21.05
C ALA C 79 -6.28 -12.73 -21.69
N VAL C 80 -6.96 -13.46 -22.57
CA VAL C 80 -8.15 -12.95 -23.23
C VAL C 80 -9.33 -13.88 -22.99
N PRO C 81 -10.56 -13.32 -22.96
CA PRO C 81 -11.75 -14.15 -22.78
C PRO C 81 -11.96 -15.10 -23.97
N GLY C 83 -13.20 -16.83 -27.19
CA GLY C 83 -13.81 -16.35 -28.42
C GLY C 83 -13.50 -14.90 -28.72
N HIS C 84 -12.49 -14.36 -28.06
CA HIS C 84 -12.08 -12.98 -28.30
C HIS C 84 -11.38 -12.87 -29.66
N ARG C 85 -11.30 -11.65 -30.17
CA ARG C 85 -10.65 -11.37 -31.45
C ARG C 85 -9.20 -11.83 -31.46
N LEU C 86 -8.51 -11.66 -30.33
CA LEU C 86 -7.09 -11.94 -30.23
C LEU C 86 -6.78 -13.41 -29.98
N ALA C 87 -7.82 -14.20 -29.73
CA ALA C 87 -7.64 -15.60 -29.34
C ALA C 87 -7.02 -16.45 -30.46
N GLY C 88 -7.23 -16.04 -31.71
CA GLY C 88 -6.77 -16.82 -32.84
C GLY C 88 -5.33 -16.55 -33.24
N LEU C 89 -4.71 -15.55 -32.61
CA LEU C 89 -3.35 -15.17 -32.94
C LEU C 89 -2.32 -16.06 -32.23
N ASP C 90 -1.30 -16.46 -32.97
CA ASP C 90 -0.19 -17.24 -32.41
C ASP C 90 0.60 -16.38 -31.42
N ARG C 91 0.61 -15.08 -31.67
CA ARG C 91 1.37 -14.14 -30.85
C ARG C 91 0.67 -12.80 -30.78
N VAL C 92 0.62 -12.22 -29.58
CA VAL C 92 -0.08 -10.96 -29.38
C VAL C 92 0.87 -9.80 -29.13
N THR C 93 0.73 -8.75 -29.93
CA THR C 93 1.59 -7.58 -29.83
C THR C 93 0.93 -6.47 -29.02
N PRO C 94 1.73 -5.50 -28.55
CA PRO C 94 1.15 -4.31 -27.90
C PRO C 94 0.17 -3.59 -28.82
N GLN C 95 0.49 -3.57 -30.11
CA GLN C 95 -0.36 -2.93 -31.11
C GLN C 95 -1.70 -3.64 -31.23
N ASP C 96 -1.70 -4.94 -30.98
CA ASP C 96 -2.91 -5.74 -31.03
C ASP C 96 -3.86 -5.39 -29.88
N LEU C 97 -3.29 -4.88 -28.79
CA LEU C 97 -4.06 -4.57 -27.60
C LEU C 97 -4.70 -3.19 -27.65
N ALA C 98 -4.50 -2.49 -28.76
CA ALA C 98 -5.04 -1.13 -28.92
C ALA C 98 -6.56 -1.14 -28.95
N GLY C 99 -7.16 -0.15 -28.28
CA GLY C 99 -8.61 -0.01 -28.26
C GLY C 99 -9.30 -1.07 -27.41
N GLU C 100 -8.52 -1.82 -26.64
CA GLU C 100 -9.05 -2.86 -25.78
C GLU C 100 -9.05 -2.41 -24.32
N ARG C 101 -9.94 -2.99 -23.52
CA ARG C 101 -9.93 -2.75 -22.09
C ARG C 101 -8.83 -3.58 -21.43
N ILE C 102 -7.69 -2.94 -21.18
CA ILE C 102 -6.56 -3.63 -20.58
C ILE C 102 -6.55 -3.45 -19.07
N ILE C 103 -6.79 -4.55 -18.37
CA ILE C 103 -6.87 -4.51 -16.91
C ILE C 103 -5.50 -4.21 -16.28
N LYS C 104 -5.46 -3.16 -15.48
CA LYS C 104 -4.23 -2.70 -14.85
C LYS C 104 -3.98 -3.42 -13.53
N GLN C 105 -2.82 -4.06 -13.42
CA GLN C 105 -2.48 -4.82 -12.21
C GLN C 105 -1.37 -4.16 -11.40
N GLU C 106 -1.77 -3.38 -10.38
CA GLU C 106 -0.79 -2.82 -9.45
C GLU C 106 -0.58 -3.77 -8.28
N THR C 107 0.19 -4.83 -8.52
CA THR C 107 0.42 -5.86 -7.52
C THR C 107 1.77 -5.68 -6.83
N GLY C 108 2.52 -4.66 -7.25
CA GLY C 108 3.76 -4.31 -6.60
C GLY C 108 4.93 -5.23 -6.88
N THR C 109 4.86 -5.98 -7.96
CA THR C 109 5.96 -6.85 -8.36
C THR C 109 6.78 -6.20 -9.48
N LEU C 110 8.03 -6.59 -9.59
CA LEU C 110 8.90 -6.09 -10.65
C LEU C 110 8.35 -6.46 -12.02
N PHE C 111 7.77 -7.65 -12.11
CA PHE C 111 7.16 -8.13 -13.34
C PHE C 111 6.01 -7.24 -13.80
N ALA C 112 5.11 -6.93 -12.88
CA ALA C 112 3.94 -6.13 -13.17
C ALA C 112 4.32 -4.73 -13.64
N ARG C 114 7.12 -3.91 -15.12
CA ARG C 114 7.71 -4.05 -16.44
C ARG C 114 6.62 -4.18 -17.51
N VAL C 115 5.57 -4.92 -17.16
CA VAL C 115 4.46 -5.15 -18.07
C VAL C 115 3.74 -3.83 -18.38
N GLU C 116 3.59 -2.99 -17.37
CA GLU C 116 2.91 -1.71 -17.53
C GLU C 116 3.70 -0.78 -18.45
N VAL C 117 5.02 -0.85 -18.37
CA VAL C 117 5.89 -0.03 -19.21
C VAL C 117 5.83 -0.50 -20.66
N ALA C 118 5.76 -1.81 -20.85
CA ALA C 118 5.72 -2.41 -22.18
C ALA C 118 4.50 -1.94 -22.97
N ILE C 119 3.38 -1.77 -22.28
CA ILE C 119 2.16 -1.28 -22.92
C ILE C 119 1.90 0.18 -22.56
N GLY C 120 2.95 0.87 -22.14
CA GLY C 120 2.84 2.26 -21.74
C GLY C 120 2.50 3.19 -22.89
N GLY C 121 2.76 2.73 -24.11
CA GLY C 121 2.52 3.54 -25.29
C GLY C 121 1.14 3.38 -25.89
N ILE C 122 0.64 2.14 -25.91
CA ILE C 122 -0.64 1.86 -26.54
C ILE C 122 -1.79 2.54 -25.81
N GLN C 123 -2.77 3.01 -26.57
CA GLN C 123 -3.92 3.70 -26.00
C GLN C 123 -5.09 2.74 -25.79
N ARG C 124 -5.67 2.79 -24.60
CA ARG C 124 -6.74 1.86 -24.27
C ARG C 124 -8.00 2.58 -23.77
N ARG C 125 -9.03 1.80 -23.48
CA ARG C 125 -10.21 2.30 -22.81
C ARG C 125 -9.84 2.67 -21.38
N PRO C 126 -10.70 3.46 -20.69
CA PRO C 126 -10.44 3.69 -19.27
C PRO C 126 -10.36 2.38 -18.49
N SER C 127 -9.14 2.02 -18.11
CA SER C 127 -8.84 0.68 -17.59
C SER C 127 -9.48 0.38 -16.25
N ILE C 128 -9.57 -0.91 -15.94
CA ILE C 128 -9.94 -1.37 -14.60
C ILE C 128 -8.65 -1.60 -13.82
N GLU C 129 -8.61 -1.13 -12.58
CA GLU C 129 -7.43 -1.30 -11.75
C GLU C 129 -7.69 -2.32 -10.65
N VAL C 130 -6.81 -3.30 -10.55
CA VAL C 130 -6.89 -4.30 -9.50
C VAL C 130 -5.54 -4.43 -8.79
N SER C 131 -5.55 -4.95 -7.56
CA SER C 131 -4.32 -5.11 -6.80
C SER C 131 -3.94 -6.59 -6.68
N LEU C 132 -4.84 -7.46 -7.14
CA LEU C 132 -4.59 -8.89 -7.07
C LEU C 132 -4.62 -9.52 -8.47
N SER C 133 -3.65 -10.40 -8.74
CA SER C 133 -3.56 -11.05 -10.04
C SER C 133 -4.78 -11.91 -10.32
N HIS C 134 -5.36 -12.47 -9.27
CA HIS C 134 -6.53 -13.33 -9.40
C HIS C 134 -7.77 -12.54 -9.78
N THR C 135 -7.83 -11.29 -9.34
CA THR C 135 -8.97 -10.43 -9.64
C THR C 135 -8.99 -10.03 -11.12
N ALA C 136 -7.81 -9.73 -11.66
CA ALA C 136 -7.67 -9.40 -13.06
C ALA C 136 -8.12 -10.55 -13.95
N LEU C 137 -7.78 -11.76 -13.53
CA LEU C 137 -8.11 -12.97 -14.29
C LEU C 137 -9.59 -13.32 -14.21
N SER C 138 -10.20 -13.01 -13.07
CA SER C 138 -11.64 -13.20 -12.91
C SER C 138 -12.38 -12.27 -13.85
N LEU C 139 -11.89 -11.05 -13.98
CA LEU C 139 -12.48 -10.04 -14.86
C LEU C 139 -12.35 -10.43 -16.33
N VAL C 140 -11.24 -11.09 -16.67
CA VAL C 140 -11.02 -11.57 -18.03
C VAL C 140 -12.02 -12.68 -18.38
N ARG C 141 -12.22 -13.60 -17.44
CA ARG C 141 -13.17 -14.70 -17.63
C ARG C 141 -14.57 -14.16 -17.85
N GLU C 142 -14.90 -13.07 -17.16
CA GLU C 142 -16.21 -12.45 -17.28
C GLU C 142 -16.27 -11.49 -18.47
N GLY C 143 -15.21 -11.49 -19.26
CA GLY C 143 -15.17 -10.71 -20.49
C GLY C 143 -15.19 -9.21 -20.30
N ALA C 144 -14.58 -8.74 -19.21
CA ALA C 144 -14.53 -7.31 -18.92
C ALA C 144 -13.29 -6.68 -19.53
N GLY C 145 -12.42 -7.51 -20.09
CA GLY C 145 -11.20 -7.02 -20.71
C GLY C 145 -10.11 -8.07 -20.78
N ILE C 146 -8.91 -7.63 -21.14
CA ILE C 146 -7.76 -8.53 -21.27
C ILE C 146 -6.66 -8.15 -20.29
N ALA C 147 -5.73 -9.07 -20.06
CA ALA C 147 -4.68 -8.84 -19.08
C ALA C 147 -3.38 -9.55 -19.45
N ILE C 148 -2.25 -8.92 -19.10
CA ILE C 148 -0.94 -9.52 -19.28
C ILE C 148 -0.41 -9.97 -17.92
N ILE C 149 -0.06 -11.26 -17.83
CA ILE C 149 0.22 -11.87 -16.54
C ILE C 149 1.37 -12.87 -16.55
N ASP C 150 1.65 -13.43 -15.38
CA ASP C 150 2.59 -14.53 -15.25
C ASP C 150 1.86 -15.86 -15.40
N PRO C 151 2.47 -16.83 -16.08
CA PRO C 151 1.85 -18.13 -16.38
C PRO C 151 1.47 -18.93 -15.14
N ALA C 152 2.21 -18.74 -14.05
CA ALA C 152 1.94 -19.46 -12.80
C ALA C 152 0.54 -19.14 -12.28
N ALA C 153 0.16 -17.88 -12.37
CA ALA C 153 -1.16 -17.45 -11.91
C ALA C 153 -2.22 -17.71 -12.98
N ALA C 154 -1.77 -17.77 -14.24
CA ALA C 154 -2.67 -17.90 -15.38
C ALA C 154 -3.20 -19.32 -15.56
N ILE C 155 -2.39 -20.30 -15.19
CA ILE C 155 -2.68 -21.70 -15.54
C ILE C 155 -3.89 -22.26 -14.77
N GLU C 156 -4.35 -21.54 -13.74
CA GLU C 156 -5.53 -21.96 -13.00
C GLU C 156 -6.80 -21.61 -13.77
N PHE C 157 -6.64 -20.83 -14.83
CA PHE C 157 -7.78 -20.29 -15.57
C PHE C 157 -7.86 -20.80 -17.01
N THR C 158 -7.01 -21.76 -17.36
CA THR C 158 -6.93 -22.24 -18.74
C THR C 158 -8.25 -22.86 -19.24
N ASP C 159 -9.02 -23.43 -18.32
CA ASP C 159 -10.29 -24.04 -18.66
C ASP C 159 -11.42 -23.02 -18.72
N ARG C 160 -11.07 -21.74 -18.65
CA ARG C 160 -12.06 -20.67 -18.62
C ARG C 160 -11.68 -19.49 -19.53
N ILE C 161 -10.40 -19.38 -19.85
CA ILE C 161 -9.93 -18.31 -20.74
C ILE C 161 -8.92 -18.80 -21.76
N VAL C 162 -8.47 -17.89 -22.61
CA VAL C 162 -7.45 -18.20 -23.62
C VAL C 162 -6.16 -17.48 -23.32
N LEU C 163 -5.04 -18.19 -23.42
CA LEU C 163 -3.73 -17.60 -23.18
C LEU C 163 -2.87 -17.63 -24.44
N ARG C 164 -2.40 -16.46 -24.86
CA ARG C 164 -1.50 -16.34 -26.00
C ARG C 164 -0.21 -15.66 -25.60
N PRO C 165 0.91 -16.06 -26.21
CA PRO C 165 2.23 -15.47 -25.93
C PRO C 165 2.26 -13.96 -26.18
N PHE C 166 3.11 -13.27 -25.43
CA PHE C 166 3.29 -11.84 -25.59
C PHE C 166 4.52 -11.58 -26.46
N SER C 167 4.35 -10.75 -27.49
CA SER C 167 5.43 -10.48 -28.43
C SER C 167 6.64 -9.86 -27.73
N ILE C 168 6.36 -8.96 -26.79
CA ILE C 168 7.41 -8.40 -25.94
C ILE C 168 7.81 -9.42 -24.88
N PHE C 169 9.11 -9.63 -24.72
CA PHE C 169 9.61 -10.64 -23.81
C PHE C 169 9.85 -10.08 -22.40
N ILE C 170 8.96 -10.43 -21.48
CA ILE C 170 9.10 -10.03 -20.08
C ILE C 170 9.08 -11.27 -19.18
N ASP C 171 10.19 -11.52 -18.49
N ASP C 171 10.18 -11.50 -18.48
CA ASP C 171 10.31 -12.72 -17.67
CA ASP C 171 10.35 -12.67 -17.64
C ASP C 171 9.88 -12.52 -16.22
C ASP C 171 9.78 -12.45 -16.24
N ALA C 172 9.10 -13.47 -15.72
CA ALA C 172 8.65 -13.47 -14.34
C ALA C 172 9.49 -14.49 -13.56
N GLU C 173 10.24 -14.01 -12.59
CA GLU C 173 11.13 -14.91 -11.85
C GLU C 173 10.49 -15.41 -10.56
N PHE C 174 10.42 -16.72 -10.42
CA PHE C 174 9.93 -17.35 -9.21
C PHE C 174 11.10 -18.02 -8.48
N LEU C 175 11.11 -17.92 -7.15
CA LEU C 175 12.22 -18.47 -6.38
C LEU C 175 11.75 -19.52 -5.37
N GLU C 176 12.45 -20.65 -5.34
CA GLU C 176 12.31 -21.58 -4.23
C GLU C 176 13.32 -21.19 -3.17
N VAL C 177 12.85 -20.91 -1.97
CA VAL C 177 13.71 -20.37 -0.93
C VAL C 177 13.84 -21.29 0.28
N ARG C 178 15.08 -21.63 0.63
CA ARG C 178 15.37 -22.41 1.83
C ARG C 178 16.55 -21.77 2.56
N SER C 179 16.61 -21.98 3.87
CA SER C 179 17.68 -21.41 4.68
C SER C 179 18.97 -22.22 4.56
N ALA C 180 20.10 -21.52 4.51
CA ALA C 180 21.40 -22.17 4.39
C ALA C 180 21.74 -22.95 5.65
N ILE C 181 21.28 -22.45 6.79
CA ILE C 181 21.55 -23.08 8.07
C ILE C 181 20.35 -23.92 8.51
N GLY C 182 19.60 -24.41 7.53
CA GLY C 182 18.44 -25.25 7.81
C GLY C 182 18.83 -26.69 8.05
N ALA C 183 18.12 -27.34 8.97
CA ALA C 183 18.34 -28.75 9.23
C ALA C 183 17.94 -29.56 8.01
N PRO C 184 18.82 -30.47 7.57
CA PRO C 184 18.55 -31.33 6.40
C PRO C 184 17.27 -32.14 6.60
N SER C 185 16.36 -32.03 5.65
CA SER C 185 15.05 -32.68 5.77
C SER C 185 14.69 -33.45 4.51
N THR C 186 14.42 -34.74 4.68
CA THR C 186 14.05 -35.60 3.57
C THR C 186 12.72 -35.18 2.94
N ILE C 187 11.77 -34.78 3.78
CA ILE C 187 10.44 -34.42 3.32
C ILE C 187 10.44 -33.10 2.55
N VAL C 188 11.40 -32.23 2.85
CA VAL C 188 11.52 -30.95 2.17
C VAL C 188 12.22 -31.14 0.83
N ASP C 189 13.27 -31.96 0.83
CA ASP C 189 13.96 -32.34 -0.40
C ASP C 189 12.99 -32.97 -1.38
N ARG C 190 12.14 -33.86 -0.87
CA ARG C 190 11.15 -34.56 -1.68
C ARG C 190 10.13 -33.58 -2.26
N PHE C 191 9.65 -32.66 -1.43
CA PHE C 191 8.63 -31.71 -1.86
C PHE C 191 9.16 -30.76 -2.93
N THR C 192 10.29 -30.12 -2.63
CA THR C 192 10.88 -29.13 -3.53
C THR C 192 11.24 -29.74 -4.88
N THR C 193 11.78 -30.96 -4.86
CA THR C 193 12.15 -31.65 -6.08
C THR C 193 10.91 -32.02 -6.89
N GLU C 194 9.91 -32.59 -6.23
CA GLU C 194 8.71 -33.04 -6.91
C GLU C 194 7.85 -31.88 -7.40
N PHE C 195 7.93 -30.73 -6.73
CA PHE C 195 7.14 -29.58 -7.16
C PHE C 195 7.62 -29.03 -8.49
N TRP C 196 8.94 -28.93 -8.66
CA TRP C 196 9.49 -28.42 -9.90
C TRP C 196 9.21 -29.37 -11.06
N ARG C 197 9.33 -30.67 -10.80
CA ARG C 197 8.99 -31.68 -11.78
C ARG C 197 7.51 -31.55 -12.16
N PHE C 198 6.69 -31.22 -11.18
CA PHE C 198 5.27 -30.99 -11.43
C PHE C 198 5.06 -29.66 -12.15
N HIS C 199 5.82 -28.65 -11.74
CA HIS C 199 5.70 -27.31 -12.31
C HIS C 199 6.12 -27.28 -13.78
N ASP C 200 7.34 -27.74 -14.05
CA ASP C 200 7.89 -27.71 -15.40
C ASP C 200 7.02 -28.51 -16.38
N ASP C 201 6.62 -29.70 -15.96
CA ASP C 201 5.79 -30.57 -16.80
C ASP C 201 4.47 -29.90 -17.19
N LEU C 202 3.85 -29.25 -16.21
CA LEU C 202 2.57 -28.59 -16.43
C LEU C 202 2.76 -27.34 -17.32
N LYS C 204 5.29 -26.81 -19.44
CA LYS C 204 5.73 -27.23 -20.76
C LYS C 204 4.56 -27.69 -21.64
N GLN C 205 3.71 -28.55 -21.09
CA GLN C 205 2.60 -29.12 -21.84
C GLN C 205 1.55 -28.09 -22.23
N ASN C 206 1.62 -26.92 -21.59
CA ASN C 206 0.70 -25.83 -21.90
C ASN C 206 1.33 -24.78 -22.81
N GLY C 207 2.58 -25.03 -23.20
CA GLY C 207 3.31 -24.08 -24.04
C GLY C 207 3.62 -22.81 -23.30
N LEU C 208 4.03 -22.94 -22.04
CA LEU C 208 4.35 -21.79 -21.21
C LEU C 208 5.81 -21.84 -20.76
N GLU C 210 9.88 -23.84 -22.07
CA GLU C 210 10.63 -24.71 -22.97
C GLU C 210 12.07 -24.89 -22.49
N SER D 1 -15.08 12.52 -18.58
CA SER D 1 -14.10 11.57 -19.07
C SER D 1 -13.30 10.94 -17.93
N ASN D 2 -13.25 11.64 -16.80
CA ASN D 2 -12.40 11.22 -15.69
C ASN D 2 -13.19 10.68 -14.49
N ALA D 3 -14.45 10.35 -14.71
CA ALA D 3 -15.30 9.80 -13.64
C ALA D 3 -14.75 8.47 -13.16
N THR D 4 -14.55 8.35 -11.85
CA THR D 4 -13.91 7.16 -11.29
C THR D 4 -14.63 6.58 -10.08
N LEU D 5 -14.72 5.26 -10.03
CA LEU D 5 -15.31 4.55 -8.89
C LEU D 5 -14.25 3.71 -8.18
N ARG D 6 -14.06 3.96 -6.89
CA ARG D 6 -13.04 3.26 -6.12
C ARG D 6 -13.64 2.31 -5.09
N ILE D 7 -13.21 1.05 -5.14
CA ILE D 7 -13.75 0.02 -4.25
C ILE D 7 -12.65 -0.76 -3.54
N ALA D 8 -12.74 -0.80 -2.21
CA ALA D 8 -11.86 -1.64 -1.41
C ALA D 8 -12.68 -2.74 -0.76
N ALA D 9 -12.17 -3.98 -0.79
CA ALA D 9 -12.93 -5.10 -0.28
C ALA D 9 -12.05 -6.26 0.18
N PRO D 11 -10.74 -10.06 0.36
CA PRO D 11 -10.48 -11.00 -0.73
C PRO D 11 -11.63 -11.97 -1.03
N ALA D 12 -12.48 -12.23 -0.05
CA ALA D 12 -13.63 -13.12 -0.23
C ALA D 12 -14.57 -12.63 -1.32
N LEU D 13 -14.87 -11.33 -1.30
CA LEU D 13 -15.76 -10.74 -2.30
C LEU D 13 -14.96 -10.14 -3.46
N ALA D 14 -13.72 -9.76 -3.20
CA ALA D 14 -12.89 -9.10 -4.20
C ALA D 14 -12.35 -10.09 -5.23
N ASN D 15 -12.47 -11.39 -4.95
CA ASN D 15 -11.98 -12.41 -5.87
C ASN D 15 -13.09 -12.99 -6.75
N GLY D 16 -14.28 -13.16 -6.18
CA GLY D 16 -15.35 -13.84 -6.88
C GLY D 16 -16.50 -12.97 -7.33
N LEU D 17 -17.28 -12.48 -6.38
CA LEU D 17 -18.54 -11.79 -6.68
C LEU D 17 -18.38 -10.43 -7.32
N LEU D 18 -17.59 -9.57 -6.69
CA LEU D 18 -17.39 -8.21 -7.17
C LEU D 18 -16.87 -8.13 -8.61
N PRO D 19 -15.86 -8.94 -8.97
CA PRO D 19 -15.44 -8.87 -10.38
C PRO D 19 -16.53 -9.32 -11.34
N ARG D 20 -17.34 -10.29 -10.90
CA ARG D 20 -18.44 -10.80 -11.71
C ARG D 20 -19.50 -9.74 -11.94
N PHE D 21 -19.80 -8.97 -10.89
CA PHE D 21 -20.77 -7.89 -10.98
C PHE D 21 -20.17 -6.67 -11.67
N LEU D 22 -18.88 -6.44 -11.45
CA LEU D 22 -18.20 -5.30 -12.04
C LEU D 22 -18.21 -5.38 -13.57
N ALA D 23 -17.97 -6.59 -14.09
CA ALA D 23 -17.99 -6.82 -15.53
C ALA D 23 -19.38 -6.53 -16.10
N GLN D 24 -20.41 -6.87 -15.33
CA GLN D 24 -21.79 -6.63 -15.71
C GLN D 24 -22.12 -5.14 -15.63
N PHE D 25 -21.58 -4.48 -14.61
CA PHE D 25 -21.89 -3.08 -14.33
C PHE D 25 -21.31 -2.12 -15.36
N ILE D 26 -20.15 -2.45 -15.90
CA ILE D 26 -19.43 -1.53 -16.79
C ILE D 26 -19.65 -1.82 -18.27
N ARG D 27 -20.47 -2.82 -18.56
CA ARG D 27 -20.74 -3.24 -19.94
C ARG D 27 -21.23 -2.09 -20.81
N ASP D 28 -22.12 -1.26 -20.26
CA ASP D 28 -22.67 -0.13 -20.99
C ASP D 28 -22.25 1.20 -20.37
N ARG D 29 -21.19 1.15 -19.56
CA ARG D 29 -20.57 2.37 -19.04
C ARG D 29 -19.13 2.44 -19.55
N PRO D 30 -18.96 2.81 -20.82
CA PRO D 30 -17.68 2.71 -21.53
C PRO D 30 -16.57 3.61 -20.98
N ASN D 31 -16.92 4.81 -20.54
CA ASN D 31 -15.91 5.77 -20.09
C ASN D 31 -15.86 5.91 -18.57
N LEU D 32 -16.04 4.79 -17.86
CA LEU D 32 -15.99 4.80 -16.40
C LEU D 32 -14.75 4.07 -15.88
N GLN D 33 -13.95 4.77 -15.10
CA GLN D 33 -12.76 4.19 -14.49
C GLN D 33 -13.12 3.55 -13.15
N VAL D 34 -12.73 2.28 -12.97
CA VAL D 34 -13.05 1.57 -11.74
C VAL D 34 -11.80 1.00 -11.09
N SER D 35 -11.69 1.19 -9.77
CA SER D 35 -10.56 0.66 -9.00
C SER D 35 -11.05 -0.34 -7.96
N LEU D 36 -10.58 -1.58 -8.08
CA LEU D 36 -11.00 -2.65 -7.16
C LEU D 36 -9.82 -3.20 -6.37
N GLY D 38 -7.98 -5.17 -3.34
CA GLY D 38 -8.16 -6.27 -2.40
C GLY D 38 -7.42 -5.96 -1.11
N LEU D 39 -8.15 -5.94 0.00
CA LEU D 39 -7.59 -5.51 1.27
C LEU D 39 -8.11 -6.32 2.45
N PRO D 40 -7.38 -6.33 3.56
CA PRO D 40 -7.95 -6.86 4.81
C PRO D 40 -9.09 -5.97 5.29
N SER D 41 -9.99 -6.50 6.11
CA SER D 41 -11.16 -5.76 6.55
C SER D 41 -10.78 -4.50 7.32
N SER D 42 -9.68 -4.56 8.06
CA SER D 42 -9.22 -3.44 8.87
C SER D 42 -8.86 -2.23 8.02
N VAL D 44 -9.85 -1.83 4.86
CA VAL D 44 -11.02 -1.45 4.06
C VAL D 44 -11.77 -0.32 4.75
N GLU D 46 -10.55 1.84 6.95
CA GLU D 46 -9.71 3.04 6.93
C GLU D 46 -9.73 3.71 5.57
N ALA D 47 -9.82 2.90 4.51
CA ALA D 47 -9.85 3.41 3.15
C ALA D 47 -11.15 4.17 2.86
N VAL D 48 -12.24 3.70 3.45
CA VAL D 48 -13.54 4.34 3.26
C VAL D 48 -13.61 5.66 4.02
N ALA D 49 -13.15 5.64 5.27
CA ALA D 49 -13.19 6.83 6.12
C ALA D 49 -12.28 7.93 5.60
N SER D 50 -11.11 7.54 5.09
CA SER D 50 -10.13 8.51 4.62
C SER D 50 -10.55 9.15 3.30
N GLY D 51 -11.39 8.45 2.53
CA GLY D 51 -11.88 8.97 1.28
C GLY D 51 -11.22 8.33 0.07
N ARG D 52 -10.21 7.50 0.32
CA ARG D 52 -9.47 6.83 -0.74
C ARG D 52 -10.25 5.64 -1.29
N ALA D 53 -11.45 5.43 -0.76
CA ALA D 53 -12.36 4.40 -1.25
C ALA D 53 -13.79 4.89 -1.20
N ASP D 54 -14.45 4.90 -2.35
CA ASP D 54 -15.84 5.34 -2.43
C ASP D 54 -16.77 4.35 -1.73
N ILE D 55 -16.52 3.07 -1.96
CA ILE D 55 -17.30 2.00 -1.35
C ILE D 55 -16.36 0.99 -0.70
N GLY D 56 -16.79 0.37 0.38
CA GLY D 56 -16.00 -0.62 1.06
C GLY D 56 -16.79 -1.86 1.46
N TYR D 57 -16.22 -3.03 1.18
CA TYR D 57 -16.84 -4.29 1.58
C TYR D 57 -15.91 -5.04 2.54
N ALA D 58 -16.43 -5.39 3.72
CA ALA D 58 -15.59 -5.97 4.75
C ALA D 58 -16.31 -7.04 5.57
N ASP D 59 -15.54 -7.76 6.37
CA ASP D 59 -16.10 -8.76 7.28
C ASP D 59 -16.68 -8.10 8.53
N GLY D 60 -17.67 -8.73 9.11
CA GLY D 60 -18.21 -8.28 10.39
C GLY D 60 -17.50 -9.01 11.51
N PRO D 61 -17.55 -8.44 12.73
CA PRO D 61 -18.22 -7.17 13.04
C PRO D 61 -17.31 -5.96 12.89
N GLN D 62 -17.89 -4.81 12.59
CA GLN D 62 -17.18 -3.53 12.56
C GLN D 62 -18.05 -2.46 13.18
N GLU D 63 -17.45 -1.53 13.93
CA GLU D 63 -18.23 -0.50 14.60
C GLU D 63 -18.84 0.50 13.63
N ARG D 64 -20.06 0.93 13.93
CA ARG D 64 -20.88 1.70 13.01
C ARG D 64 -20.52 3.18 12.93
N GLN D 65 -19.99 3.72 14.02
CA GLN D 65 -19.77 5.17 14.15
C GLN D 65 -18.91 5.75 13.03
N GLY D 66 -19.47 6.72 12.32
CA GLY D 66 -18.78 7.38 11.23
C GLY D 66 -19.04 6.74 9.87
N PHE D 67 -19.75 5.62 9.88
CA PHE D 67 -20.02 4.88 8.65
C PHE D 67 -21.50 4.65 8.39
N LEU D 68 -21.85 4.54 7.12
CA LEU D 68 -23.18 4.08 6.70
C LEU D 68 -23.05 2.62 6.25
N ILE D 69 -23.40 1.70 7.15
CA ILE D 69 -23.14 0.28 6.91
C ILE D 69 -24.40 -0.53 6.63
N GLU D 70 -24.35 -1.33 5.56
CA GLU D 70 -25.42 -2.27 5.26
C GLU D 70 -24.92 -3.70 5.49
N THR D 71 -25.83 -4.59 5.89
CA THR D 71 -25.42 -5.91 6.35
C THR D 71 -26.10 -7.06 5.60
N ARG D 72 -25.34 -8.12 5.34
CA ARG D 72 -25.89 -9.40 4.93
C ARG D 72 -25.35 -10.50 5.84
N SER D 73 -26.25 -11.25 6.45
CA SER D 73 -25.85 -12.35 7.33
C SER D 73 -26.17 -13.69 6.69
N LEU D 74 -25.13 -14.45 6.38
CA LEU D 74 -25.28 -15.69 5.64
C LEU D 74 -24.71 -16.88 6.41
N PRO D 75 -25.49 -17.96 6.53
CA PRO D 75 -25.11 -19.14 7.32
C PRO D 75 -23.93 -19.89 6.71
N ALA D 76 -23.16 -20.56 7.58
CA ALA D 76 -22.00 -21.34 7.14
C ALA D 76 -22.43 -22.58 6.39
N VAL D 77 -21.67 -22.95 5.36
CA VAL D 77 -21.91 -24.16 4.60
C VAL D 77 -20.67 -25.04 4.57
N VAL D 78 -20.87 -26.34 4.38
CA VAL D 78 -19.76 -27.27 4.29
C VAL D 78 -19.39 -27.53 2.82
N ALA D 79 -18.12 -27.38 2.51
CA ALA D 79 -17.62 -27.62 1.15
C ALA D 79 -16.89 -28.95 1.08
N VAL D 80 -17.38 -29.84 0.21
CA VAL D 80 -16.77 -31.15 0.02
C VAL D 80 -16.43 -31.35 -1.46
N PRO D 81 -15.42 -32.19 -1.72
CA PRO D 81 -15.06 -32.52 -3.12
C PRO D 81 -16.22 -33.19 -3.86
N GLY D 83 -18.40 -35.77 -5.32
CA GLY D 83 -18.56 -37.20 -5.13
C GLY D 83 -18.14 -37.69 -3.76
N HIS D 84 -17.92 -36.76 -2.84
CA HIS D 84 -17.53 -37.11 -1.48
C HIS D 84 -18.70 -37.80 -0.76
N ARG D 85 -18.39 -38.50 0.32
CA ARG D 85 -19.40 -39.20 1.11
C ARG D 85 -20.48 -38.25 1.64
N LEU D 86 -20.06 -37.05 2.01
CA LEU D 86 -20.95 -36.07 2.62
C LEU D 86 -21.94 -35.44 1.62
N ALA D 87 -21.69 -35.66 0.34
CA ALA D 87 -22.55 -35.10 -0.71
C ALA D 87 -23.94 -35.71 -0.71
N GLY D 88 -24.10 -36.84 -0.03
CA GLY D 88 -25.38 -37.53 0.02
C GLY D 88 -26.20 -37.21 1.25
N LEU D 89 -25.81 -36.16 1.96
CA LEU D 89 -26.53 -35.73 3.14
C LEU D 89 -27.21 -34.39 2.91
N ASP D 90 -28.44 -34.24 3.42
CA ASP D 90 -29.17 -32.98 3.29
C ASP D 90 -28.51 -31.91 4.17
N ARG D 91 -28.08 -32.30 5.36
CA ARG D 91 -27.32 -31.42 6.23
C ARG D 91 -26.08 -32.13 6.77
N VAL D 92 -25.14 -31.37 7.30
CA VAL D 92 -23.92 -31.94 7.85
C VAL D 92 -23.69 -31.48 9.29
N THR D 93 -23.61 -32.44 10.21
CA THR D 93 -23.32 -32.17 11.60
C THR D 93 -21.81 -32.23 11.85
N PRO D 94 -21.34 -31.64 12.97
CA PRO D 94 -19.91 -31.75 13.30
C PRO D 94 -19.43 -33.19 13.44
N GLN D 95 -20.32 -34.11 13.83
CA GLN D 95 -19.96 -35.51 13.99
C GLN D 95 -19.87 -36.22 12.64
N ASP D 96 -20.52 -35.66 11.63
CA ASP D 96 -20.43 -36.20 10.28
C ASP D 96 -19.03 -35.93 9.71
N LEU D 97 -18.34 -34.97 10.31
CA LEU D 97 -17.01 -34.57 9.86
C LEU D 97 -15.92 -35.38 10.57
N ALA D 98 -16.32 -36.27 11.47
CA ALA D 98 -15.36 -37.07 12.22
C ALA D 98 -14.57 -38.01 11.30
N GLY D 99 -13.25 -37.96 11.42
CA GLY D 99 -12.37 -38.81 10.63
C GLY D 99 -11.95 -38.16 9.32
N GLU D 100 -12.56 -37.02 9.01
CA GLU D 100 -12.26 -36.29 7.79
C GLU D 100 -11.03 -35.41 7.94
N ARG D 101 -10.47 -34.97 6.83
CA ARG D 101 -9.39 -33.98 6.85
C ARG D 101 -9.98 -32.59 6.68
N ILE D 102 -10.18 -31.90 7.80
CA ILE D 102 -10.80 -30.57 7.79
C ILE D 102 -9.73 -29.48 7.67
N ILE D 103 -9.83 -28.69 6.61
CA ILE D 103 -8.87 -27.63 6.34
C ILE D 103 -9.02 -26.48 7.32
N LYS D 104 -8.00 -26.28 8.15
CA LYS D 104 -8.00 -25.23 9.15
C LYS D 104 -7.67 -23.88 8.53
N GLN D 105 -8.64 -22.97 8.51
CA GLN D 105 -8.45 -21.65 7.94
C GLN D 105 -8.13 -20.61 9.01
N GLU D 106 -6.92 -20.07 8.97
CA GLU D 106 -6.53 -19.01 9.90
C GLU D 106 -6.58 -17.66 9.20
N THR D 107 -7.79 -17.24 8.85
CA THR D 107 -8.00 -15.99 8.12
C THR D 107 -8.10 -14.80 9.07
N GLY D 108 -8.25 -15.07 10.36
CA GLY D 108 -8.31 -14.03 11.35
C GLY D 108 -9.69 -13.43 11.53
N THR D 109 -10.65 -13.93 10.75
CA THR D 109 -12.02 -13.45 10.82
C THR D 109 -12.75 -14.07 12.00
N LEU D 110 -13.74 -13.35 12.54
CA LEU D 110 -14.53 -13.86 13.66
C LEU D 110 -15.30 -15.10 13.24
N PHE D 111 -15.72 -15.13 11.96
CA PHE D 111 -16.43 -16.27 11.42
C PHE D 111 -15.59 -17.54 11.48
N ALA D 112 -14.35 -17.43 11.02
CA ALA D 112 -13.44 -18.57 10.98
C ALA D 112 -13.14 -19.10 12.39
N ARG D 114 -15.12 -18.90 15.04
CA ARG D 114 -16.31 -19.53 15.58
C ARG D 114 -16.55 -20.88 14.92
N VAL D 115 -16.06 -21.03 13.69
CA VAL D 115 -16.11 -22.31 13.00
C VAL D 115 -15.19 -23.31 13.68
N GLU D 116 -13.97 -22.86 13.99
CA GLU D 116 -12.98 -23.70 14.66
C GLU D 116 -13.45 -24.15 16.04
N VAL D 117 -14.05 -23.24 16.79
CA VAL D 117 -14.55 -23.54 18.12
C VAL D 117 -15.69 -24.55 18.07
N ALA D 118 -16.57 -24.40 17.09
CA ALA D 118 -17.74 -25.25 16.95
C ALA D 118 -17.37 -26.71 16.68
N ILE D 119 -16.29 -26.92 15.95
CA ILE D 119 -15.83 -28.27 15.64
C ILE D 119 -14.55 -28.61 16.41
N GLY D 120 -14.38 -28.00 17.57
CA GLY D 120 -13.16 -28.17 18.35
C GLY D 120 -13.03 -29.50 19.06
N GLY D 121 -14.16 -30.20 19.24
CA GLY D 121 -14.15 -31.48 19.93
C GLY D 121 -14.22 -32.68 19.01
N ILE D 122 -14.14 -32.42 17.71
CA ILE D 122 -14.23 -33.48 16.71
C ILE D 122 -12.87 -34.05 16.37
N GLN D 123 -12.74 -35.38 16.46
CA GLN D 123 -11.49 -36.04 16.10
C GLN D 123 -11.26 -35.95 14.58
N ARG D 124 -10.06 -35.54 14.20
CA ARG D 124 -9.76 -35.29 12.80
C ARG D 124 -8.35 -35.76 12.43
N ARG D 125 -8.12 -35.89 11.12
CA ARG D 125 -6.79 -36.20 10.60
C ARG D 125 -5.85 -35.01 10.79
N PRO D 126 -4.54 -35.22 10.59
CA PRO D 126 -3.63 -34.06 10.57
C PRO D 126 -4.07 -33.04 9.51
N SER D 127 -4.57 -31.90 9.98
CA SER D 127 -5.17 -30.91 9.11
C SER D 127 -4.17 -30.23 8.19
N ILE D 128 -4.69 -29.63 7.12
CA ILE D 128 -3.92 -28.71 6.31
C ILE D 128 -4.33 -27.29 6.72
N GLU D 129 -3.36 -26.49 7.13
CA GLU D 129 -3.68 -25.15 7.60
C GLU D 129 -3.30 -24.10 6.57
N VAL D 130 -4.25 -23.22 6.28
CA VAL D 130 -4.03 -22.15 5.32
C VAL D 130 -4.37 -20.80 5.95
N SER D 131 -3.94 -19.72 5.29
CA SER D 131 -4.21 -18.37 5.77
C SER D 131 -5.22 -17.68 4.89
N LEU D 132 -5.48 -18.25 3.71
CA LEU D 132 -6.42 -17.67 2.76
C LEU D 132 -7.58 -18.63 2.51
N SER D 133 -8.80 -18.10 2.53
CA SER D 133 -10.00 -18.90 2.32
C SER D 133 -10.05 -19.48 0.91
N HIS D 134 -9.49 -18.76 -0.04
CA HIS D 134 -9.44 -19.23 -1.42
C HIS D 134 -8.57 -20.48 -1.54
N THR D 135 -7.51 -20.52 -0.73
CA THR D 135 -6.60 -21.65 -0.73
C THR D 135 -7.28 -22.92 -0.20
N ALA D 136 -8.14 -22.73 0.80
CA ALA D 136 -8.91 -23.83 1.37
C ALA D 136 -9.82 -24.45 0.32
N LEU D 137 -10.50 -23.60 -0.44
CA LEU D 137 -11.42 -24.04 -1.47
C LEU D 137 -10.72 -24.74 -2.63
N SER D 138 -9.52 -24.27 -2.96
CA SER D 138 -8.73 -24.89 -4.01
C SER D 138 -8.34 -26.31 -3.60
N LEU D 139 -8.06 -26.50 -2.31
CA LEU D 139 -7.69 -27.81 -1.78
C LEU D 139 -8.88 -28.76 -1.77
N VAL D 140 -10.05 -28.23 -1.42
CA VAL D 140 -11.28 -29.01 -1.44
C VAL D 140 -11.57 -29.48 -2.86
N ARG D 141 -11.39 -28.56 -3.81
CA ARG D 141 -11.64 -28.85 -5.22
C ARG D 141 -10.70 -29.94 -5.76
N GLU D 142 -9.51 -30.02 -5.19
CA GLU D 142 -8.54 -31.04 -5.60
C GLU D 142 -8.68 -32.31 -4.76
N GLY D 143 -9.67 -32.32 -3.89
CA GLY D 143 -9.98 -33.49 -3.08
C GLY D 143 -9.00 -33.73 -1.94
N ALA D 144 -8.36 -32.66 -1.47
CA ALA D 144 -7.36 -32.78 -0.41
C ALA D 144 -8.02 -32.78 0.97
N GLY D 145 -9.28 -32.36 1.02
CA GLY D 145 -10.02 -32.32 2.26
C GLY D 145 -11.29 -31.51 2.14
N ILE D 146 -11.92 -31.21 3.27
CA ILE D 146 -13.15 -30.43 3.28
C ILE D 146 -12.98 -29.17 4.13
N ALA D 147 -13.85 -28.20 3.91
CA ALA D 147 -13.76 -26.94 4.62
C ALA D 147 -15.14 -26.36 4.93
N ILE D 148 -15.22 -25.61 6.03
CA ILE D 148 -16.44 -24.89 6.40
C ILE D 148 -16.24 -23.41 6.13
N ILE D 149 -17.15 -22.82 5.37
CA ILE D 149 -16.90 -21.51 4.77
C ILE D 149 -18.12 -20.60 4.74
N ASP D 150 -17.88 -19.32 4.43
CA ASP D 150 -18.93 -18.40 4.07
C ASP D 150 -19.34 -18.67 2.62
N PRO D 151 -20.64 -18.59 2.32
CA PRO D 151 -21.15 -18.98 1.01
C PRO D 151 -20.68 -18.09 -0.15
N ALA D 152 -20.27 -16.87 0.14
CA ALA D 152 -19.84 -15.94 -0.91
C ALA D 152 -18.50 -16.37 -1.52
N ALA D 153 -17.57 -16.78 -0.66
CA ALA D 153 -16.27 -17.25 -1.12
C ALA D 153 -16.41 -18.52 -1.95
N ALA D 154 -17.46 -19.29 -1.65
CA ALA D 154 -17.69 -20.57 -2.30
C ALA D 154 -18.27 -20.43 -3.71
N ILE D 155 -18.75 -19.22 -4.03
CA ILE D 155 -19.49 -19.01 -5.27
C ILE D 155 -18.62 -19.25 -6.51
N GLU D 156 -17.35 -18.87 -6.44
CA GLU D 156 -16.43 -19.07 -7.56
C GLU D 156 -16.23 -20.55 -7.86
N PHE D 157 -16.30 -21.38 -6.81
CA PHE D 157 -16.01 -22.80 -6.91
C PHE D 157 -17.27 -23.65 -7.04
N THR D 158 -18.40 -23.01 -7.32
CA THR D 158 -19.68 -23.72 -7.44
C THR D 158 -19.66 -24.77 -8.53
N ASP D 159 -18.79 -24.57 -9.52
CA ASP D 159 -18.72 -25.47 -10.66
C ASP D 159 -18.13 -26.83 -10.26
N ARG D 160 -17.19 -26.82 -9.32
CA ARG D 160 -16.35 -27.98 -9.07
C ARG D 160 -16.47 -28.52 -7.63
N ILE D 161 -17.35 -27.92 -6.85
CA ILE D 161 -17.44 -28.24 -5.42
C ILE D 161 -18.89 -28.37 -4.96
N VAL D 162 -19.15 -29.37 -4.11
CA VAL D 162 -20.47 -29.57 -3.53
C VAL D 162 -20.62 -28.82 -2.21
N LEU D 163 -21.68 -28.03 -2.09
CA LEU D 163 -21.95 -27.28 -0.86
C LEU D 163 -23.11 -27.87 -0.08
N ARG D 164 -22.93 -28.05 1.22
CA ARG D 164 -23.98 -28.58 2.09
C ARG D 164 -24.13 -27.73 3.34
N PRO D 165 -25.38 -27.51 3.78
CA PRO D 165 -25.64 -26.68 4.97
C PRO D 165 -25.08 -27.31 6.24
N PHE D 166 -24.58 -26.47 7.14
CA PHE D 166 -23.99 -26.91 8.39
C PHE D 166 -25.04 -26.90 9.49
N SER D 167 -25.12 -27.98 10.27
CA SER D 167 -26.15 -28.13 11.29
C SER D 167 -26.06 -27.02 12.35
N ILE D 168 -24.83 -26.63 12.69
CA ILE D 168 -24.62 -25.54 13.63
C ILE D 168 -24.75 -24.20 12.92
N PHE D 169 -25.68 -23.37 13.38
CA PHE D 169 -25.93 -22.08 12.74
C PHE D 169 -24.84 -21.06 13.11
N ILE D 170 -23.91 -20.85 12.19
CA ILE D 170 -22.88 -19.83 12.34
C ILE D 170 -23.00 -18.81 11.20
N ASP D 171 -23.10 -17.53 11.56
CA ASP D 171 -23.38 -16.50 10.57
C ASP D 171 -22.13 -15.75 10.13
N ALA D 172 -21.98 -15.59 8.82
CA ALA D 172 -20.89 -14.80 8.25
C ALA D 172 -21.42 -13.42 7.86
N GLU D 173 -20.90 -12.38 8.52
CA GLU D 173 -21.39 -11.02 8.33
C GLU D 173 -20.63 -10.27 7.23
N PHE D 174 -21.36 -9.75 6.25
CA PHE D 174 -20.77 -8.94 5.19
C PHE D 174 -21.27 -7.51 5.31
N LEU D 175 -20.38 -6.55 5.12
CA LEU D 175 -20.73 -5.14 5.30
C LEU D 175 -20.41 -4.30 4.07
N GLU D 176 -21.41 -3.60 3.56
CA GLU D 176 -21.18 -2.53 2.58
C GLU D 176 -20.93 -1.25 3.36
N VAL D 177 -19.73 -0.71 3.24
CA VAL D 177 -19.32 0.42 4.07
C VAL D 177 -19.14 1.72 3.27
N ARG D 178 -19.92 2.72 3.64
CA ARG D 178 -19.78 4.06 3.06
C ARG D 178 -19.59 5.08 4.17
N SER D 179 -18.92 6.19 3.85
CA SER D 179 -18.67 7.24 4.83
C SER D 179 -19.93 8.06 5.08
N ALA D 180 -20.18 8.39 6.34
CA ALA D 180 -21.33 9.21 6.72
C ALA D 180 -21.03 10.69 6.50
N ILE D 181 -19.85 10.97 5.96
CA ILE D 181 -19.44 12.35 5.68
C ILE D 181 -19.15 12.49 4.18
N GLY D 182 -19.15 11.37 3.48
CA GLY D 182 -18.89 11.35 2.05
C GLY D 182 -19.93 12.11 1.25
N ALA D 183 -19.51 12.68 0.13
CA ALA D 183 -20.41 13.45 -0.73
C ALA D 183 -21.36 12.53 -1.49
N PRO D 184 -22.62 12.97 -1.65
CA PRO D 184 -23.65 12.22 -2.38
C PRO D 184 -23.22 11.87 -3.81
N SER D 185 -23.36 10.60 -4.17
CA SER D 185 -22.95 10.14 -5.49
C SER D 185 -23.98 9.20 -6.10
N THR D 186 -24.41 9.50 -7.31
CA THR D 186 -25.43 8.70 -8.00
C THR D 186 -24.85 7.37 -8.49
N ILE D 187 -23.60 7.40 -8.97
CA ILE D 187 -22.96 6.20 -9.48
C ILE D 187 -22.65 5.22 -8.35
N VAL D 188 -22.40 5.75 -7.15
CA VAL D 188 -22.15 4.93 -5.98
C VAL D 188 -23.48 4.36 -5.47
N ASP D 189 -24.50 5.22 -5.41
CA ASP D 189 -25.84 4.81 -5.01
C ASP D 189 -26.37 3.72 -5.92
N ARG D 190 -26.06 3.84 -7.21
CA ARG D 190 -26.51 2.86 -8.20
C ARG D 190 -25.76 1.55 -8.04
N PHE D 191 -24.44 1.63 -7.85
CA PHE D 191 -23.60 0.44 -7.76
C PHE D 191 -23.98 -0.44 -6.56
N THR D 192 -24.07 0.16 -5.39
CA THR D 192 -24.34 -0.58 -4.16
C THR D 192 -25.72 -1.23 -4.17
N THR D 193 -26.72 -0.49 -4.63
CA THR D 193 -28.08 -1.01 -4.72
C THR D 193 -28.14 -2.14 -5.74
N GLU D 194 -27.48 -1.95 -6.88
CA GLU D 194 -27.45 -2.97 -7.92
C GLU D 194 -26.61 -4.18 -7.51
N PHE D 195 -25.59 -3.95 -6.69
CA PHE D 195 -24.71 -5.04 -6.27
C PHE D 195 -25.43 -5.99 -5.30
N TRP D 196 -26.13 -5.41 -4.33
CA TRP D 196 -26.87 -6.23 -3.37
C TRP D 196 -27.96 -7.02 -4.08
N ARG D 197 -28.53 -6.43 -5.13
CA ARG D 197 -29.49 -7.13 -5.97
C ARG D 197 -28.84 -8.34 -6.61
N PHE D 198 -27.68 -8.13 -7.19
CA PHE D 198 -26.89 -9.19 -7.80
C PHE D 198 -26.48 -10.24 -6.77
N HIS D 199 -26.00 -9.77 -5.62
CA HIS D 199 -25.57 -10.67 -4.54
C HIS D 199 -26.69 -11.54 -4.02
N ASP D 200 -27.80 -10.92 -3.64
CA ASP D 200 -28.92 -11.63 -3.05
C ASP D 200 -29.51 -12.65 -4.00
N ASP D 201 -29.74 -12.25 -5.25
CA ASP D 201 -30.33 -13.14 -6.26
C ASP D 201 -29.46 -14.37 -6.50
N LEU D 202 -28.17 -14.15 -6.73
CA LEU D 202 -27.25 -15.25 -6.98
C LEU D 202 -27.12 -16.16 -5.78
N LYS D 204 -29.52 -16.41 -3.33
CA LYS D 204 -30.84 -17.01 -3.13
C LYS D 204 -31.06 -18.14 -4.14
N GLN D 205 -30.54 -17.95 -5.35
CA GLN D 205 -30.62 -18.96 -6.39
C GLN D 205 -29.96 -20.26 -5.96
N ASN D 206 -28.84 -20.14 -5.25
CA ASN D 206 -28.11 -21.30 -4.77
C ASN D 206 -28.62 -21.78 -3.41
N GLY D 207 -29.68 -21.16 -2.93
CA GLY D 207 -30.30 -21.52 -1.66
C GLY D 207 -29.43 -21.25 -0.45
N LEU D 208 -28.51 -20.31 -0.59
CA LEU D 208 -27.55 -20.02 0.46
C LEU D 208 -28.01 -18.90 1.41
N GLU D 210 -31.82 -17.03 1.27
CA GLU D 210 -33.24 -16.93 1.61
C GLU D 210 -34.07 -17.95 0.83
N ASN E 2 42.71 9.87 2.48
CA ASN E 2 43.40 9.60 3.74
C ASN E 2 42.47 8.99 4.79
N ALA E 3 41.44 8.29 4.32
CA ALA E 3 40.51 7.61 5.21
C ALA E 3 41.17 6.35 5.78
N THR E 4 41.45 6.36 7.09
CA THR E 4 42.12 5.25 7.73
C THR E 4 41.28 4.61 8.83
N LEU E 5 41.16 3.29 8.79
CA LEU E 5 40.48 2.54 9.83
C LEU E 5 41.50 1.83 10.72
N ARG E 6 41.57 2.25 11.98
CA ARG E 6 42.57 1.72 12.89
C ARG E 6 41.96 0.82 13.95
N ILE E 7 42.40 -0.44 13.98
CA ILE E 7 41.83 -1.43 14.88
C ILE E 7 42.86 -2.08 15.79
N ALA E 8 42.59 -2.04 17.09
CA ALA E 8 43.41 -2.74 18.07
C ALA E 8 42.64 -3.95 18.58
N ALA E 9 43.32 -5.09 18.73
CA ALA E 9 42.62 -6.32 19.08
C ALA E 9 43.46 -7.33 19.87
N PRO E 11 44.70 -11.18 21.04
CA PRO E 11 45.12 -12.30 20.19
C PRO E 11 43.98 -13.19 19.71
N ALA E 12 43.00 -13.46 20.56
CA ALA E 12 41.92 -14.38 20.23
C ALA E 12 41.14 -13.96 18.98
N LEU E 13 40.98 -12.66 18.79
CA LEU E 13 40.25 -12.15 17.64
C LEU E 13 41.16 -11.68 16.51
N ALA E 14 42.30 -11.09 16.86
CA ALA E 14 43.22 -10.53 15.86
C ALA E 14 43.94 -11.60 15.06
N ASN E 15 44.00 -12.82 15.60
CA ASN E 15 44.73 -13.90 14.94
C ASN E 15 43.88 -14.71 13.96
N GLY E 16 42.56 -14.74 14.19
CA GLY E 16 41.68 -15.59 13.41
C GLY E 16 40.55 -14.88 12.70
N LEU E 17 39.52 -14.51 13.45
CA LEU E 17 38.28 -14.02 12.87
C LEU E 17 38.40 -12.65 12.19
N LEU E 18 39.07 -11.71 12.86
CA LEU E 18 39.20 -10.36 12.33
C LEU E 18 39.93 -10.27 10.98
N PRO E 19 41.04 -11.01 10.79
CA PRO E 19 41.66 -10.97 9.46
C PRO E 19 40.75 -11.50 8.36
N ARG E 20 40.06 -12.60 8.62
CA ARG E 20 39.15 -13.20 7.64
C ARG E 20 38.07 -12.22 7.20
N PHE E 21 37.40 -11.61 8.18
CA PHE E 21 36.34 -10.64 7.91
C PHE E 21 36.91 -9.39 7.25
N LEU E 22 38.10 -8.99 7.66
CA LEU E 22 38.76 -7.81 7.12
C LEU E 22 38.99 -7.93 5.63
N ALA E 23 39.33 -9.15 5.19
CA ALA E 23 39.60 -9.41 3.78
C ALA E 23 38.35 -9.22 2.93
N GLN E 24 37.19 -9.48 3.52
CA GLN E 24 35.92 -9.31 2.82
C GLN E 24 35.43 -7.87 2.91
N PHE E 25 35.61 -7.26 4.07
CA PHE E 25 35.20 -5.89 4.30
C PHE E 25 36.01 -4.91 3.45
N ILE E 26 37.19 -5.36 3.03
CA ILE E 26 38.09 -4.53 2.24
C ILE E 26 38.01 -4.88 0.75
N ARG E 27 37.23 -5.91 0.42
CA ARG E 27 37.13 -6.41 -0.94
C ARG E 27 36.44 -5.41 -1.88
N ASP E 28 35.62 -4.53 -1.32
CA ASP E 28 34.90 -3.55 -2.12
C ASP E 28 35.10 -2.13 -1.61
N ARG E 29 36.17 -1.92 -0.86
CA ARG E 29 36.57 -0.59 -0.43
C ARG E 29 38.06 -0.39 -0.73
N PRO E 30 38.40 -0.25 -2.02
CA PRO E 30 39.78 -0.26 -2.52
C PRO E 30 40.64 0.90 -2.02
N ASN E 31 40.03 2.05 -1.75
CA ASN E 31 40.79 3.22 -1.35
C ASN E 31 40.80 3.43 0.17
N LEU E 32 40.70 2.34 0.91
CA LEU E 32 40.65 2.42 2.37
C LEU E 32 41.89 1.83 3.03
N GLN E 33 42.70 2.70 3.63
CA GLN E 33 43.83 2.26 4.43
C GLN E 33 43.32 1.69 5.75
N VAL E 34 43.75 0.49 6.09
CA VAL E 34 43.36 -0.11 7.38
C VAL E 34 44.58 -0.54 8.17
N SER E 35 44.43 -0.62 9.49
CA SER E 35 45.51 -1.00 10.38
C SER E 35 45.02 -1.94 11.47
N LEU E 36 45.44 -3.20 11.40
CA LEU E 36 45.06 -4.19 12.40
C LEU E 36 46.23 -4.50 13.33
N GLY E 38 47.73 -6.12 16.69
CA GLY E 38 47.53 -7.10 17.74
C GLY E 38 48.07 -6.58 19.05
N LEU E 39 47.21 -6.46 20.05
CA LEU E 39 47.59 -5.88 21.34
C LEU E 39 47.01 -6.65 22.52
N PRO E 40 47.67 -6.56 23.69
CA PRO E 40 47.06 -7.04 24.93
C PRO E 40 45.80 -6.26 25.25
N SER E 41 44.84 -6.92 25.90
CA SER E 41 43.52 -6.32 26.12
C SER E 41 43.59 -5.00 26.88
N SER E 42 44.54 -4.88 27.80
CA SER E 42 44.70 -3.67 28.60
C SER E 42 45.13 -2.48 27.75
N VAL E 44 44.65 -2.25 24.52
CA VAL E 44 43.59 -2.01 23.55
C VAL E 44 42.69 -0.87 24.04
N GLU E 46 43.70 1.34 26.13
CA GLU E 46 44.61 2.49 26.13
C GLU E 46 44.70 3.12 24.74
N ALA E 47 44.64 2.28 23.71
CA ALA E 47 44.72 2.75 22.34
C ALA E 47 43.42 3.39 21.90
N VAL E 48 42.30 2.86 22.40
CA VAL E 48 40.98 3.39 22.06
C VAL E 48 40.74 4.75 22.73
N ALA E 49 41.04 4.82 24.02
CA ALA E 49 40.83 6.05 24.79
C ALA E 49 41.73 7.18 24.32
N SER E 50 42.78 6.84 23.59
CA SER E 50 43.73 7.83 23.10
C SER E 50 43.40 8.30 21.69
N GLY E 51 42.58 7.51 21.00
CA GLY E 51 42.22 7.83 19.63
C GLY E 51 43.19 7.21 18.64
N ARG E 52 44.25 6.58 19.17
CA ARG E 52 45.23 5.91 18.34
C ARG E 52 44.63 4.65 17.71
N ALA E 53 43.49 4.23 18.24
CA ALA E 53 42.70 3.17 17.66
C ALA E 53 41.23 3.56 17.66
N ASP E 54 40.52 3.27 16.58
CA ASP E 54 39.11 3.61 16.47
C ASP E 54 38.23 2.50 17.05
N ILE E 55 38.54 1.26 16.69
CA ILE E 55 37.80 0.11 17.20
C ILE E 55 38.72 -0.80 18.00
N GLY E 56 38.25 -1.21 19.18
CA GLY E 56 39.03 -2.09 20.04
C GLY E 56 38.31 -3.37 20.39
N TYR E 57 39.06 -4.47 20.42
CA TYR E 57 38.52 -5.77 20.83
C TYR E 57 39.36 -6.33 21.97
N ALA E 58 38.72 -6.63 23.09
CA ALA E 58 39.44 -7.05 24.28
C ALA E 58 38.71 -8.12 25.07
N ASP E 59 39.48 -8.90 25.84
CA ASP E 59 38.90 -9.87 26.77
C ASP E 59 38.42 -9.14 28.02
N GLY E 60 37.28 -9.57 28.55
CA GLY E 60 36.72 -8.96 29.74
C GLY E 60 37.15 -9.66 31.01
N PRO E 61 36.79 -9.09 32.17
CA PRO E 61 36.08 -7.82 32.28
C PRO E 61 37.03 -6.63 32.17
N GLN E 62 36.49 -5.45 31.91
CA GLN E 62 37.30 -4.24 31.76
C GLN E 62 36.54 -3.03 32.30
N GLU E 63 37.27 -2.04 32.79
CA GLU E 63 36.65 -0.81 33.28
C GLU E 63 35.99 -0.08 32.11
N ARG E 64 34.73 0.33 32.31
CA ARG E 64 33.91 0.80 31.21
C ARG E 64 33.68 2.31 31.19
N GLN E 65 34.22 3.02 32.17
CA GLN E 65 34.03 4.46 32.25
C GLN E 65 34.71 5.17 31.09
N GLY E 66 33.90 5.81 30.24
CA GLY E 66 34.42 6.57 29.12
C GLY E 66 34.38 5.83 27.80
N PHE E 67 33.96 4.57 27.84
CA PHE E 67 33.94 3.74 26.64
C PHE E 67 32.53 3.39 26.18
N LEU E 68 32.41 3.01 24.91
CA LEU E 68 31.18 2.43 24.38
C LEU E 68 31.42 0.96 24.12
N ILE E 69 30.63 0.10 24.76
CA ILE E 69 30.90 -1.33 24.75
C ILE E 69 29.78 -2.16 24.11
N GLU E 70 30.17 -3.07 23.22
CA GLU E 70 29.29 -4.13 22.74
C GLU E 70 29.86 -5.45 23.25
N THR E 71 29.06 -6.21 23.98
CA THR E 71 29.56 -7.41 24.65
C THR E 71 29.06 -8.72 24.05
N ARG E 72 29.92 -9.73 24.09
CA ARG E 72 29.60 -11.08 23.63
C ARG E 72 30.23 -12.12 24.55
N SER E 73 29.46 -13.11 24.96
CA SER E 73 29.96 -14.14 25.87
C SER E 73 29.79 -15.53 25.26
N LEU E 74 30.90 -16.23 25.08
CA LEU E 74 30.88 -17.56 24.50
C LEU E 74 31.31 -18.61 25.52
N PRO E 75 30.61 -19.76 25.55
CA PRO E 75 30.95 -20.85 26.47
C PRO E 75 32.22 -21.57 26.06
N ALA E 76 33.05 -21.95 27.04
CA ALA E 76 34.31 -22.62 26.78
C ALA E 76 34.08 -23.98 26.13
N VAL E 77 35.02 -24.38 25.27
CA VAL E 77 34.94 -25.68 24.61
C VAL E 77 36.26 -26.44 24.72
N VAL E 78 36.17 -27.76 24.61
CA VAL E 78 37.36 -28.62 24.69
C VAL E 78 37.89 -28.92 23.29
N ALA E 79 39.13 -28.54 23.03
CA ALA E 79 39.77 -28.81 21.75
C ALA E 79 40.63 -30.06 21.83
N VAL E 80 40.34 -31.02 20.96
CA VAL E 80 41.08 -32.27 20.93
C VAL E 80 41.59 -32.55 19.51
N PRO E 81 42.66 -33.34 19.38
CA PRO E 81 43.12 -33.72 18.04
C PRO E 81 42.09 -34.56 17.30
N GLY E 83 40.21 -37.55 15.72
CA GLY E 83 40.11 -38.96 16.07
C GLY E 83 40.48 -39.25 17.51
N HIS E 84 40.44 -38.23 18.35
CA HIS E 84 40.71 -38.40 19.77
C HIS E 84 39.53 -39.08 20.47
N ARG E 85 39.80 -39.74 21.58
CA ARG E 85 38.78 -40.46 22.34
C ARG E 85 37.64 -39.55 22.79
N LEU E 86 37.95 -38.29 23.05
CA LEU E 86 36.98 -37.34 23.57
C LEU E 86 36.09 -36.75 22.48
N ALA E 87 36.46 -36.98 21.22
CA ALA E 87 35.70 -36.43 20.10
C ALA E 87 34.35 -37.11 19.93
N GLY E 88 34.18 -38.26 20.59
CA GLY E 88 32.95 -39.02 20.46
C GLY E 88 31.92 -38.71 21.53
N LEU E 89 32.26 -37.79 22.43
CA LEU E 89 31.34 -37.40 23.49
C LEU E 89 30.62 -36.10 23.15
N ASP E 90 29.33 -36.04 23.48
CA ASP E 90 28.55 -34.82 23.24
C ASP E 90 28.98 -33.72 24.19
N ARG E 91 29.21 -34.08 25.45
CA ARG E 91 29.75 -33.15 26.43
C ARG E 91 30.94 -33.75 27.14
N VAL E 92 31.94 -32.93 27.42
CA VAL E 92 33.14 -33.38 28.12
C VAL E 92 33.23 -32.80 29.52
N THR E 93 33.27 -33.67 30.51
CA THR E 93 33.39 -33.26 31.90
C THR E 93 34.86 -33.25 32.32
N PRO E 94 35.19 -32.59 33.44
CA PRO E 94 36.56 -32.65 33.95
C PRO E 94 37.05 -34.09 34.18
N GLN E 95 36.12 -34.99 34.50
CA GLN E 95 36.47 -36.38 34.78
C GLN E 95 36.84 -37.12 33.50
N ASP E 96 36.31 -36.65 32.37
CA ASP E 96 36.64 -37.21 31.07
C ASP E 96 38.06 -36.83 30.68
N LEU E 97 38.53 -35.72 31.23
CA LEU E 97 39.86 -35.20 30.94
C LEU E 97 40.93 -35.85 31.80
N ALA E 98 40.50 -36.75 32.69
CA ALA E 98 41.40 -37.40 33.63
C ALA E 98 42.47 -38.22 32.91
N GLY E 99 43.73 -37.97 33.26
CA GLY E 99 44.84 -38.72 32.71
C GLY E 99 45.30 -38.22 31.35
N GLU E 100 44.69 -37.13 30.88
CA GLU E 100 45.04 -36.57 29.58
C GLU E 100 46.16 -35.53 29.70
N ARG E 101 46.91 -35.33 28.62
CA ARG E 101 47.87 -34.24 28.55
C ARG E 101 47.15 -32.94 28.22
N ILE E 102 46.86 -32.16 29.25
CA ILE E 102 46.13 -30.91 29.08
C ILE E 102 47.07 -29.72 29.01
N ILE E 103 47.08 -29.04 27.87
CA ILE E 103 47.94 -27.89 27.65
C ILE E 103 47.54 -26.72 28.55
N LYS E 104 48.40 -26.40 29.52
CA LYS E 104 48.13 -25.33 30.47
C LYS E 104 48.34 -23.96 29.83
N GLN E 105 47.24 -23.23 29.64
CA GLN E 105 47.28 -21.91 29.04
C GLN E 105 47.43 -20.81 30.09
N GLU E 106 48.65 -20.32 30.26
CA GLU E 106 48.90 -19.21 31.16
C GLU E 106 48.97 -17.91 30.36
N THR E 107 47.81 -17.43 29.94
CA THR E 107 47.73 -16.27 29.07
C THR E 107 47.40 -14.98 29.84
N GLY E 108 46.89 -15.14 31.06
CA GLY E 108 46.63 -14.00 31.92
C GLY E 108 45.20 -13.48 31.87
N THR E 109 44.37 -14.08 31.01
CA THR E 109 42.96 -13.72 30.94
C THR E 109 42.22 -14.36 32.12
N LEU E 110 41.16 -13.69 32.60
CA LEU E 110 40.35 -14.23 33.68
C LEU E 110 39.73 -15.56 33.25
N PHE E 111 39.39 -15.64 31.97
CA PHE E 111 38.85 -16.86 31.38
C PHE E 111 39.81 -18.04 31.57
N ALA E 112 41.06 -17.84 31.16
CA ALA E 112 42.08 -18.89 31.25
C ALA E 112 42.36 -19.26 32.70
N ARG E 114 39.99 -19.00 35.24
CA ARG E 114 38.80 -19.73 35.67
C ARG E 114 38.76 -21.13 35.08
N VAL E 115 39.28 -21.27 33.86
CA VAL E 115 39.38 -22.57 33.22
C VAL E 115 40.34 -23.47 33.99
N GLU E 116 41.49 -22.92 34.36
CA GLU E 116 42.54 -23.67 35.06
C GLU E 116 42.11 -24.08 36.46
N VAL E 117 41.25 -23.28 37.09
CA VAL E 117 40.77 -23.58 38.43
C VAL E 117 39.74 -24.72 38.39
N ALA E 118 38.84 -24.66 37.42
CA ALA E 118 37.81 -25.68 37.25
C ALA E 118 38.43 -27.05 36.93
N ILE E 119 39.66 -27.02 36.46
CA ILE E 119 40.38 -28.24 36.10
C ILE E 119 41.26 -28.71 37.26
N GLY E 120 41.37 -27.85 38.27
CA GLY E 120 42.27 -28.05 39.40
C GLY E 120 42.30 -29.41 40.08
N GLY E 121 41.16 -30.09 40.18
CA GLY E 121 41.10 -31.35 40.88
C GLY E 121 41.47 -32.55 40.04
N ILE E 122 41.67 -32.32 38.75
CA ILE E 122 41.91 -33.39 37.79
C ILE E 122 43.37 -33.81 37.72
N GLN E 123 43.61 -35.11 37.79
CA GLN E 123 44.95 -35.67 37.62
C GLN E 123 45.37 -35.58 36.15
N ARG E 124 46.50 -34.94 35.90
CA ARG E 124 46.94 -34.69 34.53
C ARG E 124 48.39 -35.10 34.32
N ARG E 125 48.69 -35.58 33.11
CA ARG E 125 50.06 -35.92 32.73
C ARG E 125 50.93 -34.67 32.73
N PRO E 126 52.27 -34.84 32.77
CA PRO E 126 53.20 -33.71 32.65
C PRO E 126 52.83 -32.77 31.52
N SER E 127 52.59 -31.51 31.86
CA SER E 127 51.95 -30.57 30.93
C SER E 127 52.92 -29.93 29.95
N ILE E 128 52.36 -29.37 28.89
CA ILE E 128 53.03 -28.34 28.12
C ILE E 128 52.44 -27.00 28.55
N GLU E 129 53.29 -26.11 29.05
CA GLU E 129 52.81 -24.80 29.48
C GLU E 129 53.09 -23.74 28.43
N VAL E 130 52.05 -23.03 28.03
CA VAL E 130 52.19 -21.97 27.03
C VAL E 130 51.62 -20.64 27.54
N SER E 131 51.99 -19.55 26.88
CA SER E 131 51.53 -18.23 27.26
C SER E 131 50.59 -17.62 26.22
N LEU E 132 50.47 -18.30 25.09
CA LEU E 132 49.61 -17.85 24.00
C LEU E 132 48.62 -18.94 23.62
N SER E 133 47.35 -18.55 23.47
CA SER E 133 46.30 -19.49 23.12
C SER E 133 46.50 -20.08 21.73
N HIS E 134 47.23 -19.36 20.89
CA HIS E 134 47.55 -19.83 19.56
C HIS E 134 48.50 -21.02 19.63
N THR E 135 49.44 -20.97 20.57
CA THR E 135 50.41 -22.04 20.75
C THR E 135 49.73 -23.31 21.25
N ALA E 136 48.74 -23.15 22.11
CA ALA E 136 47.95 -24.27 22.63
C ALA E 136 47.20 -24.96 21.50
N LEU E 137 46.59 -24.16 20.64
CA LEU E 137 45.84 -24.68 19.50
C LEU E 137 46.75 -25.38 18.50
N SER E 138 47.93 -24.82 18.29
CA SER E 138 48.92 -25.42 17.40
C SER E 138 49.32 -26.80 17.90
N LEU E 139 49.53 -26.90 19.22
CA LEU E 139 49.94 -28.15 19.84
C LEU E 139 48.83 -29.20 19.78
N VAL E 140 47.58 -28.76 19.92
CA VAL E 140 46.45 -29.67 19.80
C VAL E 140 46.38 -30.22 18.37
N ARG E 141 46.57 -29.34 17.41
CA ARG E 141 46.55 -29.70 16.00
C ARG E 141 47.64 -30.71 15.68
N GLU E 142 48.79 -30.56 16.34
CA GLU E 142 49.90 -31.48 16.14
C GLU E 142 49.75 -32.72 17.04
N GLY E 143 48.63 -32.79 17.75
CA GLY E 143 48.31 -33.94 18.57
C GLY E 143 49.16 -34.03 19.83
N ALA E 144 49.65 -32.90 20.30
CA ALA E 144 50.52 -32.86 21.47
C ALA E 144 49.74 -32.77 22.78
N GLY E 145 48.42 -32.68 22.69
CA GLY E 145 47.60 -32.66 23.89
C GLY E 145 46.21 -32.07 23.73
N ILE E 146 45.61 -31.72 24.86
CA ILE E 146 44.26 -31.18 24.90
C ILE E 146 44.27 -29.75 25.47
N ALA E 147 43.30 -28.95 25.08
CA ALA E 147 43.19 -27.58 25.61
C ALA E 147 41.74 -27.12 25.68
N ILE E 148 41.47 -26.19 26.60
CA ILE E 148 40.14 -25.61 26.76
C ILE E 148 40.21 -24.12 26.48
N ILE E 149 39.58 -23.69 25.38
CA ILE E 149 39.70 -22.32 24.91
C ILE E 149 38.37 -21.67 24.56
N ASP E 150 38.41 -20.39 24.26
CA ASP E 150 37.26 -19.69 23.68
C ASP E 150 37.08 -20.16 22.25
N PRO E 151 35.85 -20.55 21.89
CA PRO E 151 35.55 -21.15 20.59
C PRO E 151 35.73 -20.19 19.41
N ALA E 152 35.87 -18.90 19.69
CA ALA E 152 36.08 -17.91 18.63
C ALA E 152 37.53 -17.87 18.19
N ALA E 153 38.43 -18.34 19.06
CA ALA E 153 39.85 -18.38 18.74
C ALA E 153 40.21 -19.69 18.06
N ALA E 154 39.52 -20.77 18.45
CA ALA E 154 39.79 -22.10 17.93
C ALA E 154 39.17 -22.34 16.56
N ILE E 155 38.32 -21.41 16.13
CA ILE E 155 37.52 -21.62 14.92
C ILE E 155 38.35 -21.70 13.64
N GLU E 156 39.61 -21.30 13.72
CA GLU E 156 40.49 -21.31 12.55
C GLU E 156 41.31 -22.59 12.44
N PHE E 157 41.37 -23.34 13.54
CA PHE E 157 42.10 -24.60 13.57
C PHE E 157 41.14 -25.78 13.36
N THR E 158 39.88 -25.46 13.13
CA THR E 158 38.81 -26.45 13.11
C THR E 158 38.90 -27.46 11.96
N ASP E 159 39.79 -27.21 11.03
CA ASP E 159 39.97 -28.13 9.90
C ASP E 159 40.67 -29.42 10.29
N ARG E 160 41.43 -29.38 11.39
CA ARG E 160 42.20 -30.54 11.81
C ARG E 160 42.09 -30.82 13.31
N ILE E 161 41.21 -30.10 14.00
CA ILE E 161 40.91 -30.39 15.40
C ILE E 161 39.42 -30.51 15.61
N VAL E 162 39.04 -31.04 16.78
CA VAL E 162 37.63 -31.26 17.10
C VAL E 162 37.24 -30.45 18.35
N LEU E 163 36.11 -29.76 18.27
CA LEU E 163 35.61 -28.98 19.40
C LEU E 163 34.42 -29.67 20.06
N ARG E 164 34.42 -29.66 21.40
CA ARG E 164 33.32 -30.26 22.16
C ARG E 164 32.95 -29.39 23.34
N PRO E 165 31.64 -29.32 23.66
CA PRO E 165 31.13 -28.57 24.80
C PRO E 165 31.74 -29.00 26.13
N PHE E 166 32.12 -28.03 26.96
CA PHE E 166 32.66 -28.32 28.28
C PHE E 166 31.53 -28.28 29.30
N SER E 167 31.43 -29.32 30.13
CA SER E 167 30.33 -29.47 31.07
C SER E 167 30.28 -28.33 32.10
N ILE E 168 31.46 -27.86 32.51
CA ILE E 168 31.54 -26.73 33.42
C ILE E 168 31.33 -25.42 32.65
N PHE E 169 30.35 -24.64 33.09
CA PHE E 169 30.00 -23.41 32.39
C PHE E 169 30.96 -22.27 32.71
N ILE E 170 31.77 -21.89 31.71
CA ILE E 170 32.67 -20.74 31.84
C ILE E 170 32.52 -19.84 30.62
N ASP E 171 32.11 -18.59 30.86
CA ASP E 171 31.86 -17.64 29.78
C ASP E 171 33.12 -16.87 29.39
N ALA E 172 33.36 -16.77 28.08
CA ALA E 172 34.45 -15.95 27.57
C ALA E 172 33.90 -14.63 27.05
N GLU E 173 34.07 -13.58 27.83
CA GLU E 173 33.50 -12.27 27.50
C GLU E 173 34.36 -11.49 26.51
N PHE E 174 33.76 -11.12 25.38
CA PHE E 174 34.44 -10.32 24.38
C PHE E 174 33.83 -8.93 24.32
N LEU E 175 34.69 -7.91 24.22
CA LEU E 175 34.22 -6.53 24.24
C LEU E 175 34.65 -5.74 23.01
N GLU E 176 33.66 -5.26 22.26
CA GLU E 176 33.92 -4.28 21.22
C GLU E 176 34.01 -2.90 21.87
N VAL E 177 35.20 -2.33 21.88
CA VAL E 177 35.43 -1.10 22.63
C VAL E 177 35.56 0.14 21.72
N ARG E 178 34.79 1.17 22.05
CA ARG E 178 34.85 2.43 21.33
C ARG E 178 34.91 3.58 22.32
N SER E 179 35.34 4.74 21.85
CA SER E 179 35.45 5.93 22.71
C SER E 179 34.16 6.75 22.67
N ALA E 180 33.64 7.06 23.85
CA ALA E 180 32.42 7.87 23.95
C ALA E 180 32.69 9.30 23.49
N ILE E 181 33.92 9.76 23.68
CA ILE E 181 34.33 11.10 23.28
C ILE E 181 34.36 11.25 21.76
N GLY E 182 34.86 10.22 21.08
CA GLY E 182 35.10 10.26 19.65
C GLY E 182 33.90 10.63 18.79
N ALA E 183 34.19 11.15 17.60
CA ALA E 183 33.16 11.53 16.64
C ALA E 183 32.69 10.31 15.84
N PRO E 184 31.43 10.31 15.42
CA PRO E 184 30.88 9.18 14.65
C PRO E 184 31.51 9.04 13.28
N SER E 185 31.52 7.80 12.77
CA SER E 185 32.03 7.52 11.44
C SER E 185 31.16 6.46 10.76
N THR E 186 30.87 6.69 9.48
CA THR E 186 30.00 5.80 8.71
C THR E 186 30.64 4.45 8.43
N ILE E 187 31.97 4.41 8.47
CA ILE E 187 32.69 3.18 8.14
C ILE E 187 33.02 2.39 9.42
N VAL E 188 33.05 3.09 10.55
CA VAL E 188 33.36 2.44 11.82
C VAL E 188 32.13 1.74 12.37
N ASP E 189 30.98 2.42 12.28
CA ASP E 189 29.71 1.83 12.68
C ASP E 189 29.36 0.66 11.77
N ARG E 190 29.75 0.78 10.51
CA ARG E 190 29.46 -0.24 9.52
C ARG E 190 30.32 -1.48 9.73
N PHE E 191 31.59 -1.28 10.08
CA PHE E 191 32.50 -2.40 10.33
C PHE E 191 32.06 -3.20 11.55
N THR E 192 31.79 -2.49 12.65
CA THR E 192 31.46 -3.12 13.92
C THR E 192 30.20 -3.97 13.86
N THR E 193 29.13 -3.40 13.32
CA THR E 193 27.85 -4.10 13.20
C THR E 193 27.98 -5.30 12.25
N GLU E 194 28.72 -5.11 11.17
CA GLU E 194 28.90 -6.15 10.17
C GLU E 194 29.72 -7.32 10.73
N PHE E 195 30.75 -7.01 11.51
CA PHE E 195 31.62 -8.04 12.06
C PHE E 195 30.90 -8.95 13.03
N TRP E 196 30.01 -8.38 13.84
CA TRP E 196 29.26 -9.17 14.82
C TRP E 196 28.34 -10.16 14.13
N ARG E 197 27.80 -9.78 12.97
CA ARG E 197 26.95 -10.69 12.21
C ARG E 197 27.79 -11.78 11.56
N PHE E 198 28.97 -11.40 11.05
CA PHE E 198 29.92 -12.38 10.52
C PHE E 198 30.35 -13.33 11.63
N HIS E 199 30.50 -12.77 12.83
CA HIS E 199 30.87 -13.56 14.00
C HIS E 199 29.72 -14.45 14.44
N ASP E 200 28.54 -13.86 14.64
CA ASP E 200 27.37 -14.59 15.12
C ASP E 200 26.98 -15.74 14.20
N ASP E 201 27.03 -15.49 12.89
CA ASP E 201 26.66 -16.51 11.91
C ASP E 201 27.62 -17.69 11.92
N LEU E 202 28.91 -17.40 12.04
CA LEU E 202 29.93 -18.44 12.03
C LEU E 202 29.87 -19.28 13.31
N LYS E 204 27.11 -19.68 15.15
CA LYS E 204 25.83 -20.35 15.24
C LYS E 204 25.80 -21.61 14.36
N GLN E 205 26.62 -21.62 13.32
CA GLN E 205 26.70 -22.75 12.40
C GLN E 205 27.29 -23.98 13.09
N ASN E 206 28.22 -23.74 14.00
CA ASN E 206 28.92 -24.82 14.68
C ASN E 206 28.33 -25.13 16.05
N GLY E 207 27.13 -24.63 16.30
CA GLY E 207 26.42 -24.88 17.54
C GLY E 207 27.19 -24.40 18.76
N LEU E 208 27.72 -23.18 18.67
CA LEU E 208 28.51 -22.62 19.76
C LEU E 208 27.88 -21.34 20.31
N ASN F 2 66.60 -31.60 35.01
CA ASN F 2 66.94 -32.13 33.70
C ASN F 2 65.71 -32.72 33.00
N ALA F 3 64.61 -32.80 33.75
CA ALA F 3 63.33 -33.17 33.18
C ALA F 3 62.54 -31.91 32.88
N THR F 4 63.23 -30.77 32.97
CA THR F 4 62.63 -29.46 32.75
C THR F 4 63.18 -28.80 31.50
N LEU F 5 62.30 -28.14 30.75
CA LEU F 5 62.69 -27.48 29.51
C LEU F 5 61.87 -26.22 29.28
N ARG F 6 62.45 -25.07 29.64
CA ARG F 6 61.76 -23.79 29.52
C ARG F 6 62.21 -23.02 28.28
N ILE F 7 61.28 -22.84 27.34
CA ILE F 7 61.59 -22.23 26.06
C ILE F 7 60.90 -20.89 25.87
N ALA F 8 61.68 -19.86 25.57
CA ALA F 8 61.13 -18.57 25.19
C ALA F 8 61.47 -18.27 23.74
N ALA F 9 60.52 -17.71 23.00
CA ALA F 9 60.74 -17.47 21.58
C ALA F 9 59.78 -16.43 21.01
N PRO F 11 56.98 -15.05 18.79
CA PRO F 11 55.73 -15.71 18.37
C PRO F 11 55.76 -16.29 16.97
N ALA F 12 56.62 -15.77 16.10
CA ALA F 12 56.80 -16.32 14.76
C ALA F 12 57.17 -17.80 14.80
N LEU F 13 58.23 -18.10 15.53
CA LEU F 13 58.66 -19.48 15.72
C LEU F 13 57.77 -20.19 16.74
N ALA F 14 57.35 -19.45 17.75
CA ALA F 14 56.60 -20.03 18.87
C ALA F 14 55.22 -20.54 18.47
N ASN F 15 54.68 -20.02 17.37
CA ASN F 15 53.34 -20.40 16.93
C ASN F 15 53.35 -21.30 15.70
N GLY F 16 54.54 -21.63 15.20
CA GLY F 16 54.66 -22.42 14.00
C GLY F 16 55.57 -23.63 14.12
N LEU F 17 56.86 -23.41 13.89
CA LEU F 17 57.84 -24.50 13.86
C LEU F 17 58.03 -25.16 15.23
N LEU F 18 58.10 -24.34 16.27
CA LEU F 18 58.34 -24.84 17.63
C LEU F 18 57.28 -25.84 18.12
N PRO F 19 55.98 -25.50 18.02
CA PRO F 19 55.01 -26.49 18.49
C PRO F 19 54.98 -27.74 17.60
N ARG F 20 55.35 -27.57 16.33
CA ARG F 20 55.38 -28.68 15.39
C ARG F 20 56.50 -29.66 15.74
N PHE F 21 57.66 -29.12 16.10
CA PHE F 21 58.79 -29.97 16.50
C PHE F 21 58.59 -30.52 17.90
N LEU F 22 58.01 -29.70 18.78
CA LEU F 22 57.80 -30.08 20.16
C LEU F 22 56.92 -31.32 20.29
N ALA F 23 55.93 -31.42 19.42
CA ALA F 23 55.02 -32.55 19.41
C ALA F 23 55.75 -33.85 19.10
N GLN F 24 56.83 -33.73 18.32
CA GLN F 24 57.64 -34.88 17.95
C GLN F 24 58.64 -35.22 19.04
N PHE F 25 59.26 -34.18 19.60
CA PHE F 25 60.28 -34.33 20.64
C PHE F 25 59.72 -34.96 21.91
N ILE F 26 58.41 -34.87 22.08
CA ILE F 26 57.79 -35.23 23.35
C ILE F 26 57.42 -36.73 23.42
N ARG F 27 57.23 -37.35 22.26
CA ARG F 27 56.66 -38.69 22.16
C ARG F 27 57.29 -39.76 23.06
N ASP F 28 58.62 -39.86 23.09
CA ASP F 28 59.28 -40.86 23.92
C ASP F 28 59.80 -40.27 25.23
N ARG F 29 59.25 -39.12 25.62
CA ARG F 29 59.65 -38.45 26.86
C ARG F 29 58.44 -38.06 27.70
N PRO F 30 57.81 -39.04 28.37
CA PRO F 30 56.59 -38.81 29.14
C PRO F 30 56.79 -37.93 30.38
N ASN F 31 57.99 -37.96 30.95
CA ASN F 31 58.25 -37.21 32.17
C ASN F 31 58.64 -35.75 31.91
N LEU F 32 58.96 -35.45 30.66
CA LEU F 32 59.42 -34.12 30.28
C LEU F 32 58.34 -33.05 30.48
N GLN F 33 58.70 -32.00 31.21
CA GLN F 33 57.81 -30.87 31.42
C GLN F 33 58.31 -29.67 30.59
N VAL F 34 57.50 -29.23 29.63
CA VAL F 34 57.92 -28.21 28.68
C VAL F 34 57.19 -26.90 28.87
N SER F 35 57.94 -25.80 28.78
CA SER F 35 57.38 -24.45 28.86
C SER F 35 57.66 -23.69 27.58
N LEU F 36 56.61 -23.34 26.84
CA LEU F 36 56.76 -22.62 25.59
C LEU F 36 56.14 -21.22 25.68
N GLY F 38 55.69 -17.39 24.38
CA GLY F 38 55.77 -16.53 23.21
C GLY F 38 56.01 -15.08 23.60
N LEU F 39 57.25 -14.62 23.42
CA LEU F 39 57.65 -13.29 23.87
C LEU F 39 58.32 -12.50 22.76
N PRO F 40 58.29 -11.16 22.86
CA PRO F 40 59.08 -10.33 21.95
C PRO F 40 60.56 -10.65 22.06
N SER F 41 61.32 -10.47 20.98
CA SER F 41 62.74 -10.80 20.97
C SER F 41 63.50 -10.13 22.11
N SER F 42 63.10 -8.92 22.46
CA SER F 42 63.70 -8.22 23.59
C SER F 42 63.44 -8.95 24.90
N VAL F 44 62.69 -12.08 25.18
CA VAL F 44 63.32 -13.38 25.08
C VAL F 44 64.73 -13.36 25.69
N GLU F 46 65.87 -11.32 27.90
CA GLU F 46 65.76 -11.13 29.34
C GLU F 46 65.46 -12.45 30.05
N ALA F 47 64.64 -13.28 29.42
CA ALA F 47 64.25 -14.57 30.01
C ALA F 47 65.46 -15.49 30.16
N VAL F 48 66.29 -15.54 29.12
CA VAL F 48 67.50 -16.36 29.15
C VAL F 48 68.51 -15.80 30.14
N ALA F 49 68.66 -14.48 30.13
CA ALA F 49 69.63 -13.81 31.00
C ALA F 49 69.28 -13.96 32.47
N SER F 50 68.00 -13.90 32.79
CA SER F 50 67.55 -13.96 34.18
C SER F 50 67.34 -15.39 34.65
N GLY F 51 67.28 -16.33 33.72
CA GLY F 51 67.12 -17.73 34.06
C GLY F 51 65.66 -18.16 34.13
N ARG F 52 64.78 -17.37 33.52
CA ARG F 52 63.38 -17.73 33.44
C ARG F 52 63.17 -18.75 32.33
N ALA F 53 64.07 -18.74 31.36
CA ALA F 53 64.05 -19.70 30.26
C ALA F 53 65.41 -20.37 30.10
N ASP F 54 65.40 -21.66 29.81
CA ASP F 54 66.63 -22.41 29.61
C ASP F 54 67.17 -22.20 28.20
N ILE F 55 66.28 -21.87 27.29
CA ILE F 55 66.65 -21.68 25.89
C ILE F 55 65.75 -20.63 25.24
N GLY F 56 66.36 -19.73 24.48
CA GLY F 56 65.63 -18.65 23.83
C GLY F 56 65.78 -18.65 22.32
N TYR F 57 64.75 -18.16 21.64
CA TYR F 57 64.79 -18.00 20.19
C TYR F 57 64.34 -16.59 19.81
N ALA F 58 65.26 -15.81 19.24
CA ALA F 58 64.98 -14.41 18.96
C ALA F 58 65.40 -14.01 17.55
N ASP F 59 64.85 -12.90 17.07
CA ASP F 59 65.23 -12.34 15.77
C ASP F 59 66.56 -11.60 15.90
N GLY F 60 67.39 -11.69 14.87
CA GLY F 60 68.63 -10.94 14.84
C GLY F 60 68.36 -9.53 14.34
N PRO F 61 69.30 -8.61 14.60
CA PRO F 61 70.52 -8.84 15.38
C PRO F 61 70.28 -8.64 16.87
N GLN F 62 71.24 -9.06 17.70
CA GLN F 62 71.08 -8.94 19.14
C GLN F 62 72.42 -8.83 19.85
N GLU F 63 72.40 -8.23 21.03
CA GLU F 63 73.60 -8.12 21.86
C GLU F 63 74.03 -9.51 22.32
N ARG F 64 75.29 -9.87 22.06
CA ARG F 64 75.74 -11.24 22.23
C ARG F 64 76.55 -11.49 23.51
N GLN F 65 76.91 -10.41 24.20
CA GLN F 65 77.71 -10.54 25.42
C GLN F 65 76.94 -11.25 26.52
N GLY F 66 77.45 -12.40 26.94
CA GLY F 66 76.83 -13.17 28.01
C GLY F 66 75.96 -14.30 27.52
N PHE F 67 75.92 -14.48 26.20
CA PHE F 67 75.07 -15.50 25.59
C PHE F 67 75.85 -16.45 24.69
N LEU F 68 75.43 -17.70 24.67
CA LEU F 68 75.90 -18.65 23.67
C LEU F 68 74.89 -18.68 22.53
N ILE F 69 75.36 -18.43 21.31
CA ILE F 69 74.44 -18.17 20.21
C ILE F 69 74.68 -19.01 18.96
N GLU F 70 73.61 -19.64 18.47
CA GLU F 70 73.60 -20.31 17.17
C GLU F 70 72.64 -19.57 16.24
N THR F 71 73.08 -19.35 14.99
CA THR F 71 72.30 -18.54 14.07
C THR F 71 71.89 -19.27 12.78
N ARG F 72 70.77 -18.85 12.21
CA ARG F 72 70.34 -19.30 10.90
C ARG F 72 69.84 -18.11 10.10
N SER F 73 70.22 -18.05 8.82
CA SER F 73 69.80 -16.95 7.96
C SER F 73 69.17 -17.47 6.67
N LEU F 74 67.89 -17.16 6.48
CA LEU F 74 67.16 -17.58 5.29
C LEU F 74 66.71 -16.38 4.48
N PRO F 75 66.92 -16.45 3.15
CA PRO F 75 66.54 -15.37 2.23
C PRO F 75 65.05 -15.04 2.25
N ALA F 76 64.70 -13.82 1.89
CA ALA F 76 63.32 -13.37 1.89
C ALA F 76 62.53 -14.02 0.77
N VAL F 77 61.28 -14.40 1.06
CA VAL F 77 60.39 -14.96 0.05
C VAL F 77 59.14 -14.11 -0.10
N VAL F 78 58.55 -14.14 -1.28
CA VAL F 78 57.32 -13.38 -1.54
C VAL F 78 56.11 -14.32 -1.51
N ALA F 79 55.19 -14.05 -0.60
CA ALA F 79 54.00 -14.88 -0.45
C ALA F 79 52.83 -14.31 -1.26
N VAL F 80 52.33 -15.12 -2.20
CA VAL F 80 51.21 -14.71 -3.04
C VAL F 80 50.09 -15.76 -2.96
N PRO F 81 48.83 -15.31 -3.12
CA PRO F 81 47.72 -16.27 -3.16
C PRO F 81 47.81 -17.18 -4.37
N GLY F 83 47.31 -18.98 -7.81
CA GLY F 83 46.84 -18.53 -9.10
C GLY F 83 47.22 -17.11 -9.42
N HIS F 84 47.87 -16.44 -8.48
CA HIS F 84 48.34 -15.06 -8.70
C HIS F 84 49.39 -15.06 -9.80
N ARG F 85 49.45 -13.96 -10.56
CA ARG F 85 50.35 -13.87 -11.71
C ARG F 85 51.81 -14.01 -11.31
N LEU F 86 52.12 -13.63 -10.06
CA LEU F 86 53.49 -13.67 -9.56
C LEU F 86 53.98 -15.10 -9.37
N ALA F 87 53.06 -16.05 -9.40
CA ALA F 87 53.43 -17.47 -9.31
C ALA F 87 53.99 -17.96 -10.64
N GLY F 88 53.78 -17.17 -11.69
CA GLY F 88 54.28 -17.52 -13.02
C GLY F 88 55.70 -17.05 -13.23
N LEU F 89 56.34 -16.61 -12.16
CA LEU F 89 57.72 -16.14 -12.20
C LEU F 89 58.61 -17.03 -11.36
N ASP F 90 59.92 -16.95 -11.60
CA ASP F 90 60.89 -17.68 -10.79
C ASP F 90 61.31 -16.82 -9.60
N ARG F 91 61.87 -15.65 -9.88
CA ARG F 91 62.21 -14.69 -8.84
C ARG F 91 61.28 -13.48 -8.95
N VAL F 92 61.01 -12.83 -7.83
CA VAL F 92 60.11 -11.69 -7.81
C VAL F 92 60.87 -10.41 -7.52
N THR F 93 60.95 -9.52 -8.50
CA THR F 93 61.61 -8.24 -8.31
C THR F 93 60.63 -7.23 -7.72
N PRO F 94 61.15 -6.15 -7.11
CA PRO F 94 60.29 -5.10 -6.56
C PRO F 94 59.39 -4.46 -7.60
N GLN F 95 59.85 -4.35 -8.84
CA GLN F 95 59.05 -3.73 -9.89
C GLN F 95 57.89 -4.64 -10.31
N ASP F 96 58.01 -5.94 -10.02
CA ASP F 96 56.92 -6.88 -10.25
C ASP F 96 55.76 -6.62 -9.31
N LEU F 97 56.04 -5.95 -8.20
CA LEU F 97 55.06 -5.70 -7.15
C LEU F 97 54.28 -4.42 -7.37
N ALA F 98 54.59 -3.71 -8.46
CA ALA F 98 53.92 -2.45 -8.78
C ALA F 98 52.43 -2.66 -9.02
N GLY F 99 51.61 -1.93 -8.29
CA GLY F 99 50.17 -2.02 -8.45
C GLY F 99 49.53 -3.04 -7.55
N GLU F 100 50.34 -3.82 -6.85
CA GLU F 100 49.86 -4.86 -5.95
C GLU F 100 49.50 -4.31 -4.58
N ARG F 101 48.70 -5.07 -3.84
CA ARG F 101 48.41 -4.75 -2.45
C ARG F 101 49.43 -5.42 -1.54
N ILE F 102 50.46 -4.67 -1.15
CA ILE F 102 51.52 -5.21 -0.32
C ILE F 102 51.24 -4.96 1.16
N ILE F 103 50.97 -6.04 1.90
CA ILE F 103 50.63 -5.95 3.30
C ILE F 103 51.82 -5.53 4.15
N LYS F 104 51.75 -4.32 4.69
CA LYS F 104 52.81 -3.79 5.55
C LYS F 104 52.84 -4.53 6.89
N GLN F 105 54.06 -4.82 7.35
CA GLN F 105 54.21 -5.58 8.59
C GLN F 105 55.01 -4.82 9.64
N GLU F 106 54.30 -4.30 10.64
CA GLU F 106 54.94 -3.63 11.76
C GLU F 106 55.31 -4.63 12.84
N THR F 107 56.28 -5.48 12.55
CA THR F 107 56.72 -6.52 13.47
C THR F 107 57.84 -6.03 14.38
N GLY F 108 58.55 -4.99 13.94
CA GLY F 108 59.63 -4.42 14.72
C GLY F 108 60.96 -5.09 14.47
N THR F 109 60.97 -6.07 13.57
CA THR F 109 62.19 -6.79 13.22
C THR F 109 63.01 -6.02 12.19
N LEU F 110 64.32 -6.24 12.20
CA LEU F 110 65.21 -5.61 11.22
C LEU F 110 64.84 -6.06 9.82
N PHE F 111 64.52 -7.35 9.68
CA PHE F 111 64.13 -7.93 8.40
C PHE F 111 62.95 -7.18 7.78
N ALA F 112 61.91 -6.97 8.58
CA ALA F 112 60.72 -6.27 8.11
C ALA F 112 61.05 -4.84 7.69
N ARG F 114 64.09 -3.73 6.62
CA ARG F 114 64.91 -3.78 5.41
C ARG F 114 64.06 -4.07 4.18
N VAL F 115 63.03 -4.90 4.35
CA VAL F 115 62.11 -5.23 3.28
C VAL F 115 61.30 -4.01 2.86
N GLU F 116 60.81 -3.26 3.84
CA GLU F 116 60.03 -2.06 3.57
C GLU F 116 60.82 -1.03 2.79
N VAL F 117 62.13 -0.97 3.05
CA VAL F 117 63.01 -0.05 2.35
C VAL F 117 63.21 -0.49 0.91
N ALA F 118 63.30 -1.80 0.69
CA ALA F 118 63.54 -2.36 -0.63
C ALA F 118 62.37 -2.09 -1.58
N ILE F 119 61.19 -1.86 -1.02
CA ILE F 119 59.98 -1.61 -1.80
C ILE F 119 59.59 -0.14 -1.67
N GLY F 120 60.51 0.66 -1.14
CA GLY F 120 60.27 2.07 -0.90
C GLY F 120 59.93 2.89 -2.14
N GLY F 121 60.40 2.46 -3.30
CA GLY F 121 60.18 3.20 -4.53
C GLY F 121 58.99 2.71 -5.33
N ILE F 122 58.39 1.61 -4.90
CA ILE F 122 57.29 0.98 -5.62
C ILE F 122 55.94 1.62 -5.29
N GLN F 123 55.16 1.93 -6.32
CA GLN F 123 53.82 2.45 -6.14
C GLN F 123 52.83 1.33 -5.86
N ARG F 124 52.14 1.42 -4.72
CA ARG F 124 51.22 0.36 -4.31
C ARG F 124 49.81 0.88 -4.07
N ARG F 125 48.88 -0.05 -3.87
CA ARG F 125 47.50 0.28 -3.51
C ARG F 125 47.44 0.64 -2.03
N PRO F 126 46.35 1.30 -1.58
CA PRO F 126 46.13 1.62 -0.17
C PRO F 126 46.43 0.46 0.77
N SER F 127 47.28 0.71 1.77
CA SER F 127 47.89 -0.37 2.54
C SER F 127 46.98 -1.06 3.53
N ILE F 128 47.41 -2.26 3.92
CA ILE F 128 46.88 -2.94 5.08
C ILE F 128 48.04 -3.17 6.06
N GLU F 129 47.94 -2.59 7.25
CA GLU F 129 48.99 -2.75 8.25
C GLU F 129 48.66 -3.83 9.27
N VAL F 130 49.61 -4.73 9.49
CA VAL F 130 49.49 -5.77 10.51
C VAL F 130 50.71 -5.77 11.40
N SER F 131 50.55 -6.26 12.63
CA SER F 131 51.65 -6.28 13.59
C SER F 131 52.26 -7.67 13.71
N LEU F 132 51.58 -8.67 13.15
CA LEU F 132 52.07 -10.05 13.17
C LEU F 132 52.34 -10.55 11.75
N SER F 133 53.40 -11.33 11.59
CA SER F 133 53.73 -11.95 10.32
C SER F 133 52.68 -12.99 9.95
N HIS F 134 52.19 -13.71 10.96
CA HIS F 134 51.16 -14.72 10.77
C HIS F 134 49.86 -14.10 10.29
N THR F 135 49.57 -12.90 10.77
CA THR F 135 48.35 -12.20 10.38
C THR F 135 48.41 -11.78 8.90
N ALA F 136 49.60 -11.41 8.45
CA ALA F 136 49.82 -11.03 7.06
C ALA F 136 49.55 -12.20 6.12
N LEU F 137 50.06 -13.38 6.51
CA LEU F 137 49.91 -14.59 5.70
C LEU F 137 48.46 -15.03 5.62
N SER F 138 47.71 -14.82 6.69
CA SER F 138 46.30 -15.15 6.72
C SER F 138 45.53 -14.32 5.71
N LEU F 139 45.91 -13.06 5.59
CA LEU F 139 45.28 -12.15 4.62
C LEU F 139 45.65 -12.56 3.20
N VAL F 140 46.87 -13.03 3.02
CA VAL F 140 47.33 -13.50 1.71
C VAL F 140 46.57 -14.75 1.30
N ARG F 141 46.39 -15.66 2.25
CA ARG F 141 45.60 -16.87 2.04
C ARG F 141 44.18 -16.52 1.60
N GLU F 142 43.64 -15.47 2.21
CA GLU F 142 42.29 -15.01 1.90
C GLU F 142 42.27 -14.26 0.57
N GLY F 143 43.46 -13.98 0.05
CA GLY F 143 43.60 -13.32 -1.24
C GLY F 143 43.47 -11.81 -1.15
N ALA F 144 43.76 -11.27 0.04
CA ALA F 144 43.62 -9.84 0.28
C ALA F 144 44.85 -9.05 -0.19
N GLY F 145 45.94 -9.75 -0.46
CA GLY F 145 47.13 -9.09 -0.96
C GLY F 145 48.41 -9.92 -0.96
N ILE F 146 49.53 -9.24 -1.09
CA ILE F 146 50.84 -9.87 -1.15
C ILE F 146 51.65 -9.52 0.10
N ALA F 147 52.55 -10.42 0.50
CA ALA F 147 53.40 -10.16 1.65
C ALA F 147 54.81 -10.71 1.44
N ILE F 148 55.80 -9.95 1.88
CA ILE F 148 57.19 -10.39 1.87
C ILE F 148 57.62 -10.81 3.27
N ILE F 149 57.99 -12.07 3.43
CA ILE F 149 58.31 -12.61 4.75
C ILE F 149 59.46 -13.60 4.74
N ASP F 150 59.77 -14.15 5.90
CA ASP F 150 60.78 -15.19 6.04
C ASP F 150 60.14 -16.56 5.87
N PRO F 151 60.89 -17.51 5.27
CA PRO F 151 60.41 -18.86 4.95
C PRO F 151 59.78 -19.61 6.12
N ALA F 152 60.33 -19.43 7.33
CA ALA F 152 59.86 -20.16 8.50
C ALA F 152 58.42 -19.81 8.87
N ALA F 153 58.01 -18.58 8.57
CA ALA F 153 56.67 -18.14 8.88
C ALA F 153 55.65 -18.72 7.91
N ALA F 154 56.07 -18.93 6.68
CA ALA F 154 55.14 -19.35 5.62
C ALA F 154 55.02 -20.86 5.47
N ILE F 155 55.80 -21.61 6.25
CA ILE F 155 55.82 -23.06 6.11
C ILE F 155 54.49 -23.70 6.51
N GLU F 156 53.66 -22.94 7.21
CA GLU F 156 52.34 -23.43 7.63
C GLU F 156 51.33 -23.21 6.52
N PHE F 157 51.64 -22.29 5.60
CA PHE F 157 50.68 -21.86 4.59
C PHE F 157 50.98 -22.38 3.19
N THR F 158 52.06 -23.14 3.04
CA THR F 158 52.55 -23.57 1.72
C THR F 158 51.50 -24.30 0.88
N ASP F 159 50.53 -24.93 1.55
CA ASP F 159 49.51 -25.69 0.84
C ASP F 159 48.50 -24.78 0.14
N ARG F 160 48.28 -23.61 0.71
CA ARG F 160 47.30 -22.66 0.16
C ARG F 160 47.93 -21.32 -0.19
N ILE F 161 49.25 -21.32 -0.36
CA ILE F 161 49.99 -20.10 -0.68
C ILE F 161 51.22 -20.43 -1.52
N VAL F 162 51.47 -19.61 -2.55
CA VAL F 162 52.65 -19.79 -3.39
C VAL F 162 53.81 -18.92 -2.91
N LEU F 163 54.98 -19.54 -2.74
CA LEU F 163 56.16 -18.82 -2.29
C LEU F 163 57.18 -18.64 -3.41
N ARG F 164 57.76 -17.45 -3.50
CA ARG F 164 58.77 -17.15 -4.52
C ARG F 164 59.92 -16.35 -3.93
N PRO F 165 61.15 -16.66 -4.35
CA PRO F 165 62.36 -15.97 -3.86
C PRO F 165 62.38 -14.49 -4.25
N PHE F 166 62.65 -13.65 -3.27
CA PHE F 166 62.78 -12.21 -3.50
C PHE F 166 64.05 -11.93 -4.29
N SER F 167 63.99 -10.95 -5.18
CA SER F 167 65.15 -10.63 -6.02
C SER F 167 66.22 -9.90 -5.23
N ILE F 168 65.79 -9.12 -4.24
CA ILE F 168 66.73 -8.38 -3.39
C ILE F 168 67.23 -9.26 -2.26
N PHE F 169 68.55 -9.31 -2.10
CA PHE F 169 69.18 -10.18 -1.11
C PHE F 169 68.98 -9.66 0.32
N ILE F 170 67.97 -10.20 1.00
CA ILE F 170 67.69 -9.83 2.38
C ILE F 170 67.46 -11.08 3.23
N ASP F 171 68.32 -11.27 4.23
CA ASP F 171 68.21 -12.43 5.11
C ASP F 171 67.51 -12.11 6.42
N ALA F 172 66.72 -13.05 6.91
CA ALA F 172 66.17 -12.99 8.25
C ALA F 172 67.03 -13.86 9.16
N GLU F 173 67.46 -13.31 10.29
CA GLU F 173 68.34 -14.05 11.17
C GLU F 173 67.62 -14.58 12.40
N PHE F 174 67.74 -15.89 12.62
CA PHE F 174 67.18 -16.52 13.81
C PHE F 174 68.32 -16.85 14.77
N LEU F 175 68.12 -16.56 16.06
CA LEU F 175 69.14 -16.85 17.05
C LEU F 175 68.67 -17.89 18.06
N GLU F 176 69.48 -18.91 18.25
CA GLU F 176 69.27 -19.85 19.34
C GLU F 176 70.09 -19.36 20.53
N VAL F 177 69.41 -18.96 21.61
CA VAL F 177 70.08 -18.25 22.69
C VAL F 177 70.10 -19.03 24.00
N ARG F 178 71.31 -19.25 24.51
CA ARG F 178 71.52 -19.89 25.81
C ARG F 178 72.44 -19.03 26.68
N SER F 179 72.31 -19.16 27.99
CA SER F 179 73.12 -18.39 28.92
C SER F 179 74.54 -18.96 28.99
N ALA F 180 75.53 -18.07 28.94
CA ALA F 180 76.93 -18.48 29.00
C ALA F 180 77.29 -19.04 30.37
N ILE F 181 76.56 -18.60 31.39
CA ILE F 181 76.79 -19.09 32.75
C ILE F 181 75.64 -19.97 33.21
N GLY F 182 74.85 -20.44 32.25
CA GLY F 182 73.72 -21.29 32.55
C GLY F 182 74.15 -22.67 33.03
N ALA F 183 73.20 -23.42 33.59
CA ALA F 183 73.49 -24.75 34.09
C ALA F 183 73.59 -25.77 32.97
N PRO F 184 74.49 -26.76 33.12
CA PRO F 184 74.58 -27.86 32.15
C PRO F 184 73.27 -28.63 32.07
N SER F 185 72.84 -28.96 30.86
CA SER F 185 71.58 -29.67 30.67
C SER F 185 71.59 -30.54 29.42
N THR F 186 71.55 -31.86 29.63
CA THR F 186 71.58 -32.81 28.53
C THR F 186 70.32 -32.72 27.67
N ILE F 187 69.21 -32.33 28.29
CA ILE F 187 67.93 -32.27 27.58
C ILE F 187 67.84 -31.00 26.72
N VAL F 188 68.50 -29.94 27.15
CA VAL F 188 68.50 -28.70 26.37
C VAL F 188 69.47 -28.86 25.20
N ASP F 189 70.58 -29.54 25.43
CA ASP F 189 71.54 -29.83 24.37
C ASP F 189 70.91 -30.64 23.25
N ARG F 190 70.24 -31.74 23.63
CA ARG F 190 69.63 -32.64 22.66
C ARG F 190 68.49 -31.96 21.91
N PHE F 191 67.72 -31.13 22.61
CA PHE F 191 66.59 -30.44 22.00
C PHE F 191 67.06 -29.44 20.94
N THR F 192 68.01 -28.58 21.32
CA THR F 192 68.47 -27.51 20.44
C THR F 192 69.12 -28.03 19.16
N THR F 193 69.99 -29.02 19.30
CA THR F 193 70.67 -29.60 18.14
C THR F 193 69.68 -30.30 17.21
N GLU F 194 68.66 -30.92 17.79
CA GLU F 194 67.67 -31.63 16.99
C GLU F 194 66.65 -30.69 16.35
N PHE F 195 66.38 -29.55 16.99
CA PHE F 195 65.46 -28.59 16.42
C PHE F 195 66.04 -27.96 15.15
N TRP F 196 67.34 -27.70 15.16
CA TRP F 196 68.01 -27.13 14.01
C TRP F 196 67.98 -28.10 12.84
N ARG F 197 68.24 -29.37 13.11
CA ARG F 197 68.23 -30.38 12.07
C ARG F 197 66.80 -30.63 11.57
N PHE F 198 65.82 -30.41 12.44
CA PHE F 198 64.43 -30.41 12.02
C PHE F 198 64.18 -29.21 11.13
N HIS F 199 64.66 -28.06 11.57
CA HIS F 199 64.52 -26.81 10.82
C HIS F 199 65.23 -26.91 9.47
N ASP F 200 66.48 -27.34 9.49
CA ASP F 200 67.29 -27.44 8.27
C ASP F 200 66.66 -28.37 7.24
N ASP F 201 66.33 -29.59 7.67
CA ASP F 201 65.74 -30.58 6.78
C ASP F 201 64.42 -30.11 6.19
N LEU F 202 63.63 -29.41 7.00
CA LEU F 202 62.34 -28.91 6.57
C LEU F 202 62.48 -27.81 5.52
N LYS F 204 65.21 -27.17 3.59
CA LYS F 204 65.85 -27.70 2.39
C LYS F 204 64.86 -28.45 1.51
N GLN F 205 64.01 -29.27 2.15
CA GLN F 205 63.07 -30.11 1.43
C GLN F 205 61.96 -29.30 0.75
N ASN F 206 61.88 -28.02 1.08
CA ASN F 206 60.91 -27.13 0.45
C ASN F 206 61.59 -26.10 -0.46
N GLY F 207 62.90 -26.22 -0.60
CA GLY F 207 63.67 -25.35 -1.47
C GLY F 207 63.81 -23.93 -0.95
N LEU F 208 63.77 -23.79 0.37
CA LEU F 208 63.87 -22.48 1.00
C LEU F 208 65.27 -22.23 1.57
N ALA G 3 -62.67 39.02 -5.98
CA ALA G 3 -63.39 38.15 -5.07
C ALA G 3 -62.54 36.94 -4.68
N THR G 4 -62.04 36.94 -3.46
CA THR G 4 -61.23 35.84 -2.96
C THR G 4 -61.83 35.22 -1.71
N LEU G 5 -62.04 33.91 -1.75
CA LEU G 5 -62.62 33.18 -0.62
C LEU G 5 -61.59 32.26 0.01
N ARG G 6 -61.27 32.51 1.28
CA ARG G 6 -60.27 31.73 1.99
C ARG G 6 -60.90 30.81 3.02
N ILE G 7 -60.61 29.52 2.91
CA ILE G 7 -61.20 28.52 3.80
C ILE G 7 -60.14 27.63 4.45
N ALA G 8 -60.16 27.59 5.78
CA ALA G 8 -59.29 26.70 6.53
C ALA G 8 -60.11 25.60 7.18
N ALA G 9 -59.69 24.35 7.03
CA ALA G 9 -60.45 23.24 7.57
C ALA G 9 -59.57 22.05 7.93
N PRO G 11 -58.21 18.29 7.95
CA PRO G 11 -57.99 17.42 6.79
C PRO G 11 -59.17 16.49 6.47
N ALA G 12 -59.89 16.06 7.49
CA ALA G 12 -61.01 15.14 7.29
C ALA G 12 -62.07 15.75 6.37
N LEU G 13 -62.33 17.04 6.55
CA LEU G 13 -63.27 17.76 5.70
C LEU G 13 -62.57 18.36 4.48
N ALA G 14 -61.28 18.63 4.62
CA ALA G 14 -60.51 19.26 3.54
C ALA G 14 -60.23 18.26 2.42
N ASN G 15 -60.25 16.98 2.75
CA ASN G 15 -60.00 15.92 1.77
C ASN G 15 -61.28 15.46 1.07
N GLY G 16 -62.39 15.49 1.79
CA GLY G 16 -63.62 14.89 1.29
C GLY G 16 -64.75 15.83 0.94
N LEU G 17 -65.49 16.28 1.95
CA LEU G 17 -66.74 17.00 1.73
C LEU G 17 -66.57 18.36 1.04
N LEU G 18 -65.64 19.17 1.52
CA LEU G 18 -65.46 20.51 1.00
C LEU G 18 -65.10 20.57 -0.49
N PRO G 19 -64.11 19.76 -0.94
CA PRO G 19 -63.83 19.84 -2.39
C PRO G 19 -64.98 19.35 -3.25
N ARG G 20 -65.78 18.41 -2.72
CA ARG G 20 -66.93 17.90 -3.46
C ARG G 20 -68.00 18.99 -3.63
N PHE G 21 -68.21 19.77 -2.58
CA PHE G 21 -69.17 20.87 -2.64
C PHE G 21 -68.59 22.08 -3.38
N LEU G 22 -67.29 22.32 -3.21
CA LEU G 22 -66.64 23.46 -3.83
C LEU G 22 -66.73 23.38 -5.35
N ALA G 23 -66.65 22.15 -5.88
CA ALA G 23 -66.79 21.91 -7.30
C ALA G 23 -68.17 22.33 -7.78
N GLN G 24 -69.16 22.14 -6.91
CA GLN G 24 -70.52 22.55 -7.19
C GLN G 24 -70.66 24.07 -7.14
N PHE G 25 -69.98 24.67 -6.18
CA PHE G 25 -70.12 26.10 -5.90
C PHE G 25 -69.48 26.99 -6.96
N ILE G 26 -68.30 26.62 -7.43
CA ILE G 26 -67.57 27.44 -8.39
C ILE G 26 -67.95 27.14 -9.83
N ARG G 27 -68.99 26.34 -10.02
CA ARG G 27 -69.39 25.92 -11.36
C ARG G 27 -70.03 27.06 -12.15
N ASP G 28 -70.60 28.03 -11.44
CA ASP G 28 -71.17 29.21 -12.08
C ASP G 28 -70.48 30.48 -11.60
N ARG G 29 -69.32 30.32 -10.98
CA ARG G 29 -68.50 31.45 -10.54
C ARG G 29 -67.08 31.32 -11.07
N PRO G 30 -66.89 31.53 -12.39
CA PRO G 30 -65.59 31.31 -13.02
C PRO G 30 -64.61 32.45 -12.75
N ASN G 31 -64.96 33.38 -11.87
CA ASN G 31 -64.09 34.48 -11.50
C ASN G 31 -63.73 34.44 -10.02
N LEU G 32 -64.19 33.40 -9.33
CA LEU G 32 -63.96 33.27 -7.89
C LEU G 32 -62.62 32.61 -7.60
N GLN G 33 -61.77 33.34 -6.88
CA GLN G 33 -60.51 32.78 -6.41
C GLN G 33 -60.72 32.12 -5.05
N VAL G 34 -60.47 30.81 -4.98
CA VAL G 34 -60.73 30.06 -3.76
C VAL G 34 -59.45 29.47 -3.17
N SER G 35 -59.31 29.57 -1.85
CA SER G 35 -58.20 28.95 -1.14
C SER G 35 -58.71 27.97 -0.09
N LEU G 36 -58.29 26.72 -0.22
CA LEU G 36 -58.73 25.67 0.71
C LEU G 36 -57.51 25.02 1.37
N GLY G 38 -55.71 22.86 4.33
CA GLY G 38 -55.88 21.87 5.38
C GLY G 38 -55.03 22.22 6.57
N LEU G 39 -55.67 22.37 7.73
CA LEU G 39 -54.96 22.75 8.96
C LEU G 39 -55.49 21.98 10.16
N PRO G 40 -54.65 21.81 11.20
CA PRO G 40 -55.17 21.30 12.46
C PRO G 40 -56.26 22.21 13.00
N SER G 41 -57.25 21.64 13.69
CA SER G 41 -58.39 22.40 14.17
C SER G 41 -57.98 23.63 14.97
N SER G 42 -56.93 23.48 15.77
CA SER G 42 -56.43 24.58 16.59
C SER G 42 -55.95 25.76 15.74
N VAL G 44 -56.97 26.26 12.64
CA VAL G 44 -58.15 26.72 11.91
C VAL G 44 -58.83 27.84 12.68
N GLU G 46 -57.25 29.73 14.78
CA GLU G 46 -56.28 30.82 14.71
C GLU G 46 -56.40 31.57 13.39
N ALA G 47 -56.73 30.84 12.32
CA ALA G 47 -56.83 31.43 10.98
C ALA G 47 -58.06 32.31 10.86
N VAL G 48 -59.15 31.92 11.51
CA VAL G 48 -60.40 32.67 11.45
C VAL G 48 -60.32 33.92 12.33
N ALA G 49 -59.76 33.77 13.52
CA ALA G 49 -59.62 34.90 14.45
C ALA G 49 -58.66 35.94 13.89
N SER G 50 -57.62 35.49 13.19
CA SER G 50 -56.63 36.40 12.63
C SER G 50 -57.15 37.11 11.39
N GLY G 51 -58.17 36.54 10.76
CA GLY G 51 -58.72 37.08 9.54
C GLY G 51 -58.05 36.53 8.31
N ARG G 52 -57.11 35.60 8.51
CA ARG G 52 -56.41 34.96 7.41
C ARG G 52 -57.32 33.96 6.70
N ALA G 53 -58.45 33.64 7.33
CA ALA G 53 -59.44 32.75 6.74
C ALA G 53 -60.84 33.30 6.96
N ASP G 54 -61.64 33.30 5.90
CA ASP G 54 -63.02 33.78 5.99
C ASP G 54 -63.88 32.77 6.72
N ILE G 55 -63.73 31.50 6.37
CA ILE G 55 -64.51 30.43 6.97
C ILE G 55 -63.60 29.35 7.55
N GLY G 56 -63.99 28.80 8.69
CA GLY G 56 -63.23 27.73 9.31
C GLY G 56 -64.08 26.51 9.61
N TYR G 57 -63.52 25.33 9.36
CA TYR G 57 -64.20 24.08 9.70
C TYR G 57 -63.30 23.23 10.58
N ALA G 58 -63.79 22.87 11.76
CA ALA G 58 -62.97 22.15 12.72
C ALA G 58 -63.78 21.16 13.54
N ASP G 59 -63.07 20.27 14.23
CA ASP G 59 -63.70 19.31 15.13
C ASP G 59 -64.11 19.99 16.44
N GLY G 60 -65.21 19.52 17.02
CA GLY G 60 -65.63 20.00 18.33
C GLY G 60 -65.02 19.15 19.42
N PRO G 61 -65.01 19.66 20.66
CA PRO G 61 -65.53 20.99 21.01
C PRO G 61 -64.47 22.07 20.84
N GLN G 62 -64.91 23.32 20.81
CA GLN G 62 -64.00 24.47 20.71
C GLN G 62 -64.58 25.63 21.49
N GLU G 63 -63.72 26.42 22.12
CA GLU G 63 -64.20 27.56 22.92
C GLU G 63 -64.80 28.62 22.00
N ARG G 64 -65.90 29.21 22.45
CA ARG G 64 -66.80 29.94 21.56
C ARG G 64 -66.59 31.45 21.47
N GLN G 65 -66.01 32.05 22.52
CA GLN G 65 -65.93 33.51 22.59
C GLN G 65 -65.13 34.12 21.43
N GLY G 66 -65.78 35.01 20.69
CA GLY G 66 -65.15 35.69 19.56
C GLY G 66 -65.49 35.05 18.23
N PHE G 67 -66.34 34.03 18.26
CA PHE G 67 -66.67 33.29 17.04
C PHE G 67 -68.17 33.16 16.81
N LEU G 68 -68.55 33.08 15.54
CA LEU G 68 -69.91 32.73 15.15
C LEU G 68 -69.89 31.29 14.66
N ILE G 69 -70.55 30.39 15.39
CA ILE G 69 -70.38 28.97 15.14
C ILE G 69 -71.67 28.19 14.91
N GLU G 70 -71.71 27.45 13.80
CA GLU G 70 -72.80 26.54 13.48
C GLU G 70 -72.31 25.10 13.63
N THR G 71 -73.18 24.21 14.07
CA THR G 71 -72.76 22.88 14.50
C THR G 71 -73.58 21.73 13.90
N ARG G 72 -72.89 20.67 13.49
CA ARG G 72 -73.51 19.39 13.17
C ARG G 72 -72.95 18.30 14.08
N SER G 73 -73.81 17.38 14.50
CA SER G 73 -73.40 16.27 15.34
C SER G 73 -74.05 14.97 14.90
N LEU G 74 -73.26 14.08 14.32
CA LEU G 74 -73.77 12.78 13.88
C LEU G 74 -73.07 11.65 14.62
N PRO G 75 -73.86 10.61 14.99
CA PRO G 75 -73.34 9.48 15.77
C PRO G 75 -72.36 8.62 14.98
N ALA G 76 -71.42 7.98 15.70
CA ALA G 76 -70.40 7.16 15.08
C ALA G 76 -70.99 5.92 14.42
N VAL G 77 -70.33 5.46 13.35
CA VAL G 77 -70.75 4.25 12.65
C VAL G 77 -69.58 3.27 12.52
N VAL G 78 -69.91 1.99 12.38
CA VAL G 78 -68.89 0.95 12.25
C VAL G 78 -68.59 0.68 10.79
N ALA G 79 -67.32 0.83 10.41
CA ALA G 79 -66.89 0.58 9.04
C ALA G 79 -66.22 -0.79 8.92
N VAL G 80 -66.83 -1.68 8.15
CA VAL G 80 -66.29 -3.01 7.93
C VAL G 80 -66.01 -3.23 6.45
N PRO G 81 -65.07 -4.13 6.12
CA PRO G 81 -64.79 -4.43 4.71
C PRO G 81 -66.00 -5.05 4.01
N GLY G 83 -68.34 -7.69 2.48
CA GLY G 83 -68.58 -9.10 2.74
C GLY G 83 -68.12 -9.57 4.10
N HIS G 84 -67.80 -8.64 4.99
CA HIS G 84 -67.42 -8.98 6.35
C HIS G 84 -68.62 -9.54 7.09
N ARG G 85 -68.37 -10.36 8.11
CA ARG G 85 -69.44 -10.97 8.90
C ARG G 85 -70.38 -9.92 9.50
N LEU G 86 -69.80 -8.81 9.94
CA LEU G 86 -70.57 -7.76 10.61
C LEU G 86 -71.52 -7.00 9.68
N ALA G 87 -71.37 -7.24 8.37
CA ALA G 87 -72.23 -6.58 7.39
C ALA G 87 -73.65 -7.14 7.46
N GLY G 88 -73.78 -8.39 7.88
CA GLY G 88 -75.07 -9.04 7.96
C GLY G 88 -75.80 -8.79 9.27
N LEU G 89 -75.46 -7.68 9.92
CA LEU G 89 -76.09 -7.32 11.19
C LEU G 89 -76.84 -6.00 11.07
N ASP G 90 -77.86 -5.82 11.91
CA ASP G 90 -78.60 -4.57 11.94
C ASP G 90 -77.75 -3.47 12.57
N ARG G 91 -77.30 -3.71 13.79
CA ARG G 91 -76.44 -2.77 14.49
C ARG G 91 -75.29 -3.51 15.15
N VAL G 92 -74.16 -2.83 15.31
CA VAL G 92 -72.97 -3.46 15.88
C VAL G 92 -72.73 -3.01 17.31
N THR G 93 -72.66 -3.98 18.23
CA THR G 93 -72.35 -3.70 19.62
C THR G 93 -70.85 -3.91 19.85
N PRO G 94 -70.31 -3.34 20.94
CA PRO G 94 -68.90 -3.56 21.26
C PRO G 94 -68.55 -5.05 21.40
N GLN G 95 -69.53 -5.86 21.80
CA GLN G 95 -69.32 -7.29 21.96
C GLN G 95 -69.17 -7.97 20.59
N ASP G 96 -69.80 -7.40 19.58
CA ASP G 96 -69.72 -7.94 18.22
C ASP G 96 -68.32 -7.76 17.64
N LEU G 97 -67.55 -6.86 18.22
CA LEU G 97 -66.23 -6.52 17.70
C LEU G 97 -65.12 -7.37 18.32
N ALA G 98 -65.49 -8.25 19.23
CA ALA G 98 -64.52 -9.11 19.91
C ALA G 98 -63.83 -10.04 18.92
N GLY G 99 -62.50 -10.11 19.00
CA GLY G 99 -61.74 -10.99 18.14
C GLY G 99 -61.48 -10.41 16.77
N GLU G 100 -61.85 -9.14 16.58
CA GLU G 100 -61.61 -8.44 15.33
C GLU G 100 -60.39 -7.56 15.45
N ARG G 101 -59.76 -7.23 14.32
CA ARG G 101 -58.66 -6.28 14.31
C ARG G 101 -59.20 -4.86 14.17
N ILE G 102 -59.30 -4.15 15.28
CA ILE G 102 -59.87 -2.80 15.30
C ILE G 102 -58.78 -1.75 15.11
N ILE G 103 -58.86 -1.03 14.00
CA ILE G 103 -57.89 0.01 13.67
C ILE G 103 -57.96 1.17 14.66
N LYS G 104 -56.92 1.30 15.48
CA LYS G 104 -56.87 2.37 16.47
C LYS G 104 -56.50 3.70 15.83
N GLN G 105 -57.37 4.69 15.97
CA GLN G 105 -57.15 6.00 15.35
C GLN G 105 -56.69 7.04 16.37
N GLU G 106 -55.42 7.42 16.29
CA GLU G 106 -54.89 8.48 17.14
C GLU G 106 -54.89 9.81 16.38
N THR G 107 -56.06 10.43 16.29
CA THR G 107 -56.23 11.68 15.56
C THR G 107 -56.25 12.88 16.49
N GLY G 108 -56.31 12.62 17.79
CA GLY G 108 -56.26 13.67 18.79
C GLY G 108 -57.58 14.40 18.98
N THR G 109 -58.63 13.89 18.38
CA THR G 109 -59.97 14.46 18.54
C THR G 109 -60.66 13.84 19.74
N LEU G 110 -61.56 14.61 20.37
CA LEU G 110 -62.32 14.10 21.50
C LEU G 110 -63.18 12.92 21.06
N PHE G 111 -63.68 12.98 19.83
CA PHE G 111 -64.48 11.90 19.25
C PHE G 111 -63.70 10.59 19.21
N ALA G 112 -62.48 10.65 18.69
CA ALA G 112 -61.65 9.45 18.56
C ALA G 112 -61.28 8.89 19.94
N ARG G 114 -63.15 9.26 22.76
CA ARG G 114 -64.38 8.70 23.32
C ARG G 114 -64.67 7.32 22.73
N VAL G 115 -64.35 7.15 21.45
CA VAL G 115 -64.55 5.88 20.76
C VAL G 115 -63.67 4.79 21.39
N GLU G 116 -62.40 5.10 21.57
CA GLU G 116 -61.45 4.13 22.14
C GLU G 116 -61.80 3.77 23.58
N VAL G 117 -62.35 4.72 24.31
CA VAL G 117 -62.79 4.49 25.68
C VAL G 117 -63.96 3.50 25.70
N ALA G 118 -64.84 3.64 24.71
CA ALA G 118 -66.04 2.80 24.62
C ALA G 118 -65.71 1.33 24.39
N ILE G 119 -64.74 1.08 23.50
CA ILE G 119 -64.37 -0.29 23.15
C ILE G 119 -63.14 -0.75 23.94
N GLY G 120 -62.84 -0.07 25.04
CA GLY G 120 -61.65 -0.35 25.82
C GLY G 120 -61.55 -1.76 26.36
N GLY G 121 -62.59 -2.20 27.07
CA GLY G 121 -62.58 -3.51 27.71
C GLY G 121 -62.81 -4.68 26.76
N ILE G 122 -62.92 -4.39 25.47
CA ILE G 122 -63.14 -5.43 24.47
C ILE G 122 -61.81 -6.05 24.02
N GLN G 123 -61.75 -7.38 24.02
CA GLN G 123 -60.56 -8.09 23.59
C GLN G 123 -60.43 -8.05 22.06
N ARG G 124 -59.29 -7.62 21.58
CA ARG G 124 -59.09 -7.54 20.16
C ARG G 124 -57.75 -8.06 19.70
N ARG G 125 -57.67 -8.32 18.40
CA ARG G 125 -56.39 -8.69 17.81
C ARG G 125 -55.46 -7.49 17.95
N PRO G 126 -54.13 -7.73 17.94
CA PRO G 126 -53.17 -6.62 18.03
C PRO G 126 -53.44 -5.55 16.97
N SER G 127 -53.85 -4.38 17.42
CA SER G 127 -54.39 -3.35 16.53
C SER G 127 -53.36 -2.72 15.59
N ILE G 128 -53.88 -2.05 14.55
CA ILE G 128 -53.07 -1.23 13.68
C ILE G 128 -53.30 0.23 14.03
N GLU G 129 -52.23 0.92 14.42
CA GLU G 129 -52.35 2.32 14.85
C GLU G 129 -52.10 3.28 13.70
N VAL G 130 -53.05 4.18 13.47
CA VAL G 130 -52.91 5.21 12.45
C VAL G 130 -53.14 6.60 13.07
N SER G 131 -52.70 7.64 12.37
CA SER G 131 -52.87 9.00 12.85
C SER G 131 -53.88 9.76 12.00
N LEU G 132 -54.20 9.19 10.84
CA LEU G 132 -55.16 9.82 9.92
C LEU G 132 -56.40 8.94 9.76
N SER G 133 -57.56 9.57 9.84
CA SER G 133 -58.84 8.87 9.69
C SER G 133 -58.97 8.24 8.31
N HIS G 134 -58.40 8.91 7.32
CA HIS G 134 -58.45 8.43 5.94
C HIS G 134 -57.66 7.12 5.79
N THR G 135 -56.56 7.01 6.52
CA THR G 135 -55.74 5.81 6.49
C THR G 135 -56.47 4.62 7.07
N ALA G 136 -57.25 4.87 8.13
CA ALA G 136 -58.05 3.84 8.77
C ALA G 136 -59.05 3.24 7.78
N LEU G 137 -59.73 4.11 7.07
CA LEU G 137 -60.71 3.73 6.05
C LEU G 137 -60.03 3.01 4.90
N SER G 138 -58.84 3.47 4.53
CA SER G 138 -58.07 2.84 3.47
C SER G 138 -57.75 1.39 3.83
N LEU G 139 -57.43 1.17 5.10
CA LEU G 139 -57.12 -0.17 5.60
C LEU G 139 -58.36 -1.05 5.63
N VAL G 140 -59.49 -0.47 6.02
CA VAL G 140 -60.75 -1.19 6.07
C VAL G 140 -61.15 -1.71 4.70
N ARG G 141 -61.06 -0.85 3.69
CA ARG G 141 -61.44 -1.22 2.32
C ARG G 141 -60.55 -2.33 1.78
N GLU G 142 -59.32 -2.40 2.29
CA GLU G 142 -58.38 -3.42 1.87
C GLU G 142 -58.58 -4.69 2.68
N GLY G 143 -59.50 -4.63 3.65
CA GLY G 143 -59.83 -5.79 4.46
C GLY G 143 -58.82 -6.08 5.55
N ALA G 144 -58.18 -5.02 6.05
CA ALA G 144 -57.16 -5.17 7.09
C ALA G 144 -57.76 -5.10 8.49
N GLY G 145 -58.98 -4.59 8.59
CA GLY G 145 -59.66 -4.53 9.87
C GLY G 145 -60.91 -3.68 9.92
N ILE G 146 -61.38 -3.42 11.13
CA ILE G 146 -62.61 -2.66 11.36
C ILE G 146 -62.27 -1.28 11.93
N ALA G 147 -63.11 -0.29 11.65
CA ALA G 147 -62.91 1.05 12.19
C ALA G 147 -64.22 1.71 12.60
N ILE G 148 -64.19 2.39 13.75
CA ILE G 148 -65.32 3.20 14.20
C ILE G 148 -65.03 4.66 13.86
N ILE G 149 -65.93 5.29 13.12
CA ILE G 149 -65.64 6.56 12.48
C ILE G 149 -66.79 7.56 12.52
N ASP G 150 -66.48 8.81 12.18
CA ASP G 150 -67.48 9.83 11.96
C ASP G 150 -68.07 9.67 10.56
N PRO G 151 -69.38 9.90 10.42
CA PRO G 151 -70.09 9.74 9.14
C PRO G 151 -69.50 10.59 8.00
N ALA G 152 -68.86 11.70 8.36
CA ALA G 152 -68.29 12.60 7.35
C ALA G 152 -67.13 11.95 6.60
N ALA G 153 -66.14 11.45 7.36
CA ALA G 153 -64.98 10.82 6.76
C ALA G 153 -65.37 9.56 6.00
N ALA G 154 -66.45 8.94 6.44
CA ALA G 154 -66.95 7.69 5.85
C ALA G 154 -67.40 7.83 4.41
N ILE G 155 -67.93 8.99 4.08
CA ILE G 155 -68.70 9.18 2.84
C ILE G 155 -67.86 9.15 1.56
N GLU G 156 -66.54 9.25 1.70
CA GLU G 156 -65.67 9.17 0.54
C GLU G 156 -65.27 7.72 0.27
N PHE G 157 -65.90 6.79 0.98
CA PHE G 157 -65.59 5.38 0.88
C PHE G 157 -66.83 4.50 0.72
N THR G 158 -67.99 5.13 0.58
CA THR G 158 -69.28 4.42 0.57
C THR G 158 -69.33 3.26 -0.42
N ASP G 159 -68.63 3.40 -1.55
CA ASP G 159 -68.60 2.36 -2.57
C ASP G 159 -67.83 1.13 -2.10
N ARG G 160 -66.72 1.35 -1.43
CA ARG G 160 -65.77 0.28 -1.12
C ARG G 160 -65.96 -0.30 0.28
N ILE G 161 -66.86 0.29 1.06
CA ILE G 161 -66.97 -0.05 2.49
C ILE G 161 -68.42 -0.15 2.96
N VAL G 162 -68.69 -1.17 3.78
CA VAL G 162 -69.99 -1.33 4.42
C VAL G 162 -70.06 -0.55 5.73
N LEU G 163 -71.15 0.20 5.93
CA LEU G 163 -71.34 0.98 7.14
C LEU G 163 -72.52 0.48 7.97
N ARG G 164 -72.31 0.37 9.28
CA ARG G 164 -73.35 -0.10 10.19
C ARG G 164 -73.48 0.83 11.39
N PRO G 165 -74.71 0.99 11.90
CA PRO G 165 -74.93 1.82 13.09
C PRO G 165 -74.28 1.21 14.33
N PHE G 166 -73.66 2.05 15.14
CA PHE G 166 -72.96 1.60 16.35
C PHE G 166 -73.88 1.73 17.55
N SER G 167 -74.06 0.63 18.29
CA SER G 167 -75.02 0.57 19.39
C SER G 167 -74.73 1.59 20.48
N ILE G 168 -73.47 1.98 20.61
CA ILE G 168 -73.11 3.05 21.52
C ILE G 168 -73.19 4.39 20.81
N PHE G 169 -73.91 5.34 21.40
CA PHE G 169 -74.14 6.63 20.77
C PHE G 169 -73.02 7.62 21.09
N ILE G 170 -72.09 7.76 20.15
CA ILE G 170 -71.00 8.72 20.29
C ILE G 170 -71.07 9.76 19.17
N ASP G 171 -71.45 10.98 19.53
CA ASP G 171 -71.64 12.04 18.54
C ASP G 171 -70.33 12.68 18.08
N ALA G 172 -70.20 12.87 16.78
CA ALA G 172 -69.04 13.55 16.21
C ALA G 172 -69.43 14.98 15.83
N GLU G 173 -68.75 15.95 16.43
CA GLU G 173 -69.12 17.35 16.26
C GLU G 173 -68.23 18.08 15.25
N PHE G 174 -68.85 18.58 14.19
CA PHE G 174 -68.15 19.41 13.22
C PHE G 174 -68.63 20.86 13.36
N LEU G 175 -67.69 21.80 13.30
CA LEU G 175 -68.03 23.21 13.50
C LEU G 175 -67.73 24.06 12.28
N GLU G 176 -68.66 24.96 11.96
CA GLU G 176 -68.40 26.02 11.00
C GLU G 176 -68.05 27.29 11.76
N VAL G 177 -66.87 27.83 11.51
CA VAL G 177 -66.37 28.94 12.32
C VAL G 177 -66.18 30.22 11.52
N ARG G 178 -66.85 31.28 11.97
CA ARG G 178 -66.65 32.61 11.42
C ARG G 178 -66.34 33.60 12.54
N SER G 179 -65.57 34.64 12.22
CA SER G 179 -65.19 35.63 13.21
C SER G 179 -66.37 36.52 13.58
N ALA G 180 -66.47 36.89 14.86
CA ALA G 180 -67.52 37.77 15.32
C ALA G 180 -67.28 39.19 14.83
N ILE G 181 -66.01 39.53 14.65
CA ILE G 181 -65.61 40.85 14.17
C ILE G 181 -65.73 40.92 12.65
N GLY G 182 -65.68 39.75 12.02
CA GLY G 182 -65.67 39.61 10.57
C GLY G 182 -66.63 40.50 9.80
N ALA G 183 -66.13 41.08 8.71
CA ALA G 183 -66.93 41.96 7.87
C ALA G 183 -68.02 41.18 7.14
N PRO G 184 -69.17 41.83 6.90
CA PRO G 184 -70.28 41.20 6.18
C PRO G 184 -69.86 40.72 4.79
N SER G 185 -70.39 39.57 4.36
CA SER G 185 -70.04 39.02 3.07
C SER G 185 -71.14 38.12 2.53
N THR G 186 -71.65 38.48 1.35
CA THR G 186 -72.69 37.70 0.69
C THR G 186 -72.17 36.34 0.25
N ILE G 187 -70.95 36.32 -0.29
CA ILE G 187 -70.38 35.09 -0.83
C ILE G 187 -70.05 34.08 0.27
N VAL G 188 -69.74 34.57 1.46
CA VAL G 188 -69.48 33.69 2.60
C VAL G 188 -70.80 33.14 3.12
N ASP G 189 -71.81 34.01 3.14
CA ASP G 189 -73.16 33.61 3.54
C ASP G 189 -73.69 32.49 2.64
N ARG G 190 -73.56 32.69 1.33
CA ARG G 190 -74.04 31.71 0.36
C ARG G 190 -73.28 30.39 0.46
N PHE G 191 -71.97 30.46 0.64
CA PHE G 191 -71.15 29.25 0.72
C PHE G 191 -71.54 28.40 1.92
N THR G 192 -71.50 29.00 3.11
CA THR G 192 -71.76 28.27 4.35
C THR G 192 -73.18 27.71 4.40
N THR G 193 -74.14 28.48 3.90
CA THR G 193 -75.53 28.03 3.85
C THR G 193 -75.70 26.85 2.91
N GLU G 194 -75.17 27.00 1.70
CA GLU G 194 -75.32 25.96 0.68
C GLU G 194 -74.49 24.72 1.00
N PHE G 195 -73.42 24.89 1.76
CA PHE G 195 -72.60 23.74 2.15
C PHE G 195 -73.33 22.84 3.14
N TRP G 196 -74.02 23.44 4.10
CA TRP G 196 -74.76 22.67 5.09
C TRP G 196 -75.94 21.93 4.46
N ARG G 197 -76.58 22.57 3.48
CA ARG G 197 -77.62 21.92 2.71
C ARG G 197 -77.04 20.73 1.94
N PHE G 198 -75.86 20.95 1.36
CA PHE G 198 -75.13 19.89 0.66
C PHE G 198 -74.77 18.78 1.63
N HIS G 199 -74.24 19.15 2.79
CA HIS G 199 -73.82 18.19 3.81
C HIS G 199 -74.98 17.32 4.29
N ASP G 200 -76.08 17.96 4.66
CA ASP G 200 -77.23 17.25 5.22
C ASP G 200 -77.89 16.32 4.22
N ASP G 201 -78.01 16.75 2.97
CA ASP G 201 -78.59 15.93 1.92
C ASP G 201 -77.76 14.66 1.71
N LEU G 202 -76.44 14.82 1.73
CA LEU G 202 -75.54 13.71 1.47
C LEU G 202 -75.53 12.70 2.62
N LYS G 204 -78.17 12.35 4.69
CA LYS G 204 -79.53 11.83 4.76
C LYS G 204 -79.74 10.64 3.82
N GLN G 205 -79.23 10.76 2.59
CA GLN G 205 -79.45 9.75 1.58
C GLN G 205 -78.56 8.52 1.78
N ASN G 206 -77.63 8.62 2.72
CA ASN G 206 -76.79 7.47 3.06
C ASN G 206 -77.14 6.90 4.43
N GLY G 207 -78.25 7.36 4.99
CA GLY G 207 -78.75 6.87 6.26
C GLY G 207 -77.86 7.22 7.44
N LEU G 208 -77.04 8.24 7.27
CA LEU G 208 -76.12 8.66 8.33
C LEU G 208 -76.69 9.83 9.11
N GLU G 210 -80.75 11.68 10.25
CA GLU G 210 -82.17 12.02 10.30
C GLU G 210 -82.71 11.78 11.70
N ASN H 2 -39.61 -7.92 17.35
CA ASN H 2 -39.83 -8.32 15.97
C ASN H 2 -41.31 -8.61 15.69
N ALA H 3 -42.14 -8.31 16.68
CA ALA H 3 -43.59 -8.46 16.54
C ALA H 3 -44.25 -7.10 16.47
N THR H 4 -43.44 -6.05 16.42
CA THR H 4 -43.95 -4.69 16.36
C THR H 4 -43.21 -3.89 15.29
N LEU H 5 -43.98 -3.15 14.48
CA LEU H 5 -43.42 -2.37 13.39
C LEU H 5 -43.98 -0.94 13.40
N ARG H 6 -43.09 0.04 13.54
CA ARG H 6 -43.52 1.44 13.62
C ARG H 6 -43.06 2.23 12.40
N ILE H 7 -44.03 2.73 11.63
CA ILE H 7 -43.74 3.45 10.40
C ILE H 7 -44.17 4.91 10.47
N ALA H 8 -43.30 5.81 10.03
CA ALA H 8 -43.64 7.22 9.88
C ALA H 8 -43.49 7.63 8.42
N ALA H 9 -44.49 8.28 7.87
CA ALA H 9 -44.48 8.60 6.45
C ALA H 9 -45.13 9.93 6.10
N PRO H 11 -47.52 12.48 3.84
CA PRO H 11 -48.91 12.32 3.39
C PRO H 11 -49.10 11.49 2.11
N ALA H 12 -48.26 11.71 1.11
CA ALA H 12 -48.43 11.07 -0.20
C ALA H 12 -48.48 9.55 -0.12
N LEU H 13 -47.45 8.95 0.45
CA LEU H 13 -47.37 7.49 0.56
C LEU H 13 -48.23 6.96 1.71
N ALA H 14 -48.35 7.74 2.77
CA ALA H 14 -49.04 7.30 3.98
C ALA H 14 -50.54 7.09 3.77
N ASN H 15 -51.11 7.79 2.79
CA ASN H 15 -52.55 7.72 2.55
C ASN H 15 -52.92 6.71 1.46
N GLY H 16 -51.97 6.41 0.58
CA GLY H 16 -52.25 5.55 -0.56
C GLY H 16 -51.53 4.21 -0.58
N LEU H 17 -50.28 4.21 -1.03
CA LEU H 17 -49.53 2.98 -1.26
C LEU H 17 -49.20 2.22 0.02
N LEU H 18 -48.81 2.95 1.06
CA LEU H 18 -48.40 2.33 2.32
C LEU H 18 -49.51 1.50 2.99
N PRO H 19 -50.71 2.07 3.16
CA PRO H 19 -51.75 1.21 3.76
C PRO H 19 -52.17 0.09 2.82
N ARG H 20 -52.11 0.33 1.52
CA ARG H 20 -52.48 -0.66 0.53
C ARG H 20 -51.57 -1.88 0.61
N PHE H 21 -50.28 -1.64 0.82
CA PHE H 21 -49.31 -2.73 0.93
C PHE H 21 -49.29 -3.33 2.33
N LEU H 22 -49.51 -2.49 3.34
CA LEU H 22 -49.53 -2.93 4.72
C LEU H 22 -50.60 -3.99 4.96
N ALA H 23 -51.72 -3.85 4.25
CA ALA H 23 -52.82 -4.79 4.33
C ALA H 23 -52.42 -6.17 3.84
N GLN H 24 -51.58 -6.20 2.80
CA GLN H 24 -51.08 -7.47 2.28
C GLN H 24 -49.99 -8.02 3.19
N PHE H 25 -49.21 -7.12 3.79
CA PHE H 25 -48.15 -7.51 4.70
C PHE H 25 -48.73 -8.10 5.99
N ILE H 26 -49.86 -7.55 6.43
CA ILE H 26 -50.49 -7.99 7.67
C ILE H 26 -51.31 -9.26 7.46
N ARG H 27 -51.56 -9.60 6.19
CA ARG H 27 -52.27 -10.83 5.86
C ARG H 27 -51.44 -12.04 6.27
N ASP H 28 -50.16 -12.02 5.93
CA ASP H 28 -49.26 -13.12 6.22
C ASP H 28 -48.90 -13.18 7.71
N ARG H 29 -48.95 -12.03 8.37
CA ARG H 29 -48.51 -11.91 9.76
C ARG H 29 -49.64 -11.40 10.65
N PRO H 30 -50.51 -12.32 11.12
CA PRO H 30 -51.75 -11.98 11.83
C PRO H 30 -51.56 -11.38 13.23
N ASN H 31 -50.47 -11.73 13.93
CA ASN H 31 -50.26 -11.20 15.27
C ASN H 31 -49.22 -10.08 15.34
N LEU H 32 -49.09 -9.34 14.24
CA LEU H 32 -48.14 -8.24 14.16
C LEU H 32 -48.76 -6.92 14.60
N GLN H 33 -48.01 -6.15 15.37
CA GLN H 33 -48.46 -4.82 15.78
C GLN H 33 -47.85 -3.75 14.88
N VAL H 34 -48.70 -2.95 14.23
CA VAL H 34 -48.22 -1.94 13.30
C VAL H 34 -48.75 -0.55 13.64
N SER H 35 -47.85 0.43 13.64
CA SER H 35 -48.25 1.82 13.75
C SER H 35 -47.82 2.58 12.49
N LEU H 36 -48.77 3.25 11.85
CA LEU H 36 -48.48 4.01 10.63
C LEU H 36 -48.81 5.48 10.83
N GLY H 38 -48.78 9.42 10.15
CA GLY H 38 -48.67 10.40 9.07
C GLY H 38 -48.03 11.68 9.57
N LEU H 39 -46.80 11.93 9.13
CA LEU H 39 -46.04 13.09 9.58
C LEU H 39 -45.46 13.86 8.41
N PRO H 40 -45.23 15.18 8.60
CA PRO H 40 -44.47 15.95 7.61
C PRO H 40 -43.07 15.39 7.43
N SER H 41 -42.46 15.64 6.29
CA SER H 41 -41.16 15.05 5.95
C SER H 41 -40.09 15.34 7.00
N SER H 42 -40.09 16.55 7.55
CA SER H 42 -39.12 16.96 8.55
C SER H 42 -39.29 16.16 9.84
N VAL H 44 -40.66 13.21 9.98
CA VAL H 44 -40.43 11.80 9.65
C VAL H 44 -38.97 11.46 9.94
N GLU H 46 -37.02 13.08 11.95
CA GLU H 46 -36.84 13.21 13.39
C GLU H 46 -37.35 11.98 14.14
N ALA H 47 -38.40 11.38 13.60
CA ALA H 47 -38.98 10.18 14.19
C ALA H 47 -38.04 8.98 14.07
N VAL H 48 -37.34 8.90 12.95
CA VAL H 48 -36.39 7.82 12.71
C VAL H 48 -35.11 8.03 13.49
N ALA H 49 -34.64 9.28 13.52
CA ALA H 49 -33.38 9.62 14.18
C ALA H 49 -33.42 9.35 15.68
N SER H 50 -34.60 9.47 16.28
CA SER H 50 -34.75 9.28 17.71
C SER H 50 -35.29 7.90 18.05
N GLY H 51 -35.41 7.06 17.04
CA GLY H 51 -35.88 5.70 17.23
C GLY H 51 -37.34 5.58 17.62
N ARG H 52 -38.13 6.60 17.29
CA ARG H 52 -39.57 6.54 17.52
C ARG H 52 -40.25 5.80 16.39
N ALA H 53 -39.53 5.65 15.28
CA ALA H 53 -40.01 4.88 14.14
C ALA H 53 -38.88 4.04 13.56
N ASP H 54 -39.19 2.80 13.20
CA ASP H 54 -38.20 1.91 12.62
C ASP H 54 -37.95 2.25 11.16
N ILE H 55 -39.01 2.64 10.46
CA ILE H 55 -38.92 2.98 9.04
C ILE H 55 -39.53 4.36 8.79
N GLY H 56 -38.90 5.13 7.91
CA GLY H 56 -39.42 6.43 7.53
C GLY H 56 -39.51 6.61 6.03
N TYR H 57 -40.64 7.16 5.58
CA TYR H 57 -40.83 7.51 4.17
C TYR H 57 -41.09 9.00 4.06
N ALA H 58 -40.20 9.71 3.34
CA ALA H 58 -40.29 11.16 3.25
C ALA H 58 -39.98 11.66 1.86
N ASP H 59 -40.30 12.93 1.61
CA ASP H 59 -40.02 13.55 0.33
C ASP H 59 -38.53 13.80 0.15
N GLY H 60 -38.06 13.76 -1.09
CA GLY H 60 -36.66 13.99 -1.38
C GLY H 60 -36.42 15.35 -1.98
N PRO H 61 -35.19 15.88 -1.80
CA PRO H 61 -34.11 15.21 -1.08
C PRO H 61 -34.11 15.56 0.41
N GLN H 62 -33.30 14.82 1.17
CA GLN H 62 -33.09 15.10 2.58
C GLN H 62 -31.63 14.90 2.92
N GLU H 63 -31.06 15.81 3.71
CA GLU H 63 -29.65 15.70 4.08
C GLU H 63 -29.42 14.46 4.94
N ARG H 64 -28.55 13.57 4.46
CA ARG H 64 -28.31 12.29 5.10
C ARG H 64 -27.25 12.39 6.18
N GLN H 65 -27.69 12.47 7.44
CA GLN H 65 -26.79 12.49 8.58
C GLN H 65 -26.95 11.23 9.41
N GLY H 66 -26.21 10.19 9.04
CA GLY H 66 -26.32 8.91 9.72
C GLY H 66 -27.62 8.21 9.38
N PHE H 67 -28.10 8.41 8.16
CA PHE H 67 -29.33 7.77 7.71
C PHE H 67 -29.06 6.76 6.60
N LEU H 68 -29.64 5.57 6.72
CA LEU H 68 -29.61 4.60 5.64
C LEU H 68 -30.75 4.90 4.67
N ILE H 69 -30.39 5.28 3.45
CA ILE H 69 -31.38 5.80 2.50
C ILE H 69 -31.56 4.93 1.27
N GLU H 70 -32.83 4.64 0.96
CA GLU H 70 -33.20 4.05 -0.33
C GLU H 70 -34.02 5.07 -1.10
N THR H 71 -33.67 5.29 -2.37
CA THR H 71 -34.28 6.36 -3.14
C THR H 71 -35.04 5.88 -4.39
N ARG H 72 -35.93 6.73 -4.88
CA ARG H 72 -36.65 6.49 -6.13
C ARG H 72 -37.27 7.77 -6.66
N SER H 73 -37.09 8.02 -7.96
CA SER H 73 -37.58 9.23 -8.58
C SER H 73 -38.60 8.94 -9.67
N LEU H 74 -39.79 9.50 -9.54
CA LEU H 74 -40.84 9.32 -10.52
C LEU H 74 -41.21 10.67 -11.17
N PRO H 75 -41.44 10.66 -12.49
CA PRO H 75 -41.75 11.91 -13.20
C PRO H 75 -43.14 12.45 -12.85
N ALA H 76 -43.31 13.77 -12.98
CA ALA H 76 -44.58 14.40 -12.72
C ALA H 76 -45.66 13.91 -13.67
N VAL H 77 -46.90 13.95 -13.24
CA VAL H 77 -48.02 13.44 -14.03
C VAL H 77 -49.22 14.38 -13.93
N VAL H 78 -49.89 14.59 -15.06
CA VAL H 78 -51.07 15.45 -15.10
C VAL H 78 -52.36 14.67 -14.86
N ALA H 79 -53.10 15.09 -13.84
CA ALA H 79 -54.39 14.46 -13.52
C ALA H 79 -55.54 15.25 -14.11
N VAL H 80 -56.34 14.60 -14.94
CA VAL H 80 -57.48 15.23 -15.58
C VAL H 80 -58.75 14.45 -15.26
N PRO H 81 -59.91 15.14 -15.24
CA PRO H 81 -61.19 14.42 -15.06
C PRO H 81 -61.42 13.42 -16.19
N GLY H 83 -63.05 11.79 -19.26
CA GLY H 83 -63.84 12.36 -20.34
C GLY H 83 -63.31 13.70 -20.80
N HIS H 84 -62.27 14.19 -20.12
CA HIS H 84 -61.66 15.45 -20.48
C HIS H 84 -60.97 15.35 -21.84
N ARG H 85 -60.81 16.48 -22.51
CA ARG H 85 -60.20 16.51 -23.84
C ARG H 85 -58.72 16.15 -23.81
N LEU H 86 -58.08 16.38 -22.66
CA LEU H 86 -56.66 16.14 -22.51
C LEU H 86 -56.33 14.67 -22.30
N ALA H 87 -57.34 13.88 -21.95
CA ALA H 87 -57.15 12.48 -21.62
C ALA H 87 -56.70 11.64 -22.82
N GLY H 88 -56.96 12.15 -24.02
CA GLY H 88 -56.63 11.43 -25.23
C GLY H 88 -55.19 11.63 -25.69
N LEU H 89 -54.54 12.65 -25.14
CA LEU H 89 -53.17 12.98 -25.52
C LEU H 89 -52.16 12.02 -24.92
N ASP H 90 -51.13 11.68 -25.68
CA ASP H 90 -50.04 10.85 -25.17
C ASP H 90 -49.27 11.62 -24.11
N ARG H 91 -48.88 12.85 -24.45
CA ARG H 91 -48.23 13.74 -23.50
C ARG H 91 -49.01 15.04 -23.36
N VAL H 92 -49.02 15.60 -22.17
CA VAL H 92 -49.66 16.90 -21.92
C VAL H 92 -48.62 17.97 -21.70
N THR H 93 -48.61 18.97 -22.57
CA THR H 93 -47.67 20.09 -22.47
C THR H 93 -48.24 21.19 -21.58
N PRO H 94 -47.40 22.17 -21.22
CA PRO H 94 -47.94 23.38 -20.58
C PRO H 94 -48.97 24.08 -21.47
N GLN H 95 -48.61 24.28 -22.73
CA GLN H 95 -49.51 24.90 -23.72
C GLN H 95 -50.87 24.21 -23.78
N ASP H 96 -50.88 22.90 -23.55
CA ASP H 96 -52.11 22.13 -23.57
C ASP H 96 -53.05 22.53 -22.44
N LEU H 97 -52.49 23.12 -21.39
CA LEU H 97 -53.26 23.47 -20.19
C LEU H 97 -53.79 24.90 -20.23
N ALA H 98 -53.56 25.60 -21.33
CA ALA H 98 -54.05 26.97 -21.46
C ALA H 98 -55.58 27.01 -21.50
N GLY H 99 -56.16 27.87 -20.68
CA GLY H 99 -57.61 28.02 -20.63
C GLY H 99 -58.27 27.07 -19.64
N GLU H 100 -57.46 26.19 -19.06
CA GLU H 100 -57.94 25.24 -18.07
C GLU H 100 -57.78 25.80 -16.66
N ARG H 101 -58.61 25.34 -15.73
CA ARG H 101 -58.45 25.70 -14.33
C ARG H 101 -57.41 24.79 -13.68
N ILE H 102 -56.22 25.33 -13.47
CA ILE H 102 -55.14 24.54 -12.88
C ILE H 102 -55.08 24.74 -11.37
N ILE H 103 -55.36 23.68 -10.64
CA ILE H 103 -55.37 23.71 -9.18
C ILE H 103 -53.95 23.88 -8.64
N LYS H 104 -53.73 24.97 -7.92
CA LYS H 104 -52.41 25.25 -7.36
C LYS H 104 -52.21 24.50 -6.04
N GLN H 105 -51.08 23.81 -5.93
CA GLN H 105 -50.77 23.03 -4.74
C GLN H 105 -49.65 23.64 -3.93
N GLU H 106 -50.00 24.32 -2.85
CA GLU H 106 -49.01 24.86 -1.92
C GLU H 106 -48.71 23.85 -0.82
N THR H 107 -48.09 22.73 -1.20
CA THR H 107 -47.84 21.64 -0.26
C THR H 107 -46.46 21.75 0.40
N GLY H 108 -45.67 22.73 -0.03
CA GLY H 108 -44.39 23.00 0.60
C GLY H 108 -43.27 22.05 0.21
N THR H 109 -43.56 21.12 -0.68
CA THR H 109 -42.54 20.20 -1.17
C THR H 109 -41.73 20.85 -2.29
N LEU H 110 -40.50 20.39 -2.47
CA LEU H 110 -39.64 20.89 -3.53
C LEU H 110 -40.27 20.61 -4.89
N PHE H 111 -40.87 19.43 -5.02
CA PHE H 111 -41.53 19.02 -6.25
C PHE H 111 -42.65 19.98 -6.64
N ALA H 112 -43.49 20.33 -5.66
CA ALA H 112 -44.63 21.20 -5.90
C ALA H 112 -44.17 22.59 -6.34
N ARG H 114 -41.33 23.27 -7.92
CA ARG H 114 -40.80 23.12 -9.27
C ARG H 114 -41.93 23.04 -10.29
N VAL H 115 -43.06 22.47 -9.89
CA VAL H 115 -44.22 22.33 -10.76
C VAL H 115 -44.83 23.68 -11.11
N GLU H 116 -45.02 24.53 -10.09
CA GLU H 116 -45.64 25.82 -10.27
C GLU H 116 -44.83 26.76 -11.15
N VAL H 117 -43.51 26.55 -11.20
CA VAL H 117 -42.64 27.35 -12.03
C VAL H 117 -42.70 26.90 -13.48
N ALA H 118 -42.91 25.60 -13.68
CA ALA H 118 -42.98 25.03 -15.02
C ALA H 118 -44.19 25.54 -15.79
N ILE H 119 -45.24 25.95 -15.06
CA ILE H 119 -46.44 26.50 -15.67
C ILE H 119 -46.56 28.00 -15.41
N GLY H 120 -45.41 28.67 -15.33
CA GLY H 120 -45.36 30.08 -15.00
C GLY H 120 -45.95 31.02 -16.03
N GLY H 121 -45.63 30.80 -17.30
CA GLY H 121 -46.10 31.66 -18.37
C GLY H 121 -47.49 31.29 -18.89
N ILE H 122 -48.10 30.29 -18.27
CA ILE H 122 -49.40 29.81 -18.74
C ILE H 122 -50.54 30.76 -18.45
N GLN H 123 -51.38 30.99 -19.46
CA GLN H 123 -52.67 31.64 -19.27
C GLN H 123 -53.65 30.68 -18.60
N ARG H 124 -54.15 31.05 -17.41
CA ARG H 124 -55.14 30.21 -16.74
C ARG H 124 -56.16 31.02 -15.96
N ARG H 125 -57.32 30.39 -15.75
CA ARG H 125 -58.43 30.98 -15.01
C ARG H 125 -58.03 31.27 -13.56
N PRO H 126 -58.83 32.10 -12.85
CA PRO H 126 -58.62 32.28 -11.41
C PRO H 126 -58.56 30.95 -10.69
N SER H 127 -57.55 30.79 -9.83
CA SER H 127 -57.15 29.48 -9.32
C SER H 127 -57.94 28.98 -8.12
N ILE H 128 -57.93 27.65 -7.96
CA ILE H 128 -58.27 27.02 -6.70
C ILE H 128 -56.97 26.60 -6.04
N GLU H 129 -56.67 27.18 -4.88
CA GLU H 129 -55.41 26.92 -4.21
C GLU H 129 -55.61 26.01 -3.00
N VAL H 130 -54.90 24.89 -2.97
CA VAL H 130 -55.00 23.94 -1.87
C VAL H 130 -53.63 23.69 -1.25
N SER H 131 -53.63 23.10 -0.05
CA SER H 131 -52.39 22.82 0.65
C SER H 131 -52.15 21.31 0.77
N LEU H 132 -53.18 20.53 0.44
CA LEU H 132 -53.10 19.08 0.50
C LEU H 132 -53.22 18.48 -0.90
N SER H 133 -52.33 17.54 -1.20
CA SER H 133 -52.34 16.86 -2.50
C SER H 133 -53.63 16.08 -2.71
N HIS H 134 -54.20 15.59 -1.62
CA HIS H 134 -55.44 14.83 -1.66
C HIS H 134 -56.62 15.72 -2.07
N THR H 135 -56.58 16.97 -1.65
CA THR H 135 -57.65 17.92 -1.94
C THR H 135 -57.74 18.23 -3.43
N ALA H 136 -56.58 18.38 -4.07
CA ALA H 136 -56.51 18.66 -5.50
C ALA H 136 -57.07 17.49 -6.31
N LEU H 137 -56.68 16.28 -5.93
CA LEU H 137 -57.14 15.07 -6.60
C LEU H 137 -58.65 14.88 -6.48
N SER H 138 -59.19 15.25 -5.32
CA SER H 138 -60.62 15.20 -5.09
C SER H 138 -61.34 16.18 -6.02
N LEU H 139 -60.73 17.34 -6.23
CA LEU H 139 -61.31 18.37 -7.10
C LEU H 139 -61.26 17.96 -8.56
N VAL H 140 -60.22 17.20 -8.91
CA VAL H 140 -60.09 16.67 -10.27
C VAL H 140 -61.17 15.61 -10.53
N ARG H 141 -61.37 14.73 -9.55
CA ARG H 141 -62.39 13.69 -9.63
C ARG H 141 -63.78 14.28 -9.84
N GLU H 142 -64.02 15.44 -9.25
CA GLU H 142 -65.31 16.10 -9.34
C GLU H 142 -65.41 17.00 -10.58
N GLY H 143 -64.35 17.00 -11.38
CA GLY H 143 -64.35 17.74 -12.63
C GLY H 143 -64.18 19.23 -12.46
N ALA H 144 -63.58 19.64 -11.35
CA ALA H 144 -63.41 21.06 -11.04
C ALA H 144 -62.18 21.65 -11.71
N GLY H 145 -61.21 20.80 -12.05
CA GLY H 145 -60.02 21.28 -12.72
C GLY H 145 -58.92 20.26 -12.99
N ILE H 146 -57.73 20.77 -13.25
CA ILE H 146 -56.57 19.95 -13.60
C ILE H 146 -55.49 20.09 -12.53
N ALA H 147 -54.73 19.01 -12.29
CA ALA H 147 -53.65 19.04 -11.31
C ALA H 147 -52.39 18.37 -11.84
N ILE H 148 -51.23 18.88 -11.44
CA ILE H 148 -49.95 18.26 -11.74
C ILE H 148 -49.34 17.72 -10.44
N ILE H 149 -49.19 16.40 -10.37
CA ILE H 149 -48.87 15.74 -9.12
C ILE H 149 -47.79 14.68 -9.25
N ASP H 150 -47.40 14.10 -8.11
CA ASP H 150 -46.52 12.95 -8.08
C ASP H 150 -47.34 11.68 -8.24
N PRO H 151 -46.78 10.65 -8.90
CA PRO H 151 -47.47 9.39 -9.17
C PRO H 151 -47.92 8.66 -7.91
N ALA H 152 -47.18 8.81 -6.82
CA ALA H 152 -47.50 8.14 -5.56
C ALA H 152 -48.88 8.54 -5.03
N ALA H 153 -49.17 9.83 -5.07
CA ALA H 153 -50.44 10.33 -4.57
C ALA H 153 -51.58 10.00 -5.53
N ALA H 154 -51.24 9.97 -6.83
CA ALA H 154 -52.23 9.83 -7.88
C ALA H 154 -52.74 8.40 -8.07
N ILE H 155 -51.91 7.42 -7.74
CA ILE H 155 -52.22 6.02 -8.02
C ILE H 155 -53.47 5.54 -7.28
N GLU H 156 -53.83 6.24 -6.21
CA GLU H 156 -55.02 5.92 -5.44
C GLU H 156 -56.29 6.35 -6.19
N PHE H 157 -56.10 7.18 -7.21
CA PHE H 157 -57.23 7.80 -7.90
C PHE H 157 -57.41 7.34 -9.34
N THR H 158 -56.60 6.41 -9.80
CA THR H 158 -56.62 5.99 -11.21
C THR H 158 -57.96 5.40 -11.65
N ASP H 159 -58.79 5.00 -10.68
CA ASP H 159 -60.08 4.40 -10.99
C ASP H 159 -61.17 5.46 -11.12
N ARG H 160 -60.80 6.74 -11.03
CA ARG H 160 -61.77 7.82 -11.06
C ARG H 160 -61.27 9.00 -11.89
N ILE H 161 -59.98 9.04 -12.15
CA ILE H 161 -59.39 10.09 -12.97
C ILE H 161 -58.47 9.53 -14.04
N VAL H 162 -57.97 10.39 -14.91
CA VAL H 162 -57.03 9.98 -15.95
C VAL H 162 -55.66 10.61 -15.72
N LEU H 163 -54.63 9.76 -15.67
CA LEU H 163 -53.26 10.24 -15.54
C LEU H 163 -52.56 10.22 -16.89
N ARG H 164 -51.85 11.31 -17.19
CA ARG H 164 -51.09 11.40 -18.43
C ARG H 164 -49.72 12.02 -18.14
N PRO H 165 -48.68 11.54 -18.83
CA PRO H 165 -47.31 12.05 -18.64
C PRO H 165 -47.21 13.55 -18.90
N PHE H 166 -46.43 14.24 -18.07
CA PHE H 166 -46.15 15.66 -18.28
C PHE H 166 -45.02 15.80 -19.28
N SER H 167 -45.18 16.71 -20.24
CA SER H 167 -44.18 16.89 -21.29
C SER H 167 -42.88 17.44 -20.72
N ILE H 168 -42.99 18.19 -19.64
CA ILE H 168 -41.83 18.73 -18.94
C ILE H 168 -41.38 17.76 -17.86
N PHE H 169 -40.09 17.44 -17.86
CA PHE H 169 -39.56 16.47 -16.89
C PHE H 169 -39.27 17.10 -15.54
N ILE H 170 -40.11 16.77 -14.55
CA ILE H 170 -39.88 17.17 -13.17
C ILE H 170 -39.90 15.94 -12.27
N ASP H 171 -38.80 15.72 -11.55
CA ASP H 171 -38.65 14.51 -10.76
C ASP H 171 -39.16 14.64 -9.33
N ALA H 172 -40.11 13.78 -8.98
CA ALA H 172 -40.57 13.67 -7.60
C ALA H 172 -39.81 12.56 -6.91
N GLU H 173 -39.17 12.89 -5.79
CA GLU H 173 -38.29 11.94 -5.13
C GLU H 173 -38.81 11.54 -3.74
N PHE H 174 -38.87 10.23 -3.52
N PHE H 174 -38.96 10.25 -3.49
CA PHE H 174 -39.27 9.64 -2.25
CA PHE H 174 -39.22 9.83 -2.12
C PHE H 174 -38.09 8.84 -1.70
C PHE H 174 -38.24 8.77 -1.67
N LEU H 175 -37.90 8.83 -0.38
CA LEU H 175 -36.85 8.01 0.21
C LEU H 175 -37.35 7.13 1.36
N GLU H 176 -36.94 5.86 1.34
CA GLU H 176 -37.10 5.00 2.49
C GLU H 176 -35.93 5.25 3.44
N VAL H 177 -36.24 5.64 4.67
CA VAL H 177 -35.20 6.06 5.60
C VAL H 177 -35.10 5.17 6.83
N ARG H 178 -33.88 4.78 7.17
CA ARG H 178 -33.60 3.99 8.36
C ARG H 178 -32.37 4.52 9.09
N SER H 179 -32.33 4.33 10.40
CA SER H 179 -31.20 4.78 11.21
C SER H 179 -29.97 3.91 10.99
N ALA H 180 -28.81 4.54 10.86
CA ALA H 180 -27.57 3.82 10.60
C ALA H 180 -27.04 3.15 11.86
N ILE H 181 -27.59 3.53 13.01
CA ILE H 181 -27.20 2.94 14.28
C ILE H 181 -28.35 2.16 14.91
N GLY H 182 -29.35 1.82 14.09
CA GLY H 182 -30.49 1.07 14.56
C GLY H 182 -30.19 -0.42 14.65
N ALA H 183 -31.04 -1.16 15.36
CA ALA H 183 -30.86 -2.59 15.51
C ALA H 183 -31.30 -3.34 14.25
N PRO H 184 -30.61 -4.44 13.92
CA PRO H 184 -31.01 -5.28 12.79
C PRO H 184 -32.37 -5.92 13.02
N SER H 185 -33.28 -5.74 12.08
CA SER H 185 -34.64 -6.27 12.24
C SER H 185 -35.09 -7.03 10.99
N THR H 186 -35.39 -8.31 11.18
CA THR H 186 -35.87 -9.17 10.10
C THR H 186 -37.16 -8.65 9.51
N ILE H 187 -38.07 -8.19 10.37
CA ILE H 187 -39.37 -7.72 9.94
C ILE H 187 -39.27 -6.42 9.15
N VAL H 188 -38.26 -5.62 9.46
CA VAL H 188 -38.04 -4.35 8.77
C VAL H 188 -37.37 -4.59 7.42
N ASP H 189 -36.43 -5.53 7.39
CA ASP H 189 -35.79 -5.93 6.15
C ASP H 189 -36.82 -6.45 5.15
N ARG H 190 -37.74 -7.26 5.65
CA ARG H 190 -38.76 -7.88 4.81
C ARG H 190 -39.74 -6.85 4.27
N PHE H 191 -40.21 -5.97 5.15
CA PHE H 191 -41.18 -4.96 4.76
C PHE H 191 -40.61 -4.00 3.71
N THR H 192 -39.41 -3.49 3.97
CA THR H 192 -38.78 -2.53 3.09
C THR H 192 -38.49 -3.13 1.71
N THR H 193 -38.01 -4.37 1.69
CA THR H 193 -37.70 -5.06 0.45
C THR H 193 -38.95 -5.33 -0.36
N GLU H 194 -40.00 -5.80 0.31
CA GLU H 194 -41.24 -6.18 -0.36
C GLU H 194 -42.06 -4.98 -0.80
N PHE H 195 -41.98 -3.88 -0.06
CA PHE H 195 -42.74 -2.69 -0.42
C PHE H 195 -42.24 -2.08 -1.73
N TRP H 196 -40.93 -2.02 -1.89
CA TRP H 196 -40.35 -1.46 -3.11
C TRP H 196 -40.71 -2.33 -4.31
N ARG H 197 -40.72 -3.64 -4.12
CA ARG H 197 -41.15 -4.57 -5.15
C ARG H 197 -42.63 -4.35 -5.48
N PHE H 198 -43.42 -4.10 -4.45
CA PHE H 198 -44.83 -3.77 -4.61
C PHE H 198 -44.98 -2.42 -5.31
N HIS H 199 -44.17 -1.46 -4.90
CA HIS H 199 -44.20 -0.12 -5.47
C HIS H 199 -43.81 -0.11 -6.94
N ASP H 200 -42.63 -0.65 -7.23
CA ASP H 200 -42.09 -0.64 -8.59
C ASP H 200 -43.00 -1.38 -9.56
N ASP H 201 -43.56 -2.50 -9.12
CA ASP H 201 -44.49 -3.27 -9.94
C ASP H 201 -45.68 -2.39 -10.30
N LEU H 202 -46.35 -1.84 -9.29
CA LEU H 202 -47.54 -1.03 -9.49
C LEU H 202 -47.28 0.19 -10.37
N LYS H 204 -44.76 0.50 -12.62
CA LYS H 204 -44.41 0.02 -13.96
C LYS H 204 -45.65 -0.46 -14.72
N GLN H 205 -46.53 -1.17 -14.03
CA GLN H 205 -47.76 -1.68 -14.63
C GLN H 205 -48.66 -0.52 -15.08
N ASN H 206 -48.68 0.56 -14.30
CA ASN H 206 -49.50 1.72 -14.61
C ASN H 206 -48.76 2.71 -15.50
N GLY H 207 -47.54 2.37 -15.91
CA GLY H 207 -46.78 3.21 -16.81
C GLY H 207 -46.40 4.56 -16.23
N LEU H 208 -45.84 4.54 -15.02
CA LEU H 208 -45.37 5.76 -14.36
C LEU H 208 -43.89 5.62 -14.04
N GLU H 210 -40.15 3.39 -15.56
CA GLU H 210 -39.54 2.55 -16.58
C GLU H 210 -38.96 1.28 -15.97
#